data_2MK2
#
_entry.id   2MK2
#
_entity_poly.entity_id   1
_entity_poly.type   'polypeptide(L)'
_entity_poly.pdbx_seq_one_letter_code
;MGHHHHHHSHMSWYHRDLSRAAAEELLARAGRDGSFLVRDSESVAGAFALCVLYQKHVHTYRILPDGEDFLAVQTSQGVP
VRRFQTLGELIGLYAQPNQGLVCALLLPV
;
_entity_poly.pdbx_strand_id   A
#
# COMPACT_ATOMS: atom_id res chain seq x y z
N MET A 1 10.23 9.42 -37.89
CA MET A 1 8.95 9.40 -38.62
C MET A 1 7.85 8.76 -37.74
N GLY A 2 6.98 9.60 -37.17
CA GLY A 2 5.88 9.15 -36.31
C GLY A 2 5.92 9.79 -34.93
N HIS A 3 4.73 10.07 -34.37
CA HIS A 3 4.57 10.64 -33.03
C HIS A 3 3.44 9.88 -32.31
N HIS A 4 3.81 8.90 -31.47
CA HIS A 4 2.84 8.06 -30.72
C HIS A 4 3.29 7.90 -29.26
N HIS A 5 2.68 8.69 -28.38
CA HIS A 5 2.89 8.65 -26.93
C HIS A 5 1.62 9.22 -26.27
N HIS A 6 0.70 8.33 -25.87
CA HIS A 6 -0.58 8.71 -25.26
C HIS A 6 -0.40 9.21 -23.81
N HIS A 7 -1.47 9.86 -23.31
CA HIS A 7 -1.58 10.33 -21.93
C HIS A 7 -2.05 9.18 -21.03
N HIS A 8 -2.40 9.51 -19.77
CA HIS A 8 -2.76 8.53 -18.73
C HIS A 8 -1.55 7.63 -18.40
N SER A 9 -0.34 8.23 -18.51
CA SER A 9 0.93 7.53 -18.25
C SER A 9 1.22 7.51 -16.74
N HIS A 10 0.38 6.75 -16.02
CA HIS A 10 0.45 6.59 -14.56
C HIS A 10 0.17 5.12 -14.24
N MET A 11 0.92 4.54 -13.29
CA MET A 11 0.65 3.19 -12.79
C MET A 11 -0.63 3.21 -11.93
N SER A 12 -0.66 4.21 -11.00
CA SER A 12 -1.64 4.31 -9.90
C SER A 12 -1.50 3.09 -8.97
N TRP A 13 -0.97 3.28 -7.75
CA TRP A 13 -0.73 2.17 -6.80
C TRP A 13 -2.01 1.88 -5.98
N TYR A 14 -3.09 2.65 -6.21
CA TYR A 14 -4.32 2.57 -5.40
C TYR A 14 -5.40 1.89 -6.23
N HIS A 15 -5.80 0.70 -5.80
CA HIS A 15 -6.78 -0.14 -6.47
C HIS A 15 -7.71 -0.76 -5.42
N ARG A 16 -8.97 -0.31 -5.41
CA ARG A 16 -10.02 -0.81 -4.51
C ARG A 16 -10.73 -2.05 -5.14
N ASP A 17 -9.99 -2.76 -6.01
CA ASP A 17 -10.58 -3.72 -6.98
C ASP A 17 -9.53 -4.72 -7.48
N LEU A 18 -8.47 -4.97 -6.67
CA LEU A 18 -7.38 -5.89 -7.07
C LEU A 18 -7.41 -7.21 -6.25
N SER A 19 -7.52 -7.08 -4.90
CA SER A 19 -7.55 -8.22 -3.93
C SER A 19 -6.12 -8.74 -3.68
N ARG A 20 -5.86 -9.35 -2.49
CA ARG A 20 -4.48 -9.65 -2.05
C ARG A 20 -3.81 -10.66 -2.96
N ALA A 21 -4.57 -11.66 -3.43
CA ALA A 21 -4.07 -12.71 -4.33
C ALA A 21 -3.36 -12.09 -5.54
N ALA A 22 -4.05 -11.21 -6.25
CA ALA A 22 -3.52 -10.54 -7.45
C ALA A 22 -2.58 -9.35 -7.10
N ALA A 23 -2.72 -8.76 -5.88
CA ALA A 23 -1.90 -7.61 -5.43
C ALA A 23 -0.47 -8.04 -5.06
N GLU A 24 -0.39 -8.98 -4.12
CA GLU A 24 0.84 -9.66 -3.69
C GLU A 24 1.53 -10.36 -4.88
N GLU A 25 0.72 -10.92 -5.79
CA GLU A 25 1.22 -11.60 -7.00
C GLU A 25 1.78 -10.57 -7.99
N LEU A 26 1.10 -9.40 -8.10
CA LEU A 26 1.59 -8.24 -8.91
C LEU A 26 3.01 -7.85 -8.48
N LEU A 27 3.24 -7.81 -7.16
CA LEU A 27 4.54 -7.40 -6.60
C LEU A 27 5.59 -8.50 -6.83
N ALA A 28 5.19 -9.76 -6.63
CA ALA A 28 6.08 -10.93 -6.69
C ALA A 28 6.55 -11.25 -8.13
N ARG A 29 5.64 -11.07 -9.10
CA ARG A 29 5.91 -11.36 -10.53
C ARG A 29 6.65 -10.19 -11.20
N ALA A 30 6.11 -8.97 -11.04
CA ALA A 30 6.70 -7.77 -11.64
C ALA A 30 8.07 -7.45 -11.01
N GLY A 31 8.10 -7.51 -9.67
CA GLY A 31 9.32 -7.48 -8.84
C GLY A 31 10.34 -6.35 -9.05
N ARG A 32 10.66 -5.65 -7.95
CA ARG A 32 11.80 -4.72 -7.81
C ARG A 32 11.70 -4.13 -6.40
N ASP A 33 12.54 -4.62 -5.47
CA ASP A 33 12.25 -4.61 -4.00
C ASP A 33 12.09 -3.19 -3.43
N GLY A 34 11.25 -3.08 -2.39
CA GLY A 34 10.67 -1.82 -1.96
C GLY A 34 9.35 -1.57 -2.70
N SER A 35 8.80 -2.68 -3.27
CA SER A 35 7.56 -2.66 -4.06
C SER A 35 6.38 -2.43 -3.12
N PHE A 36 5.50 -1.49 -3.45
CA PHE A 36 4.30 -1.24 -2.63
C PHE A 36 3.09 -0.92 -3.51
N LEU A 37 1.90 -1.19 -2.96
CA LEU A 37 0.63 -0.71 -3.52
C LEU A 37 -0.45 -0.73 -2.41
N VAL A 38 -1.45 0.14 -2.55
CA VAL A 38 -2.54 0.28 -1.59
C VAL A 38 -3.78 -0.36 -2.22
N ARG A 39 -4.29 -1.42 -1.58
CA ARG A 39 -5.45 -2.18 -2.08
C ARG A 39 -6.64 -2.02 -1.13
N ASP A 40 -7.77 -2.48 -1.65
CA ASP A 40 -9.00 -2.73 -0.88
C ASP A 40 -8.73 -3.67 0.30
N SER A 41 -9.13 -3.30 1.52
CA SER A 41 -9.23 -4.30 2.61
C SER A 41 -10.48 -5.16 2.36
N GLU A 42 -10.39 -6.45 2.68
CA GLU A 42 -11.49 -7.39 2.47
C GLU A 42 -12.49 -7.17 3.63
N SER A 43 -13.36 -6.16 3.43
CA SER A 43 -14.37 -5.68 4.40
C SER A 43 -13.71 -5.01 5.64
N VAL A 44 -13.16 -5.87 6.52
CA VAL A 44 -12.71 -5.56 7.89
C VAL A 44 -13.63 -4.57 8.66
N ALA A 45 -13.45 -3.25 8.47
CA ALA A 45 -14.20 -2.21 9.19
C ALA A 45 -14.19 -0.91 8.37
N GLY A 46 -14.12 -1.06 7.03
CA GLY A 46 -14.00 0.08 6.11
C GLY A 46 -12.60 0.67 6.07
N ALA A 47 -11.60 -0.20 5.91
CA ALA A 47 -10.17 0.19 5.93
C ALA A 47 -9.49 0.08 4.55
N PHE A 48 -8.22 0.50 4.52
CA PHE A 48 -7.31 0.39 3.37
C PHE A 48 -6.17 -0.58 3.77
N ALA A 49 -5.52 -1.18 2.77
CA ALA A 49 -4.39 -2.12 2.99
C ALA A 49 -3.19 -1.71 2.13
N LEU A 50 -1.96 -1.94 2.64
CA LEU A 50 -0.69 -1.62 1.94
C LEU A 50 0.16 -2.89 1.88
N CYS A 51 0.37 -3.42 0.68
CA CYS A 51 1.14 -4.65 0.46
C CYS A 51 2.53 -4.24 -0.01
N VAL A 52 3.59 -4.69 0.72
CA VAL A 52 5.00 -4.30 0.47
C VAL A 52 5.89 -5.56 0.35
N LEU A 53 6.64 -5.66 -0.76
CA LEU A 53 7.59 -6.76 -1.01
C LEU A 53 9.04 -6.31 -0.73
N TYR A 54 9.81 -7.22 -0.13
CA TYR A 54 11.25 -7.08 0.11
C TYR A 54 11.87 -8.48 0.25
N GLN A 55 12.75 -8.83 -0.70
CA GLN A 55 13.53 -10.10 -0.74
C GLN A 55 12.72 -11.35 -0.33
N LYS A 56 11.79 -11.77 -1.22
CA LYS A 56 10.94 -12.99 -1.04
C LYS A 56 10.09 -12.91 0.27
N HIS A 57 9.77 -11.67 0.69
CA HIS A 57 8.96 -11.41 1.90
C HIS A 57 7.96 -10.29 1.61
N VAL A 58 6.69 -10.66 1.47
CA VAL A 58 5.57 -9.71 1.30
C VAL A 58 4.88 -9.54 2.66
N HIS A 59 4.97 -8.35 3.27
CA HIS A 59 4.17 -8.00 4.46
C HIS A 59 3.01 -7.12 3.99
N THR A 60 1.79 -7.45 4.43
CA THR A 60 0.58 -6.69 4.08
C THR A 60 0.05 -6.00 5.34
N TYR A 61 -0.18 -4.70 5.25
CA TYR A 61 -0.55 -3.82 6.38
C TYR A 61 -2.03 -3.44 6.22
N ARG A 62 -2.71 -3.11 7.32
CA ARG A 62 -4.02 -2.44 7.30
C ARG A 62 -3.85 -0.97 7.70
N ILE A 63 -4.84 -0.13 7.34
CA ILE A 63 -4.73 1.34 7.37
C ILE A 63 -6.14 1.78 7.74
N LEU A 64 -6.41 2.13 9.00
CA LEU A 64 -7.78 2.31 9.49
C LEU A 64 -8.00 3.78 9.85
N PRO A 65 -9.15 4.39 9.41
CA PRO A 65 -9.67 5.63 10.03
C PRO A 65 -9.77 5.45 11.57
N ASP A 66 -10.72 4.59 12.03
CA ASP A 66 -10.81 3.98 13.40
C ASP A 66 -12.20 4.29 13.96
N GLY A 67 -12.44 5.59 14.20
CA GLY A 67 -13.74 6.06 14.67
C GLY A 67 -13.87 7.59 14.66
N GLU A 68 -13.09 8.27 13.80
CA GLU A 68 -13.16 9.73 13.62
C GLU A 68 -13.13 10.03 12.11
N ASP A 69 -11.91 10.09 11.52
CA ASP A 69 -11.70 10.47 10.10
C ASP A 69 -10.20 10.44 9.69
N PHE A 70 -9.31 10.00 10.61
CA PHE A 70 -7.84 10.12 10.45
C PHE A 70 -7.24 8.73 10.13
N LEU A 71 -6.34 8.62 9.14
CA LEU A 71 -5.89 7.30 8.63
C LEU A 71 -4.57 6.92 9.32
N ALA A 72 -4.65 5.96 10.24
CA ALA A 72 -3.50 5.48 11.03
C ALA A 72 -3.00 4.14 10.49
N VAL A 73 -1.68 3.97 10.46
CA VAL A 73 -1.00 2.72 10.06
C VAL A 73 -0.25 2.17 11.28
N GLN A 74 -0.55 0.92 11.64
CA GLN A 74 0.04 0.27 12.81
C GLN A 74 1.28 -0.52 12.34
N THR A 75 2.46 0.10 12.50
CA THR A 75 3.75 -0.54 12.19
C THR A 75 4.21 -1.30 13.43
N SER A 76 4.16 -0.59 14.57
CA SER A 76 4.28 -1.15 15.93
C SER A 76 3.62 -0.15 16.91
N GLN A 77 3.58 -0.52 18.21
CA GLN A 77 2.88 0.26 19.26
C GLN A 77 3.82 1.36 19.81
N GLY A 78 4.99 0.92 20.34
CA GLY A 78 6.03 1.83 20.84
C GLY A 78 6.53 2.83 19.81
N VAL A 79 6.52 2.42 18.53
CA VAL A 79 6.76 3.32 17.39
C VAL A 79 5.68 4.42 17.38
N PRO A 80 6.07 5.74 17.43
CA PRO A 80 5.11 6.86 17.30
C PRO A 80 4.33 6.76 15.97
N VAL A 81 3.03 6.47 16.07
CA VAL A 81 2.13 6.27 14.92
C VAL A 81 1.71 7.64 14.38
N ARG A 82 1.58 7.74 13.05
CA ARG A 82 1.11 8.97 12.37
C ARG A 82 -0.23 8.69 11.70
N ARG A 83 -1.19 9.60 11.95
CA ARG A 83 -2.48 9.63 11.28
C ARG A 83 -2.38 10.63 10.10
N PHE A 84 -2.89 10.22 8.94
CA PHE A 84 -2.79 10.96 7.67
C PHE A 84 -4.16 11.43 7.22
N GLN A 85 -4.22 12.58 6.54
CA GLN A 85 -5.47 13.10 5.94
C GLN A 85 -5.62 12.60 4.49
N THR A 86 -4.50 12.11 3.90
CA THR A 86 -4.44 11.57 2.53
C THR A 86 -3.50 10.35 2.47
N LEU A 87 -3.78 9.41 1.54
CA LEU A 87 -2.90 8.26 1.25
C LEU A 87 -1.52 8.71 0.72
N GLY A 88 -1.47 9.91 0.11
CA GLY A 88 -0.21 10.53 -0.35
C GLY A 88 0.80 10.78 0.77
N GLU A 89 0.31 11.26 1.92
CA GLU A 89 1.13 11.51 3.14
C GLU A 89 1.71 10.19 3.67
N LEU A 90 0.89 9.13 3.59
CA LEU A 90 1.23 7.76 4.03
C LEU A 90 2.47 7.26 3.25
N ILE A 91 2.32 7.27 1.92
CA ILE A 91 3.36 6.83 0.97
C ILE A 91 4.66 7.66 1.10
N GLY A 92 4.50 8.96 1.34
CA GLY A 92 5.64 9.88 1.42
C GLY A 92 6.46 9.69 2.69
N LEU A 93 5.76 9.54 3.83
CA LEU A 93 6.40 9.34 5.14
C LEU A 93 7.10 7.98 5.22
N TYR A 94 6.36 6.91 4.86
CA TYR A 94 6.87 5.53 4.95
C TYR A 94 7.87 5.18 3.84
N ALA A 95 8.03 6.09 2.85
CA ALA A 95 9.19 6.07 1.92
C ALA A 95 10.52 6.22 2.69
N GLN A 96 10.42 6.83 3.87
CA GLN A 96 11.53 6.97 4.82
C GLN A 96 11.48 5.80 5.84
N PRO A 97 12.65 5.22 6.22
CA PRO A 97 12.75 4.32 7.40
C PRO A 97 12.10 4.93 8.66
N ASN A 98 11.21 4.14 9.27
CA ASN A 98 10.38 4.58 10.42
C ASN A 98 10.79 3.85 11.71
N GLN A 99 10.97 2.51 11.57
CA GLN A 99 11.01 1.49 12.66
C GLN A 99 9.73 0.63 12.51
N GLY A 100 9.85 -0.49 11.79
CA GLY A 100 8.73 -1.40 11.54
C GLY A 100 8.63 -1.86 10.10
N LEU A 101 8.91 -0.94 9.15
CA LEU A 101 8.87 -1.23 7.70
C LEU A 101 10.02 -2.18 7.30
N VAL A 102 9.67 -3.17 6.47
CA VAL A 102 10.60 -4.22 5.99
C VAL A 102 11.80 -3.63 5.20
N CYS A 103 11.58 -2.46 4.55
CA CYS A 103 12.61 -1.80 3.71
C CYS A 103 12.28 -0.33 3.43
N ALA A 104 11.12 0.16 3.92
CA ALA A 104 10.53 1.47 3.52
C ALA A 104 9.98 1.41 2.06
N LEU A 105 9.18 2.42 1.67
CA LEU A 105 8.47 2.46 0.39
C LEU A 105 9.36 3.11 -0.68
N LEU A 106 10.03 2.27 -1.47
CA LEU A 106 11.01 2.72 -2.47
C LEU A 106 10.30 3.16 -3.77
N LEU A 107 9.44 2.26 -4.29
CA LEU A 107 8.78 2.42 -5.61
C LEU A 107 7.62 1.41 -5.71
N PRO A 108 6.48 1.75 -6.41
CA PRO A 108 5.31 0.83 -6.53
C PRO A 108 5.71 -0.54 -7.14
N VAL A 109 6.34 -0.46 -8.32
CA VAL A 109 7.00 -1.58 -9.02
C VAL A 109 8.03 -0.97 -10.00
N MET A 1 -3.27 30.48 -25.78
CA MET A 1 -3.74 29.17 -26.29
C MET A 1 -2.76 28.07 -25.84
N GLY A 2 -3.30 26.93 -25.37
CA GLY A 2 -2.47 25.84 -24.88
C GLY A 2 -3.26 24.90 -24.00
N HIS A 3 -4.09 25.48 -23.09
CA HIS A 3 -4.92 24.72 -22.11
C HIS A 3 -4.02 23.93 -21.12
N HIS A 4 -4.60 22.94 -20.39
CA HIS A 4 -3.82 22.08 -19.48
C HIS A 4 -4.34 20.63 -19.54
N HIS A 5 -3.50 19.72 -20.07
CA HIS A 5 -3.72 18.26 -20.00
C HIS A 5 -3.23 17.72 -18.65
N HIS A 6 -3.24 16.36 -18.52
CA HIS A 6 -2.82 15.65 -17.31
C HIS A 6 -3.84 15.86 -16.18
N HIS A 7 -4.83 14.95 -16.13
CA HIS A 7 -5.86 14.90 -15.08
C HIS A 7 -5.21 14.55 -13.73
N HIS A 8 -4.42 13.48 -13.76
CA HIS A 8 -3.64 12.95 -12.64
C HIS A 8 -2.76 11.82 -13.21
N SER A 9 -3.38 10.65 -13.41
CA SER A 9 -2.79 9.46 -14.06
C SER A 9 -3.81 8.32 -13.98
N HIS A 10 -4.11 7.67 -15.12
CA HIS A 10 -4.99 6.48 -15.13
C HIS A 10 -4.12 5.20 -15.01
N MET A 11 -3.38 5.15 -13.88
CA MET A 11 -2.41 4.09 -13.57
C MET A 11 -2.02 4.17 -12.08
N SER A 12 -3.05 4.18 -11.21
CA SER A 12 -2.88 4.31 -9.74
C SER A 12 -2.11 3.14 -9.13
N TRP A 13 -1.42 3.41 -8.00
CA TRP A 13 -0.81 2.36 -7.15
C TRP A 13 -1.81 1.89 -6.07
N TYR A 14 -3.08 2.26 -6.23
CA TYR A 14 -4.18 1.91 -5.33
C TYR A 14 -5.14 1.04 -6.11
N HIS A 15 -5.34 -0.22 -5.67
CA HIS A 15 -6.13 -1.21 -6.40
C HIS A 15 -7.14 -1.89 -5.45
N ARG A 16 -8.32 -1.27 -5.30
CA ARG A 16 -9.47 -1.91 -4.63
C ARG A 16 -10.04 -2.99 -5.56
N ASP A 17 -10.81 -3.96 -5.02
CA ASP A 17 -11.37 -5.11 -5.79
C ASP A 17 -10.23 -5.99 -6.36
N LEU A 18 -9.08 -5.95 -5.67
CA LEU A 18 -7.87 -6.75 -5.96
C LEU A 18 -7.42 -7.37 -4.63
N SER A 19 -7.29 -8.72 -4.58
CA SER A 19 -7.03 -9.45 -3.32
C SER A 19 -5.55 -9.31 -2.93
N ARG A 20 -5.20 -9.57 -1.63
CA ARG A 20 -3.80 -9.49 -1.16
C ARG A 20 -2.94 -10.57 -1.83
N ALA A 21 -3.55 -11.75 -2.08
CA ALA A 21 -2.94 -12.85 -2.84
C ALA A 21 -2.52 -12.37 -4.25
N ALA A 22 -3.45 -11.67 -4.92
CA ALA A 22 -3.22 -11.07 -6.24
C ALA A 22 -2.19 -9.92 -6.17
N ALA A 23 -2.19 -9.20 -5.04
CA ALA A 23 -1.30 -8.04 -4.81
C ALA A 23 0.17 -8.48 -4.75
N GLU A 24 0.51 -9.33 -3.76
CA GLU A 24 1.88 -9.82 -3.53
C GLU A 24 2.40 -10.66 -4.72
N GLU A 25 1.47 -11.30 -5.44
CA GLU A 25 1.80 -12.06 -6.65
C GLU A 25 2.24 -11.10 -7.76
N LEU A 26 1.41 -10.06 -7.98
CA LEU A 26 1.65 -8.99 -8.97
C LEU A 26 2.99 -8.30 -8.66
N LEU A 27 3.25 -8.07 -7.36
CA LEU A 27 4.50 -7.46 -6.87
C LEU A 27 5.69 -8.39 -7.18
N ALA A 28 5.55 -9.70 -6.85
CA ALA A 28 6.62 -10.72 -6.97
C ALA A 28 7.06 -10.93 -8.43
N ARG A 29 6.11 -10.77 -9.35
CA ARG A 29 6.36 -10.92 -10.78
C ARG A 29 6.97 -9.62 -11.36
N ALA A 30 6.49 -8.46 -10.87
CA ALA A 30 6.79 -7.15 -11.47
C ALA A 30 8.07 -6.50 -10.92
N GLY A 31 8.09 -6.18 -9.61
CA GLY A 31 9.19 -5.43 -9.00
C GLY A 31 10.05 -6.31 -8.08
N ARG A 32 9.36 -7.17 -7.29
CA ARG A 32 9.98 -8.25 -6.46
C ARG A 32 11.03 -7.73 -5.42
N ASP A 33 11.00 -6.41 -5.11
CA ASP A 33 12.10 -5.73 -4.39
C ASP A 33 11.70 -4.27 -4.11
N GLY A 34 11.21 -3.99 -2.88
CA GLY A 34 10.83 -2.62 -2.46
C GLY A 34 9.53 -2.18 -3.15
N SER A 35 8.76 -3.17 -3.62
CA SER A 35 7.55 -2.98 -4.44
C SER A 35 6.32 -2.85 -3.55
N PHE A 36 5.62 -1.73 -3.62
CA PHE A 36 4.49 -1.44 -2.72
C PHE A 36 3.23 -1.08 -3.51
N LEU A 37 2.08 -1.23 -2.86
CA LEU A 37 0.81 -0.71 -3.34
C LEU A 37 -0.14 -0.48 -2.16
N VAL A 38 -1.20 0.26 -2.41
CA VAL A 38 -2.31 0.44 -1.49
C VAL A 38 -3.51 -0.25 -2.15
N ARG A 39 -4.46 -0.69 -1.34
CA ARG A 39 -5.63 -1.44 -1.82
C ARG A 39 -6.76 -1.30 -0.79
N ASP A 40 -7.88 -1.96 -1.06
CA ASP A 40 -8.99 -2.06 -0.09
C ASP A 40 -8.78 -3.33 0.75
N SER A 41 -8.75 -3.16 2.08
CA SER A 41 -8.69 -4.28 3.03
C SER A 41 -9.88 -5.26 2.82
N GLU A 42 -9.63 -6.54 3.07
CA GLU A 42 -10.51 -7.63 2.62
C GLU A 42 -11.76 -7.77 3.50
N SER A 43 -12.81 -7.02 3.11
CA SER A 43 -14.17 -7.05 3.68
C SER A 43 -14.18 -6.55 5.14
N VAL A 44 -13.21 -5.65 5.47
CA VAL A 44 -13.05 -5.10 6.83
C VAL A 44 -14.19 -4.12 7.15
N ALA A 45 -14.19 -2.91 6.52
CA ALA A 45 -15.21 -1.86 6.76
C ALA A 45 -15.02 -0.68 5.78
N GLY A 46 -14.59 -0.98 4.55
CA GLY A 46 -14.12 0.04 3.59
C GLY A 46 -12.76 0.61 3.95
N ALA A 47 -11.89 -0.25 4.48
CA ALA A 47 -10.57 0.14 5.02
C ALA A 47 -9.50 0.05 3.92
N PHE A 48 -8.34 0.68 4.14
CA PHE A 48 -7.20 0.65 3.19
C PHE A 48 -6.15 -0.34 3.71
N ALA A 49 -5.42 -1.01 2.80
CA ALA A 49 -4.28 -1.88 3.14
C ALA A 49 -3.06 -1.46 2.32
N LEU A 50 -1.89 -1.43 2.96
CA LEU A 50 -0.62 -1.05 2.32
C LEU A 50 0.26 -2.30 2.28
N CYS A 51 0.37 -2.90 1.09
CA CYS A 51 1.08 -4.18 0.87
C CYS A 51 2.43 -3.87 0.20
N VAL A 52 3.51 -4.14 0.93
CA VAL A 52 4.89 -3.83 0.50
C VAL A 52 5.64 -5.18 0.42
N LEU A 53 6.50 -5.34 -0.58
CA LEU A 53 7.24 -6.58 -0.84
C LEU A 53 8.73 -6.27 -0.93
N TYR A 54 9.55 -7.21 -0.43
CA TYR A 54 11.00 -7.14 -0.54
C TYR A 54 11.54 -8.58 -0.47
N GLN A 55 12.04 -9.08 -1.62
CA GLN A 55 12.66 -10.42 -1.75
C GLN A 55 11.80 -11.53 -1.08
N LYS A 56 10.65 -11.85 -1.72
CA LYS A 56 9.68 -12.87 -1.25
C LYS A 56 9.15 -12.61 0.20
N HIS A 57 9.25 -11.36 0.70
CA HIS A 57 8.80 -10.99 2.07
C HIS A 57 7.80 -9.83 2.00
N VAL A 58 6.53 -10.15 2.29
CA VAL A 58 5.41 -9.20 2.25
C VAL A 58 5.16 -8.62 3.66
N HIS A 59 4.71 -7.36 3.68
CA HIS A 59 4.28 -6.64 4.90
C HIS A 59 3.01 -5.84 4.54
N THR A 60 1.86 -6.21 5.12
CA THR A 60 0.57 -5.57 4.85
C THR A 60 0.18 -4.72 6.08
N TYR A 61 -0.35 -3.52 5.84
CA TYR A 61 -0.75 -2.59 6.91
C TYR A 61 -2.21 -2.17 6.69
N ARG A 62 -3.15 -2.81 7.43
CA ARG A 62 -4.58 -2.49 7.29
C ARG A 62 -4.89 -1.19 8.02
N ILE A 63 -4.89 -0.10 7.25
CA ILE A 63 -5.31 1.22 7.67
C ILE A 63 -6.84 1.30 7.86
N LEU A 64 -7.26 1.88 8.97
CA LEU A 64 -8.68 2.14 9.27
C LEU A 64 -9.03 3.53 8.73
N PRO A 65 -10.13 3.64 7.91
CA PRO A 65 -10.31 4.75 6.95
C PRO A 65 -10.87 6.06 7.57
N ASP A 66 -12.19 6.17 7.78
CA ASP A 66 -12.87 7.46 8.02
C ASP A 66 -14.10 7.26 8.92
N GLY A 67 -14.55 8.36 9.53
CA GLY A 67 -15.56 8.38 10.59
C GLY A 67 -15.07 9.32 11.66
N GLU A 68 -13.79 9.13 12.00
CA GLU A 68 -12.89 10.15 12.58
C GLU A 68 -12.65 11.33 11.59
N ASP A 69 -11.45 11.92 11.64
CA ASP A 69 -11.00 12.96 10.68
C ASP A 69 -9.85 12.42 9.80
N PHE A 70 -9.14 11.43 10.34
CA PHE A 70 -7.89 10.90 9.78
C PHE A 70 -7.92 9.36 9.67
N LEU A 71 -7.01 8.81 8.85
CA LEU A 71 -6.86 7.35 8.62
C LEU A 71 -5.64 6.81 9.41
N ALA A 72 -5.84 5.68 10.14
CA ALA A 72 -4.83 5.13 11.08
C ALA A 72 -4.14 3.88 10.53
N VAL A 73 -2.83 4.01 10.28
CA VAL A 73 -1.97 2.90 9.78
C VAL A 73 -1.47 2.09 10.97
N GLN A 74 -1.44 0.76 10.85
CA GLN A 74 -0.94 -0.14 11.89
C GLN A 74 0.49 -0.54 11.50
N THR A 75 1.48 0.25 11.98
CA THR A 75 2.85 0.19 11.48
C THR A 75 3.60 -1.10 11.92
N SER A 76 3.83 -1.26 13.24
CA SER A 76 4.55 -2.44 13.79
C SER A 76 4.43 -2.51 15.33
N GLN A 77 5.03 -3.57 15.94
CA GLN A 77 4.83 -3.96 17.36
C GLN A 77 5.27 -2.89 18.38
N GLY A 78 6.39 -2.20 18.10
CA GLY A 78 7.02 -1.29 19.08
C GLY A 78 7.55 -0.01 18.45
N VAL A 79 6.78 0.54 17.51
CA VAL A 79 7.06 1.83 16.86
C VAL A 79 5.87 2.80 17.08
N PRO A 80 6.08 4.16 17.04
CA PRO A 80 4.97 5.14 17.13
C PRO A 80 4.01 5.04 15.90
N VAL A 81 2.71 4.93 16.17
CA VAL A 81 1.67 4.79 15.14
C VAL A 81 1.19 6.19 14.77
N ARG A 82 1.21 6.51 13.48
CA ARG A 82 0.89 7.85 12.97
C ARG A 82 -0.30 7.76 12.01
N ARG A 83 -1.19 8.75 12.14
CA ARG A 83 -2.38 8.89 11.32
C ARG A 83 -2.13 9.98 10.26
N PHE A 84 -2.89 9.92 9.17
CA PHE A 84 -2.69 10.80 7.99
C PHE A 84 -4.03 11.40 7.60
N GLN A 85 -4.01 12.49 6.83
CA GLN A 85 -5.23 13.10 6.28
C GLN A 85 -5.44 12.68 4.82
N THR A 86 -4.36 12.17 4.16
CA THR A 86 -4.40 11.68 2.75
C THR A 86 -3.41 10.51 2.56
N LEU A 87 -3.70 9.62 1.57
CA LEU A 87 -2.80 8.50 1.16
C LEU A 87 -1.46 9.02 0.57
N GLY A 88 -1.49 10.26 0.03
CA GLY A 88 -0.27 10.94 -0.41
C GLY A 88 0.77 11.09 0.70
N GLU A 89 0.30 11.46 1.91
CA GLU A 89 1.15 11.61 3.11
C GLU A 89 1.68 10.25 3.59
N LEU A 90 0.86 9.20 3.40
CA LEU A 90 1.22 7.80 3.71
C LEU A 90 2.50 7.40 2.97
N ILE A 91 2.43 7.48 1.63
CA ILE A 91 3.54 7.13 0.73
C ILE A 91 4.76 8.06 0.98
N GLY A 92 4.45 9.34 1.25
CA GLY A 92 5.45 10.38 1.52
C GLY A 92 6.39 10.04 2.68
N LEU A 93 5.81 9.75 3.86
CA LEU A 93 6.57 9.46 5.08
C LEU A 93 7.19 8.06 5.08
N TYR A 94 6.44 7.03 4.64
CA TYR A 94 6.94 5.63 4.63
C TYR A 94 7.99 5.37 3.52
N ALA A 95 8.22 6.36 2.64
CA ALA A 95 9.32 6.34 1.65
C ALA A 95 10.74 6.39 2.29
N GLN A 96 10.82 6.53 3.64
CA GLN A 96 12.11 6.47 4.38
C GLN A 96 12.34 5.04 4.93
N PRO A 97 13.61 4.51 4.90
CA PRO A 97 13.93 3.14 5.38
C PRO A 97 14.03 3.07 6.93
N ASN A 98 14.17 1.82 7.44
CA ASN A 98 14.27 1.48 8.88
C ASN A 98 13.09 2.05 9.68
N GLN A 99 11.96 1.32 9.67
CA GLN A 99 10.73 1.74 10.38
C GLN A 99 9.78 0.53 10.64
N GLY A 100 10.28 -0.70 10.38
CA GLY A 100 9.45 -1.92 10.49
C GLY A 100 9.00 -2.43 9.13
N LEU A 101 9.15 -1.56 8.12
CA LEU A 101 8.89 -1.85 6.70
C LEU A 101 9.85 -2.92 6.14
N VAL A 102 9.40 -3.65 5.11
CA VAL A 102 10.29 -4.47 4.28
C VAL A 102 10.93 -3.54 3.20
N CYS A 103 11.92 -2.75 3.68
CA CYS A 103 12.61 -1.68 2.92
C CYS A 103 11.72 -0.43 2.78
N ALA A 104 12.29 0.67 2.28
CA ALA A 104 11.55 1.91 2.02
C ALA A 104 10.63 1.73 0.81
N LEU A 105 9.70 2.68 0.62
CA LEU A 105 8.82 2.68 -0.55
C LEU A 105 9.65 3.14 -1.77
N LEU A 106 10.21 2.13 -2.48
CA LEU A 106 11.19 2.33 -3.56
C LEU A 106 10.47 2.60 -4.89
N LEU A 107 9.65 1.64 -5.31
CA LEU A 107 8.94 1.67 -6.59
C LEU A 107 7.61 0.96 -6.39
N PRO A 108 6.43 1.58 -6.75
CA PRO A 108 5.12 0.91 -6.61
C PRO A 108 5.10 -0.47 -7.32
N VAL A 109 5.09 -0.44 -8.66
CA VAL A 109 5.18 -1.63 -9.51
C VAL A 109 6.03 -1.27 -10.75
N MET A 1 -1.61 0.13 -38.51
CA MET A 1 -1.96 -0.32 -37.14
C MET A 1 -0.68 -0.67 -36.34
N GLY A 2 -0.72 -0.41 -35.03
CA GLY A 2 0.41 -0.65 -34.13
C GLY A 2 -0.05 -0.73 -32.69
N HIS A 3 -0.12 -1.96 -32.15
CA HIS A 3 -0.54 -2.24 -30.76
C HIS A 3 0.44 -3.22 -30.08
N HIS A 4 1.32 -3.86 -30.87
CA HIS A 4 2.28 -4.85 -30.35
C HIS A 4 3.52 -4.15 -29.76
N HIS A 5 3.39 -3.77 -28.48
CA HIS A 5 4.47 -3.17 -27.68
C HIS A 5 4.19 -3.47 -26.19
N HIS A 6 5.28 -3.69 -25.41
CA HIS A 6 5.21 -4.15 -24.00
C HIS A 6 4.23 -3.30 -23.15
N HIS A 7 3.15 -3.94 -22.66
CA HIS A 7 2.12 -3.27 -21.88
C HIS A 7 2.33 -3.52 -20.39
N HIS A 8 2.64 -2.44 -19.67
CA HIS A 8 2.70 -2.44 -18.21
C HIS A 8 1.27 -2.47 -17.63
N SER A 9 1.10 -3.10 -16.46
CA SER A 9 -0.19 -3.14 -15.72
C SER A 9 -0.66 -1.71 -15.38
N HIS A 10 -1.98 -1.56 -15.16
CA HIS A 10 -2.64 -0.25 -14.93
C HIS A 10 -1.91 0.60 -13.86
N MET A 11 -1.71 1.90 -14.15
CA MET A 11 -0.99 2.83 -13.25
C MET A 11 -1.72 3.01 -11.91
N SER A 12 -1.08 3.79 -10.99
CA SER A 12 -1.50 3.97 -9.60
C SER A 12 -1.24 2.66 -8.81
N TRP A 13 -0.80 2.81 -7.56
CA TRP A 13 -0.59 1.67 -6.64
C TRP A 13 -1.95 1.28 -6.02
N TYR A 14 -2.89 2.24 -6.03
CA TYR A 14 -4.26 2.04 -5.52
C TYR A 14 -5.10 1.23 -6.52
N HIS A 15 -5.34 -0.05 -6.19
CA HIS A 15 -6.22 -0.96 -6.94
C HIS A 15 -7.24 -1.56 -5.94
N ARG A 16 -8.53 -1.14 -6.01
CA ARG A 16 -9.62 -1.66 -5.13
C ARG A 16 -9.70 -3.20 -5.20
N ASP A 17 -10.16 -3.84 -4.08
CA ASP A 17 -9.76 -5.21 -3.65
C ASP A 17 -8.95 -6.02 -4.69
N LEU A 18 -7.67 -5.65 -4.78
CA LEU A 18 -6.66 -6.43 -5.50
C LEU A 18 -6.50 -7.83 -4.85
N SER A 19 -6.82 -7.90 -3.53
CA SER A 19 -6.84 -9.15 -2.71
C SER A 19 -5.41 -9.48 -2.27
N ARG A 20 -5.23 -9.90 -1.01
CA ARG A 20 -3.88 -10.02 -0.37
C ARG A 20 -2.96 -10.97 -1.15
N ALA A 21 -3.51 -12.15 -1.54
CA ALA A 21 -2.80 -13.17 -2.31
C ALA A 21 -2.37 -12.65 -3.68
N ALA A 22 -3.34 -12.06 -4.41
CA ALA A 22 -3.12 -11.52 -5.76
C ALA A 22 -2.31 -10.20 -5.74
N ALA A 23 -2.26 -9.54 -4.56
CA ALA A 23 -1.50 -8.30 -4.35
C ALA A 23 -0.01 -8.59 -4.27
N GLU A 24 0.37 -9.53 -3.38
CA GLU A 24 1.76 -9.96 -3.19
C GLU A 24 2.26 -10.74 -4.42
N GLU A 25 1.31 -11.30 -5.20
CA GLU A 25 1.60 -11.93 -6.50
C GLU A 25 1.96 -10.87 -7.55
N LEU A 26 1.10 -9.83 -7.69
CA LEU A 26 1.36 -8.66 -8.58
C LEU A 26 2.67 -7.94 -8.22
N LEU A 27 3.02 -7.97 -6.93
CA LEU A 27 4.32 -7.49 -6.45
C LEU A 27 5.41 -8.38 -7.09
N ALA A 28 5.35 -9.70 -6.81
CA ALA A 28 6.36 -10.68 -7.27
C ALA A 28 6.58 -10.65 -8.80
N ARG A 29 5.48 -10.49 -9.56
CA ARG A 29 5.50 -10.51 -11.04
C ARG A 29 6.02 -9.18 -11.63
N ALA A 30 5.37 -8.06 -11.24
CA ALA A 30 5.62 -6.73 -11.83
C ALA A 30 6.85 -6.07 -11.20
N GLY A 31 6.77 -5.83 -9.89
CA GLY A 31 7.82 -5.16 -9.13
C GLY A 31 8.41 -6.12 -8.13
N ARG A 32 9.34 -6.95 -8.61
CA ARG A 32 9.83 -8.15 -7.89
C ARG A 32 10.70 -7.83 -6.64
N ASP A 33 10.71 -6.57 -6.15
CA ASP A 33 11.62 -6.10 -5.08
C ASP A 33 11.40 -4.60 -4.88
N GLY A 34 11.39 -4.14 -3.61
CA GLY A 34 11.24 -2.72 -3.26
C GLY A 34 9.83 -2.14 -3.44
N SER A 35 8.91 -2.93 -3.98
CA SER A 35 7.62 -2.44 -4.47
C SER A 35 6.56 -2.37 -3.38
N PHE A 36 5.50 -1.59 -3.65
CA PHE A 36 4.36 -1.44 -2.77
C PHE A 36 3.11 -1.12 -3.60
N LEU A 37 1.96 -1.50 -3.07
CA LEU A 37 0.65 -1.10 -3.62
C LEU A 37 -0.38 -1.00 -2.49
N VAL A 38 -1.42 -0.20 -2.71
CA VAL A 38 -2.55 -0.06 -1.77
C VAL A 38 -3.79 -0.65 -2.44
N ARG A 39 -4.52 -1.49 -1.71
CA ARG A 39 -5.79 -2.07 -2.16
C ARG A 39 -6.90 -1.66 -1.19
N ASP A 40 -8.13 -1.96 -1.60
CA ASP A 40 -9.30 -1.78 -0.72
C ASP A 40 -9.41 -3.04 0.16
N SER A 41 -9.55 -2.82 1.48
CA SER A 41 -9.59 -3.90 2.48
C SER A 41 -10.87 -4.74 2.34
N GLU A 42 -10.77 -6.00 2.74
CA GLU A 42 -11.87 -6.98 2.72
C GLU A 42 -12.26 -7.25 4.18
N SER A 43 -11.22 -7.27 5.04
CA SER A 43 -11.35 -7.38 6.51
C SER A 43 -12.27 -6.28 7.06
N VAL A 44 -12.07 -5.03 6.57
CA VAL A 44 -12.82 -3.85 7.04
C VAL A 44 -13.37 -3.08 5.82
N ALA A 45 -14.71 -3.01 5.71
CA ALA A 45 -15.39 -2.21 4.66
C ALA A 45 -15.21 -0.69 4.92
N GLY A 46 -14.79 0.04 3.86
CA GLY A 46 -14.52 1.49 3.97
C GLY A 46 -13.05 1.79 4.26
N ALA A 47 -12.23 0.74 4.39
CA ALA A 47 -10.80 0.84 4.74
C ALA A 47 -9.89 0.33 3.59
N PHE A 48 -8.57 0.46 3.81
CA PHE A 48 -7.52 0.10 2.84
C PHE A 48 -6.50 -0.87 3.48
N ALA A 49 -5.64 -1.43 2.60
CA ALA A 49 -4.51 -2.30 2.98
C ALA A 49 -3.28 -1.96 2.10
N LEU A 50 -2.06 -2.12 2.66
CA LEU A 50 -0.79 -1.77 1.98
C LEU A 50 0.12 -3.01 1.93
N CYS A 51 0.39 -3.53 0.72
CA CYS A 51 1.22 -4.73 0.53
C CYS A 51 2.57 -4.29 -0.06
N VAL A 52 3.68 -4.62 0.64
CA VAL A 52 5.04 -4.15 0.29
C VAL A 52 5.96 -5.38 0.19
N LEU A 53 6.76 -5.49 -0.89
CA LEU A 53 7.65 -6.63 -1.14
C LEU A 53 9.09 -6.15 -1.32
N TYR A 54 10.01 -6.58 -0.44
CA TYR A 54 11.46 -6.43 -0.65
C TYR A 54 12.17 -7.75 -0.28
N GLN A 55 13.07 -8.22 -1.16
CA GLN A 55 13.81 -9.52 -1.03
C GLN A 55 12.91 -10.69 -0.55
N LYS A 56 11.88 -11.02 -1.36
CA LYS A 56 10.91 -12.13 -1.10
C LYS A 56 10.06 -11.94 0.20
N HIS A 57 10.26 -10.81 0.90
CA HIS A 57 9.63 -10.55 2.21
C HIS A 57 8.47 -9.58 2.02
N VAL A 58 7.25 -10.13 2.10
CA VAL A 58 5.99 -9.36 2.02
C VAL A 58 5.62 -8.83 3.42
N HIS A 59 5.15 -7.59 3.47
CA HIS A 59 4.62 -6.97 4.69
C HIS A 59 3.31 -6.28 4.31
N THR A 60 2.20 -6.74 4.86
CA THR A 60 0.87 -6.17 4.60
C THR A 60 0.37 -5.44 5.85
N TYR A 61 -0.10 -4.21 5.65
CA TYR A 61 -0.66 -3.34 6.70
C TYR A 61 -2.16 -3.21 6.44
N ARG A 62 -2.91 -2.89 7.49
CA ARG A 62 -4.27 -2.37 7.37
C ARG A 62 -4.22 -0.86 7.56
N ILE A 63 -5.23 -0.15 7.03
CA ILE A 63 -5.19 1.33 6.89
C ILE A 63 -6.66 1.69 7.14
N LEU A 64 -6.97 2.14 8.34
CA LEU A 64 -8.36 2.32 8.79
C LEU A 64 -8.70 3.81 8.74
N PRO A 65 -10.01 4.19 8.61
CA PRO A 65 -10.45 5.56 8.91
C PRO A 65 -10.09 5.95 10.38
N ASP A 66 -10.85 5.40 11.35
CA ASP A 66 -10.68 5.65 12.82
C ASP A 66 -10.48 7.14 13.10
N GLY A 67 -11.57 7.88 12.99
CA GLY A 67 -11.55 9.33 13.11
C GLY A 67 -12.91 9.92 12.82
N GLU A 68 -13.08 10.45 11.59
CA GLU A 68 -14.24 11.25 11.13
C GLU A 68 -13.79 12.07 9.89
N ASP A 69 -12.47 12.34 9.80
CA ASP A 69 -11.85 13.10 8.68
C ASP A 69 -10.38 12.69 8.43
N PHE A 70 -9.83 11.78 9.26
CA PHE A 70 -8.43 11.30 9.14
C PHE A 70 -8.43 9.77 8.91
N LEU A 71 -7.30 9.26 8.39
CA LEU A 71 -7.07 7.80 8.22
C LEU A 71 -5.91 7.36 9.13
N ALA A 72 -6.18 6.41 10.04
CA ALA A 72 -5.20 5.87 10.97
C ALA A 72 -4.62 4.54 10.45
N VAL A 73 -3.32 4.54 10.20
CA VAL A 73 -2.59 3.38 9.64
C VAL A 73 -2.06 2.54 10.80
N GLN A 74 -2.03 1.21 10.63
CA GLN A 74 -1.51 0.30 11.65
C GLN A 74 -0.10 -0.11 11.25
N THR A 75 0.87 0.69 11.71
CA THR A 75 2.30 0.45 11.48
C THR A 75 2.79 -0.75 12.35
N SER A 76 4.04 -1.18 12.14
CA SER A 76 4.64 -2.26 12.92
C SER A 76 4.79 -1.83 14.40
N GLN A 77 3.94 -2.41 15.28
CA GLN A 77 3.91 -2.10 16.72
C GLN A 77 5.30 -2.32 17.36
N GLY A 78 6.02 -1.21 17.58
CA GLY A 78 7.46 -1.21 17.86
C GLY A 78 8.04 0.16 17.50
N VAL A 79 7.35 0.84 16.56
CA VAL A 79 7.56 2.26 16.21
C VAL A 79 6.25 3.03 16.53
N PRO A 80 6.25 4.39 16.65
CA PRO A 80 4.99 5.17 16.89
C PRO A 80 3.98 5.04 15.71
N VAL A 81 2.69 4.76 16.05
CA VAL A 81 1.60 4.65 15.05
C VAL A 81 1.26 6.03 14.51
N ARG A 82 1.33 6.20 13.18
CA ARG A 82 1.12 7.50 12.54
C ARG A 82 -0.18 7.49 11.71
N ARG A 83 -1.10 8.42 12.05
CA ARG A 83 -2.31 8.70 11.25
C ARG A 83 -2.05 9.91 10.35
N PHE A 84 -2.80 10.01 9.24
CA PHE A 84 -2.61 11.06 8.22
C PHE A 84 -3.97 11.68 7.83
N GLN A 85 -3.93 12.84 7.13
CA GLN A 85 -5.12 13.43 6.49
C GLN A 85 -5.28 12.90 5.04
N THR A 86 -4.16 12.46 4.43
CA THR A 86 -4.14 12.02 3.03
C THR A 86 -3.09 10.90 2.81
N LEU A 87 -3.31 10.07 1.76
CA LEU A 87 -2.38 8.99 1.35
C LEU A 87 -0.99 9.54 0.98
N GLY A 88 -0.94 10.78 0.44
CA GLY A 88 0.32 11.48 0.10
C GLY A 88 1.36 11.46 1.23
N GLU A 89 0.90 11.79 2.46
CA GLU A 89 1.74 11.79 3.67
C GLU A 89 2.13 10.34 4.08
N LEU A 90 1.24 9.37 3.78
CA LEU A 90 1.44 7.95 4.12
C LEU A 90 2.61 7.39 3.30
N ILE A 91 2.73 7.87 2.05
CA ILE A 91 3.66 7.28 1.08
C ILE A 91 5.07 7.83 1.34
N GLY A 92 5.15 9.14 1.65
CA GLY A 92 6.42 9.81 1.91
C GLY A 92 7.07 9.40 3.23
N LEU A 93 6.24 9.22 4.27
CA LEU A 93 6.72 8.83 5.61
C LEU A 93 7.16 7.36 5.62
N TYR A 94 6.44 6.51 4.87
CA TYR A 94 6.77 5.07 4.76
C TYR A 94 7.85 4.82 3.69
N ALA A 95 8.17 5.88 2.91
CA ALA A 95 9.37 5.93 2.06
C ALA A 95 10.66 6.16 2.89
N GLN A 96 10.49 6.27 4.23
CA GLN A 96 11.61 6.29 5.18
C GLN A 96 11.84 4.84 5.68
N PRO A 97 13.09 4.30 5.57
CA PRO A 97 13.46 3.00 6.18
C PRO A 97 13.44 3.03 7.73
N ASN A 98 13.61 1.83 8.34
CA ASN A 98 13.60 1.63 9.82
C ASN A 98 12.29 2.17 10.46
N GLN A 99 11.16 1.94 9.76
CA GLN A 99 9.81 2.36 10.21
C GLN A 99 8.85 1.17 10.33
N GLY A 100 9.39 -0.06 10.22
CA GLY A 100 8.57 -1.28 10.19
C GLY A 100 8.37 -1.78 8.77
N LEU A 101 8.71 -0.90 7.82
CA LEU A 101 8.68 -1.15 6.38
C LEU A 101 9.81 -2.08 5.98
N VAL A 102 9.59 -2.86 4.91
CA VAL A 102 10.63 -3.69 4.30
C VAL A 102 11.45 -2.83 3.30
N CYS A 103 12.31 -1.98 3.90
CA CYS A 103 13.32 -1.15 3.22
C CYS A 103 12.67 0.01 2.44
N ALA A 104 11.49 0.44 2.95
CA ALA A 104 10.74 1.63 2.50
C ALA A 104 9.97 1.39 1.19
N LEU A 105 9.05 2.33 0.90
CA LEU A 105 8.27 2.34 -0.34
C LEU A 105 9.14 2.86 -1.49
N LEU A 106 9.65 1.93 -2.35
CA LEU A 106 10.63 2.27 -3.41
C LEU A 106 9.98 2.28 -4.82
N LEU A 107 9.24 1.21 -5.18
CA LEU A 107 8.58 1.10 -6.52
C LEU A 107 7.05 1.14 -6.35
N PRO A 108 6.30 1.99 -7.12
CA PRO A 108 4.83 2.11 -6.99
C PRO A 108 4.04 1.02 -7.78
N VAL A 109 4.79 0.02 -8.31
CA VAL A 109 4.29 -1.03 -9.21
C VAL A 109 3.92 -0.40 -10.59
N MET A 1 -0.59 -9.77 -39.11
CA MET A 1 -0.33 -9.20 -37.77
C MET A 1 1.17 -9.29 -37.43
N GLY A 2 1.62 -8.46 -36.48
CA GLY A 2 2.99 -8.47 -35.96
C GLY A 2 2.99 -8.21 -34.46
N HIS A 3 3.73 -9.02 -33.70
CA HIS A 3 3.71 -8.97 -32.22
C HIS A 3 4.43 -7.72 -31.72
N HIS A 4 3.70 -6.89 -30.97
CA HIS A 4 4.23 -5.68 -30.30
C HIS A 4 4.54 -6.00 -28.83
N HIS A 5 5.55 -5.31 -28.27
CA HIS A 5 5.88 -5.42 -26.82
C HIS A 5 4.79 -4.76 -25.98
N HIS A 6 4.71 -5.14 -24.69
CA HIS A 6 3.71 -4.61 -23.75
C HIS A 6 3.95 -3.10 -23.48
N HIS A 7 2.88 -2.37 -23.14
CA HIS A 7 2.98 -0.98 -22.66
C HIS A 7 3.58 -0.95 -21.24
N HIS A 8 4.26 0.15 -20.89
CA HIS A 8 4.87 0.32 -19.54
C HIS A 8 3.77 0.39 -18.45
N SER A 9 4.19 0.24 -17.18
CA SER A 9 3.26 0.31 -16.03
C SER A 9 2.59 1.69 -15.95
N HIS A 10 1.25 1.71 -16.03
CA HIS A 10 0.43 2.91 -15.84
C HIS A 10 0.59 3.39 -14.38
N MET A 11 1.41 4.43 -14.19
CA MET A 11 1.87 4.87 -12.85
C MET A 11 0.73 5.45 -12.00
N SER A 12 -0.01 4.54 -11.38
CA SER A 12 -1.13 4.83 -10.48
C SER A 12 -1.27 3.60 -9.56
N TRP A 13 -0.81 3.71 -8.32
CA TRP A 13 -0.57 2.54 -7.43
C TRP A 13 -1.84 2.07 -6.69
N TYR A 14 -3.00 2.71 -6.92
CA TYR A 14 -4.21 2.46 -6.11
C TYR A 14 -5.18 1.61 -6.93
N HIS A 15 -5.14 0.29 -6.72
CA HIS A 15 -5.98 -0.68 -7.41
C HIS A 15 -6.99 -1.22 -6.41
N ARG A 16 -8.16 -0.56 -6.29
CA ARG A 16 -9.23 -1.00 -5.37
C ARG A 16 -10.08 -2.12 -6.02
N ASP A 17 -9.36 -3.16 -6.48
CA ASP A 17 -9.90 -4.32 -7.23
C ASP A 17 -9.10 -5.58 -6.87
N LEU A 18 -7.90 -5.40 -6.29
CA LEU A 18 -6.87 -6.45 -6.19
C LEU A 18 -6.68 -6.86 -4.72
N SER A 19 -7.30 -8.01 -4.33
CA SER A 19 -7.14 -8.67 -3.01
C SER A 19 -5.65 -8.81 -2.59
N ARG A 20 -5.41 -8.95 -1.26
CA ARG A 20 -4.06 -8.92 -0.67
C ARG A 20 -3.19 -10.10 -1.16
N ALA A 21 -3.83 -11.28 -1.31
CA ALA A 21 -3.17 -12.49 -1.82
C ALA A 21 -2.66 -12.28 -3.25
N ALA A 22 -3.56 -11.81 -4.12
CA ALA A 22 -3.24 -11.53 -5.54
C ALA A 22 -2.35 -10.29 -5.69
N ALA A 23 -2.34 -9.41 -4.66
CA ALA A 23 -1.52 -8.20 -4.64
C ALA A 23 -0.03 -8.54 -4.51
N GLU A 24 0.30 -9.31 -3.45
CA GLU A 24 1.70 -9.73 -3.17
C GLU A 24 2.22 -10.76 -4.19
N GLU A 25 1.26 -11.51 -4.78
CA GLU A 25 1.53 -12.45 -5.88
C GLU A 25 2.01 -11.65 -7.12
N LEU A 26 1.21 -10.63 -7.47
CA LEU A 26 1.50 -9.69 -8.57
C LEU A 26 2.81 -8.90 -8.30
N LEU A 27 3.07 -8.57 -7.02
CA LEU A 27 4.30 -7.84 -6.62
C LEU A 27 5.54 -8.72 -6.81
N ALA A 28 5.36 -10.03 -6.59
CA ALA A 28 6.43 -11.04 -6.74
C ALA A 28 6.83 -11.22 -8.22
N ARG A 29 5.83 -11.16 -9.11
CA ARG A 29 6.02 -11.36 -10.55
C ARG A 29 6.48 -10.07 -11.26
N ALA A 30 5.85 -8.95 -10.93
CA ALA A 30 6.00 -7.68 -11.66
C ALA A 30 7.28 -6.93 -11.27
N GLY A 31 7.42 -6.62 -9.98
CA GLY A 31 8.56 -5.83 -9.48
C GLY A 31 9.64 -6.69 -8.85
N ARG A 32 9.18 -7.76 -8.17
CA ARG A 32 9.99 -8.78 -7.50
C ARG A 32 10.80 -8.27 -6.27
N ASP A 33 10.86 -6.93 -6.02
CA ASP A 33 11.83 -6.27 -5.10
C ASP A 33 11.39 -4.80 -4.93
N GLY A 34 11.24 -4.32 -3.67
CA GLY A 34 10.88 -2.92 -3.39
C GLY A 34 9.49 -2.53 -3.87
N SER A 35 8.70 -3.53 -4.26
CA SER A 35 7.42 -3.34 -4.96
C SER A 35 6.30 -3.05 -3.97
N PHE A 36 5.36 -2.18 -4.34
CA PHE A 36 4.19 -1.88 -3.50
C PHE A 36 3.01 -1.44 -4.35
N LEU A 37 1.81 -1.66 -3.82
CA LEU A 37 0.56 -1.11 -4.34
C LEU A 37 -0.43 -0.94 -3.18
N VAL A 38 -1.35 -0.01 -3.34
CA VAL A 38 -2.41 0.27 -2.38
C VAL A 38 -3.72 -0.26 -2.98
N ARG A 39 -4.59 -0.75 -2.12
CA ARG A 39 -5.88 -1.33 -2.46
C ARG A 39 -6.91 -0.86 -1.43
N ASP A 40 -8.15 -1.32 -1.58
CA ASP A 40 -9.22 -1.07 -0.59
C ASP A 40 -9.22 -2.24 0.41
N SER A 41 -9.59 -1.95 1.66
CA SER A 41 -9.79 -2.98 2.70
C SER A 41 -10.92 -3.94 2.29
N GLU A 42 -10.72 -5.25 2.58
CA GLU A 42 -11.52 -6.41 2.08
C GLU A 42 -13.02 -6.11 1.91
N SER A 43 -13.69 -5.63 2.98
CA SER A 43 -15.12 -5.29 2.94
C SER A 43 -15.39 -4.03 3.80
N VAL A 44 -14.37 -3.16 3.90
CA VAL A 44 -14.46 -1.90 4.69
C VAL A 44 -14.48 -0.70 3.74
N ALA A 45 -15.64 -0.01 3.70
CA ALA A 45 -15.88 1.15 2.82
C ALA A 45 -14.96 2.34 3.19
N GLY A 46 -14.10 2.74 2.23
CA GLY A 46 -13.28 3.97 2.37
C GLY A 46 -11.98 3.79 3.16
N ALA A 47 -11.74 2.56 3.64
CA ALA A 47 -10.47 2.20 4.30
C ALA A 47 -9.50 1.62 3.28
N PHE A 48 -8.21 1.73 3.58
CA PHE A 48 -7.13 1.33 2.66
C PHE A 48 -6.42 0.07 3.21
N ALA A 49 -5.78 -0.64 2.30
CA ALA A 49 -4.82 -1.68 2.61
C ALA A 49 -3.61 -1.48 1.70
N LEU A 50 -2.42 -1.81 2.17
CA LEU A 50 -1.16 -1.62 1.44
C LEU A 50 -0.45 -2.97 1.40
N CYS A 51 0.15 -3.32 0.28
CA CYS A 51 0.95 -4.53 0.12
C CYS A 51 2.33 -4.13 -0.39
N VAL A 52 3.40 -4.60 0.29
CA VAL A 52 4.80 -4.24 -0.04
C VAL A 52 5.70 -5.51 0.02
N LEU A 53 6.66 -5.66 -0.91
CA LEU A 53 7.60 -6.80 -0.99
C LEU A 53 9.04 -6.29 -1.18
N TYR A 54 9.96 -6.61 -0.25
CA TYR A 54 11.42 -6.39 -0.44
C TYR A 54 12.19 -7.49 0.31
N GLN A 55 13.35 -7.90 -0.26
CA GLN A 55 14.21 -8.99 0.27
C GLN A 55 13.40 -10.28 0.56
N LYS A 56 12.57 -10.68 -0.43
CA LYS A 56 11.67 -11.86 -0.35
C LYS A 56 10.74 -11.83 0.89
N HIS A 57 10.44 -10.61 1.36
CA HIS A 57 9.67 -10.37 2.59
C HIS A 57 8.45 -9.50 2.25
N VAL A 58 7.26 -10.12 2.26
CA VAL A 58 5.99 -9.41 2.09
C VAL A 58 5.54 -8.85 3.45
N HIS A 59 5.16 -7.57 3.45
CA HIS A 59 4.65 -6.86 4.61
C HIS A 59 3.44 -6.06 4.12
N THR A 60 2.24 -6.45 4.55
CA THR A 60 0.98 -5.81 4.16
C THR A 60 0.48 -4.96 5.34
N TYR A 61 0.18 -3.67 5.07
CA TYR A 61 -0.28 -2.72 6.08
C TYR A 61 -1.74 -2.31 5.77
N ARG A 62 -2.72 -2.90 6.47
CA ARG A 62 -4.12 -2.39 6.43
C ARG A 62 -4.19 -1.05 7.16
N ILE A 63 -5.17 -0.20 6.83
CA ILE A 63 -4.99 1.26 7.00
C ILE A 63 -6.40 1.73 7.40
N LEU A 64 -6.62 1.96 8.69
CA LEU A 64 -7.98 2.03 9.27
C LEU A 64 -8.30 3.45 9.75
N PRO A 65 -9.09 4.25 8.97
CA PRO A 65 -9.66 5.51 9.48
C PRO A 65 -10.68 5.22 10.58
N ASP A 66 -10.27 5.45 11.85
CA ASP A 66 -11.01 5.01 13.06
C ASP A 66 -12.40 5.68 13.11
N GLY A 67 -12.39 7.01 13.00
CA GLY A 67 -13.62 7.80 12.90
C GLY A 67 -13.70 8.53 11.57
N GLU A 68 -13.18 7.90 10.50
CA GLU A 68 -13.06 8.49 9.14
C GLU A 68 -12.39 9.89 9.02
N ASP A 69 -11.87 10.47 10.11
CA ASP A 69 -11.16 11.77 10.06
C ASP A 69 -9.69 11.54 9.70
N PHE A 70 -9.03 10.59 10.39
CA PHE A 70 -7.62 10.23 10.16
C PHE A 70 -7.49 8.70 9.96
N LEU A 71 -6.60 8.30 9.02
CA LEU A 71 -6.37 6.90 8.63
C LEU A 71 -5.12 6.38 9.36
N ALA A 72 -5.34 5.40 10.25
CA ALA A 72 -4.33 4.90 11.19
C ALA A 72 -3.64 3.64 10.65
N VAL A 73 -2.31 3.73 10.47
CA VAL A 73 -1.46 2.64 9.98
C VAL A 73 -0.63 2.10 11.15
N GLN A 74 -0.41 0.77 11.17
CA GLN A 74 0.23 0.05 12.29
C GLN A 74 1.59 -0.48 11.78
N THR A 75 2.66 0.31 11.97
CA THR A 75 4.03 -0.03 11.49
C THR A 75 4.94 -0.39 12.69
N SER A 76 4.31 -0.91 13.75
CA SER A 76 4.93 -1.08 15.07
C SER A 76 6.05 -2.15 15.09
N GLN A 77 7.31 -1.68 14.92
CA GLN A 77 8.54 -2.45 15.23
C GLN A 77 9.37 -1.74 16.34
N GLY A 78 8.81 -0.62 16.80
CA GLY A 78 9.42 0.28 17.79
C GLY A 78 8.83 1.69 17.73
N VAL A 79 7.60 1.76 17.20
CA VAL A 79 6.88 3.03 16.94
C VAL A 79 5.39 2.85 17.30
N PRO A 80 4.66 3.94 17.69
CA PRO A 80 3.19 3.89 17.88
C PRO A 80 2.43 3.81 16.53
N VAL A 81 1.09 3.86 16.61
CA VAL A 81 0.22 3.87 15.43
C VAL A 81 0.25 5.28 14.81
N ARG A 82 0.60 5.39 13.52
CA ARG A 82 0.76 6.69 12.85
C ARG A 82 -0.50 6.98 12.00
N ARG A 83 -1.23 8.04 12.37
CA ARG A 83 -2.46 8.48 11.70
C ARG A 83 -2.14 9.56 10.66
N PHE A 84 -2.87 9.57 9.54
CA PHE A 84 -2.66 10.53 8.43
C PHE A 84 -3.99 11.20 8.10
N GLN A 85 -3.94 12.41 7.57
CA GLN A 85 -5.13 13.10 7.06
C GLN A 85 -5.39 12.69 5.60
N THR A 86 -4.34 12.17 4.91
CA THR A 86 -4.44 11.71 3.52
C THR A 86 -3.36 10.62 3.23
N LEU A 87 -3.63 9.81 2.19
CA LEU A 87 -2.73 8.73 1.72
C LEU A 87 -1.40 9.34 1.17
N GLY A 88 -1.48 10.60 0.68
CA GLY A 88 -0.29 11.37 0.25
C GLY A 88 0.81 11.46 1.32
N GLU A 89 0.41 11.76 2.57
CA GLU A 89 1.34 11.87 3.73
C GLU A 89 1.93 10.50 4.07
N LEU A 90 1.15 9.43 3.81
CA LEU A 90 1.60 8.04 4.00
C LEU A 90 2.78 7.75 3.06
N ILE A 91 2.58 7.93 1.74
CA ILE A 91 3.62 7.72 0.70
C ILE A 91 4.88 8.55 1.01
N GLY A 92 4.65 9.84 1.35
CA GLY A 92 5.70 10.79 1.68
C GLY A 92 6.67 10.29 2.75
N LEU A 93 6.12 9.93 3.92
CA LEU A 93 6.92 9.49 5.07
C LEU A 93 7.47 8.06 4.86
N TYR A 94 6.67 7.18 4.22
CA TYR A 94 6.96 5.73 4.15
C TYR A 94 7.94 5.37 3.03
N ALA A 95 8.34 6.34 2.20
CA ALA A 95 9.51 6.20 1.31
C ALA A 95 10.85 6.19 2.12
N GLN A 96 10.74 6.43 3.44
CA GLN A 96 11.85 6.33 4.41
C GLN A 96 11.83 4.94 5.09
N PRO A 97 12.97 4.20 5.15
CA PRO A 97 13.08 2.92 5.91
C PRO A 97 13.22 3.13 7.45
N ASN A 98 13.42 1.99 8.16
CA ASN A 98 13.58 1.89 9.63
C ASN A 98 12.49 2.68 10.40
N GLN A 99 11.27 2.12 10.36
CA GLN A 99 10.06 2.70 11.01
C GLN A 99 8.84 1.77 10.85
N GLY A 100 9.09 0.53 10.40
CA GLY A 100 8.03 -0.43 10.06
C GLY A 100 8.15 -0.89 8.63
N LEU A 101 8.62 0.03 7.79
CA LEU A 101 8.81 -0.21 6.36
C LEU A 101 10.09 -1.05 6.16
N VAL A 102 9.88 -2.37 5.92
CA VAL A 102 10.96 -3.34 5.65
C VAL A 102 11.61 -3.08 4.27
N CYS A 103 10.91 -2.28 3.46
CA CYS A 103 11.26 -2.00 2.08
C CYS A 103 11.61 -0.53 1.88
N ALA A 104 10.71 0.33 2.43
CA ALA A 104 10.54 1.73 2.04
C ALA A 104 9.90 1.79 0.64
N LEU A 105 8.95 2.72 0.45
CA LEU A 105 8.11 2.76 -0.76
C LEU A 105 8.96 3.17 -1.97
N LEU A 106 9.34 2.16 -2.78
CA LEU A 106 10.34 2.28 -3.86
C LEU A 106 9.66 2.21 -5.24
N LEU A 107 9.00 1.08 -5.52
CA LEU A 107 8.50 0.75 -6.87
C LEU A 107 6.96 0.56 -6.82
N PRO A 108 6.17 1.58 -7.27
CA PRO A 108 4.71 1.45 -7.38
C PRO A 108 4.33 0.65 -8.64
N VAL A 109 3.60 -0.46 -8.47
CA VAL A 109 3.12 -1.29 -9.58
C VAL A 109 1.58 -1.22 -9.57
N MET A 1 6.25 3.01 -44.34
CA MET A 1 7.12 3.86 -43.50
C MET A 1 7.08 3.36 -42.03
N GLY A 2 8.28 3.03 -41.49
CA GLY A 2 8.41 2.49 -40.13
C GLY A 2 8.43 3.57 -39.06
N HIS A 3 8.11 3.17 -37.83
CA HIS A 3 8.11 4.06 -36.64
C HIS A 3 7.92 3.20 -35.37
N HIS A 4 8.28 3.80 -34.23
CA HIS A 4 8.23 3.14 -32.90
C HIS A 4 7.81 4.19 -31.87
N HIS A 5 6.77 3.89 -31.06
CA HIS A 5 6.08 4.90 -30.22
C HIS A 5 6.46 4.82 -28.75
N HIS A 6 6.27 5.96 -28.05
CA HIS A 6 6.44 6.08 -26.59
C HIS A 6 5.33 7.01 -26.04
N HIS A 7 4.66 6.56 -24.98
CA HIS A 7 3.61 7.34 -24.29
C HIS A 7 3.67 7.00 -22.79
N HIS A 8 4.33 7.90 -22.01
CA HIS A 8 4.51 7.73 -20.56
C HIS A 8 3.14 7.73 -19.84
N SER A 9 2.67 6.52 -19.52
CA SER A 9 1.40 6.31 -18.83
C SER A 9 1.44 4.95 -18.11
N HIS A 10 1.53 5.01 -16.78
CA HIS A 10 1.55 3.82 -15.91
C HIS A 10 0.26 3.79 -15.08
N MET A 11 -0.07 2.60 -14.58
CA MET A 11 -1.23 2.38 -13.71
C MET A 11 -0.96 2.96 -12.31
N SER A 12 -2.03 3.49 -11.68
CA SER A 12 -1.96 4.01 -10.31
C SER A 12 -1.69 2.86 -9.31
N TRP A 13 -0.99 3.15 -8.19
CA TRP A 13 -0.58 2.11 -7.22
C TRP A 13 -1.79 1.74 -6.32
N TYR A 14 -2.76 2.68 -6.25
CA TYR A 14 -4.05 2.44 -5.60
C TYR A 14 -4.99 1.70 -6.56
N HIS A 15 -5.52 0.56 -6.09
CA HIS A 15 -6.51 -0.24 -6.82
C HIS A 15 -7.82 -0.26 -5.99
N ARG A 16 -8.98 0.05 -6.62
CA ARG A 16 -10.27 0.16 -5.89
C ARG A 16 -10.84 -1.21 -5.51
N ASP A 17 -10.71 -2.23 -6.38
CA ASP A 17 -11.11 -3.61 -6.05
C ASP A 17 -9.98 -4.59 -6.42
N LEU A 18 -9.09 -4.81 -5.43
CA LEU A 18 -7.97 -5.77 -5.52
C LEU A 18 -7.93 -6.55 -4.19
N SER A 19 -7.68 -7.86 -4.25
CA SER A 19 -7.55 -8.71 -3.06
C SER A 19 -6.07 -8.94 -2.71
N ARG A 20 -5.81 -9.46 -1.50
CA ARG A 20 -4.45 -9.59 -0.92
C ARG A 20 -3.54 -10.56 -1.72
N ALA A 21 -4.11 -11.69 -2.19
CA ALA A 21 -3.35 -12.73 -2.92
C ALA A 21 -2.83 -12.17 -4.25
N ALA A 22 -3.72 -11.51 -5.00
CA ALA A 22 -3.37 -10.88 -6.28
C ALA A 22 -2.43 -9.69 -6.10
N ALA A 23 -2.54 -9.00 -4.95
CA ALA A 23 -1.66 -7.86 -4.60
C ALA A 23 -0.21 -8.33 -4.41
N GLU A 24 -0.02 -9.28 -3.47
CA GLU A 24 1.28 -9.89 -3.12
C GLU A 24 1.98 -10.54 -4.34
N GLU A 25 1.15 -11.18 -5.18
CA GLU A 25 1.63 -11.87 -6.40
C GLU A 25 2.08 -10.83 -7.45
N LEU A 26 1.27 -9.78 -7.63
CA LEU A 26 1.57 -8.62 -8.51
C LEU A 26 2.88 -7.93 -8.11
N LEU A 27 3.15 -7.90 -6.78
CA LEU A 27 4.42 -7.40 -6.23
C LEU A 27 5.57 -8.32 -6.67
N ALA A 28 5.40 -9.63 -6.40
CA ALA A 28 6.44 -10.67 -6.61
C ALA A 28 6.88 -10.77 -8.07
N ARG A 29 5.92 -10.66 -8.97
CA ARG A 29 6.16 -10.76 -10.42
C ARG A 29 6.87 -9.50 -10.94
N ALA A 30 6.30 -8.33 -10.62
CA ALA A 30 6.66 -7.05 -11.27
C ALA A 30 7.89 -6.38 -10.63
N GLY A 31 7.84 -6.13 -9.31
CA GLY A 31 8.89 -5.35 -8.62
C GLY A 31 9.88 -6.22 -7.84
N ARG A 32 9.32 -7.17 -7.08
CA ARG A 32 10.04 -8.14 -6.21
C ARG A 32 11.12 -7.50 -5.27
N ASP A 33 11.02 -6.18 -4.99
CA ASP A 33 12.10 -5.42 -4.33
C ASP A 33 11.57 -4.02 -3.95
N GLY A 34 11.21 -3.85 -2.65
CA GLY A 34 10.74 -2.56 -2.13
C GLY A 34 9.39 -2.16 -2.72
N SER A 35 8.69 -3.16 -3.27
CA SER A 35 7.52 -2.99 -4.11
C SER A 35 6.26 -2.84 -3.27
N PHE A 36 5.53 -1.74 -3.44
CA PHE A 36 4.32 -1.47 -2.66
C PHE A 36 3.16 -1.10 -3.57
N LEU A 37 1.96 -1.30 -3.07
CA LEU A 37 0.73 -0.79 -3.65
C LEU A 37 -0.29 -0.55 -2.51
N VAL A 38 -1.28 0.28 -2.78
CA VAL A 38 -2.41 0.50 -1.85
C VAL A 38 -3.66 -0.04 -2.51
N ARG A 39 -4.60 -0.53 -1.72
CA ARG A 39 -5.80 -1.19 -2.21
C ARG A 39 -6.95 -0.95 -1.23
N ASP A 40 -8.17 -0.96 -1.75
CA ASP A 40 -9.38 -0.86 -0.92
C ASP A 40 -9.80 -2.30 -0.58
N SER A 41 -9.81 -2.63 0.73
CA SER A 41 -10.07 -4.00 1.20
C SER A 41 -11.56 -4.17 1.48
N GLU A 42 -12.28 -4.74 0.49
CA GLU A 42 -13.72 -5.07 0.61
C GLU A 42 -14.03 -5.98 1.82
N SER A 43 -13.13 -6.95 2.09
CA SER A 43 -13.32 -7.97 3.16
C SER A 43 -13.52 -7.35 4.57
N VAL A 44 -13.01 -6.12 4.80
CA VAL A 44 -13.03 -5.50 6.12
C VAL A 44 -14.42 -4.89 6.41
N ALA A 45 -14.65 -3.62 6.00
CA ALA A 45 -15.82 -2.81 6.45
C ALA A 45 -15.86 -1.43 5.78
N GLY A 46 -15.14 -1.29 4.68
CA GLY A 46 -14.73 0.02 4.19
C GLY A 46 -13.38 0.39 4.82
N ALA A 47 -12.30 -0.03 4.15
CA ALA A 47 -10.93 0.05 4.67
C ALA A 47 -9.93 0.07 3.51
N PHE A 48 -8.69 0.48 3.80
CA PHE A 48 -7.55 0.34 2.86
C PHE A 48 -6.50 -0.63 3.46
N ALA A 49 -5.61 -1.13 2.59
CA ALA A 49 -4.41 -1.89 2.99
C ALA A 49 -3.21 -1.49 2.12
N LEU A 50 -2.00 -1.56 2.69
CA LEU A 50 -0.73 -1.25 2.03
C LEU A 50 0.11 -2.53 2.00
N CYS A 51 0.32 -3.08 0.80
CA CYS A 51 1.05 -4.34 0.60
C CYS A 51 2.47 -4.00 0.12
N VAL A 52 3.49 -4.44 0.87
CA VAL A 52 4.92 -4.14 0.54
C VAL A 52 5.68 -5.47 0.46
N LEU A 53 6.64 -5.56 -0.47
CA LEU A 53 7.50 -6.73 -0.66
C LEU A 53 8.96 -6.28 -0.78
N TYR A 54 9.89 -7.12 -0.30
CA TYR A 54 11.34 -6.88 -0.41
C TYR A 54 12.06 -8.21 -0.16
N GLN A 55 12.76 -8.70 -1.20
CA GLN A 55 13.46 -10.02 -1.26
C GLN A 55 12.68 -11.12 -0.49
N LYS A 56 11.58 -11.59 -1.10
CA LYS A 56 10.76 -12.72 -0.60
C LYS A 56 10.24 -12.49 0.85
N HIS A 57 10.09 -11.21 1.28
CA HIS A 57 9.57 -10.85 2.61
C HIS A 57 8.45 -9.79 2.45
N VAL A 58 7.20 -10.24 2.67
CA VAL A 58 6.00 -9.39 2.53
C VAL A 58 5.64 -8.76 3.89
N HIS A 59 5.21 -7.50 3.84
CA HIS A 59 4.72 -6.71 4.97
C HIS A 59 3.47 -5.96 4.52
N THR A 60 2.30 -6.31 5.08
CA THR A 60 1.03 -5.68 4.72
C THR A 60 0.42 -5.01 5.96
N TYR A 61 -0.18 -3.83 5.77
CA TYR A 61 -0.68 -2.98 6.85
C TYR A 61 -2.10 -2.48 6.49
N ARG A 62 -3.12 -2.92 7.25
CA ARG A 62 -4.49 -2.35 7.13
C ARG A 62 -4.49 -0.88 7.55
N ILE A 63 -5.49 -0.11 7.07
CA ILE A 63 -5.40 1.36 6.99
C ILE A 63 -6.86 1.83 7.19
N LEU A 64 -7.20 2.36 8.37
CA LEU A 64 -8.61 2.60 8.74
C LEU A 64 -8.98 4.06 8.43
N PRO A 65 -9.72 4.31 7.29
CA PRO A 65 -9.83 5.65 6.69
C PRO A 65 -10.79 6.64 7.41
N ASP A 66 -12.07 6.27 7.58
CA ASP A 66 -13.14 7.25 7.91
C ASP A 66 -13.90 6.83 9.18
N GLY A 67 -14.25 7.83 10.01
CA GLY A 67 -15.01 7.62 11.25
C GLY A 67 -14.84 8.78 12.24
N GLU A 68 -13.80 9.60 12.01
CA GLU A 68 -13.44 10.73 12.86
C GLU A 68 -12.85 11.85 11.96
N ASP A 69 -11.62 11.57 11.45
CA ASP A 69 -10.86 12.55 10.64
C ASP A 69 -9.67 11.91 9.90
N PHE A 70 -8.94 11.01 10.56
CA PHE A 70 -7.63 10.53 10.08
C PHE A 70 -7.69 9.07 9.60
N LEU A 71 -6.82 8.72 8.63
CA LEU A 71 -6.63 7.33 8.19
C LEU A 71 -5.38 6.77 8.88
N ALA A 72 -5.58 5.80 9.79
CA ALA A 72 -4.51 5.26 10.64
C ALA A 72 -4.02 3.92 10.10
N VAL A 73 -2.72 3.85 9.84
CA VAL A 73 -2.05 2.66 9.32
C VAL A 73 -1.50 1.87 10.49
N GLN A 74 -1.63 0.54 10.45
CA GLN A 74 -1.26 -0.31 11.59
C GLN A 74 0.16 -0.82 11.34
N THR A 75 1.15 -0.01 11.79
CA THR A 75 2.56 -0.27 11.51
C THR A 75 3.08 -1.47 12.35
N SER A 76 3.35 -1.22 13.66
CA SER A 76 3.81 -2.25 14.61
C SER A 76 3.58 -1.79 16.06
N GLN A 77 2.92 -2.65 16.86
CA GLN A 77 2.82 -2.46 18.32
C GLN A 77 4.21 -2.70 18.92
N GLY A 78 4.99 -1.62 19.09
CA GLY A 78 6.40 -1.71 19.44
C GLY A 78 7.16 -0.48 18.96
N VAL A 79 6.77 0.03 17.77
CA VAL A 79 7.35 1.25 17.17
C VAL A 79 6.34 2.42 17.33
N PRO A 80 6.81 3.71 17.28
CA PRO A 80 5.90 4.89 17.15
C PRO A 80 5.09 4.82 15.82
N VAL A 81 3.76 4.58 15.95
CA VAL A 81 2.85 4.43 14.80
C VAL A 81 2.21 5.80 14.49
N ARG A 82 2.20 6.20 13.21
CA ARG A 82 1.76 7.55 12.79
C ARG A 82 0.45 7.45 11.99
N ARG A 83 -0.49 8.35 12.29
CA ARG A 83 -1.76 8.51 11.57
C ARG A 83 -1.59 9.50 10.42
N PHE A 84 -2.21 9.21 9.28
CA PHE A 84 -2.16 10.03 8.06
C PHE A 84 -3.51 10.68 7.79
N GLN A 85 -3.60 11.54 6.77
CA GLN A 85 -4.73 12.49 6.59
C GLN A 85 -5.35 12.14 5.23
N THR A 86 -4.44 12.05 4.24
CA THR A 86 -4.72 11.57 2.87
C THR A 86 -3.64 10.48 2.54
N LEU A 87 -3.89 9.62 1.53
CA LEU A 87 -2.92 8.57 1.09
C LEU A 87 -1.58 9.17 0.58
N GLY A 88 -1.63 10.43 0.09
CA GLY A 88 -0.41 11.21 -0.22
C GLY A 88 0.53 11.39 0.98
N GLU A 89 -0.06 11.50 2.19
CA GLU A 89 0.69 11.57 3.46
C GLU A 89 1.39 10.22 3.74
N LEU A 90 0.67 9.11 3.44
CA LEU A 90 1.15 7.74 3.67
C LEU A 90 2.42 7.46 2.86
N ILE A 91 2.28 7.49 1.54
CA ILE A 91 3.36 7.21 0.57
C ILE A 91 4.51 8.20 0.74
N GLY A 92 4.16 9.47 1.00
CA GLY A 92 5.11 10.54 1.24
C GLY A 92 6.10 10.25 2.38
N LEU A 93 5.54 10.01 3.58
CA LEU A 93 6.34 9.77 4.79
C LEU A 93 7.10 8.43 4.68
N TYR A 94 6.39 7.38 4.23
CA TYR A 94 6.88 6.00 4.24
C TYR A 94 7.91 5.69 3.13
N ALA A 95 8.05 6.60 2.13
CA ALA A 95 9.15 6.51 1.14
C ALA A 95 10.53 6.67 1.84
N GLN A 96 10.50 7.30 3.03
CA GLN A 96 11.67 7.45 3.91
C GLN A 96 11.64 6.29 4.93
N PRO A 97 12.82 5.66 5.25
CA PRO A 97 12.96 4.74 6.42
C PRO A 97 12.31 5.32 7.71
N ASN A 98 11.29 4.61 8.21
CA ASN A 98 10.34 5.14 9.20
C ASN A 98 10.53 4.47 10.58
N GLN A 99 10.39 3.12 10.60
CA GLN A 99 10.10 2.25 11.78
C GLN A 99 8.90 1.36 11.40
N GLY A 100 9.17 0.09 11.07
CA GLY A 100 8.12 -0.90 10.77
C GLY A 100 8.23 -1.49 9.37
N LEU A 101 8.57 -0.65 8.37
CA LEU A 101 8.65 -1.08 6.96
C LEU A 101 9.84 -2.04 6.71
N VAL A 102 9.65 -2.93 5.72
CA VAL A 102 10.63 -3.94 5.34
C VAL A 102 11.93 -3.31 4.77
N CYS A 103 11.81 -2.20 4.02
CA CYS A 103 12.97 -1.49 3.40
C CYS A 103 12.57 -0.08 2.92
N ALA A 104 11.46 0.46 3.48
CA ALA A 104 10.78 1.70 3.02
C ALA A 104 10.04 1.44 1.69
N LEU A 105 9.19 2.40 1.29
CA LEU A 105 8.43 2.33 0.04
C LEU A 105 9.34 2.79 -1.13
N LEU A 106 9.92 1.81 -1.86
CA LEU A 106 10.93 2.06 -2.91
C LEU A 106 10.32 2.19 -4.32
N LEU A 107 9.41 1.26 -4.69
CA LEU A 107 8.83 1.20 -6.05
C LEU A 107 7.33 0.83 -5.99
N PRO A 108 6.40 1.73 -6.45
CA PRO A 108 4.95 1.41 -6.55
C PRO A 108 4.65 0.54 -7.78
N VAL A 109 3.82 -0.51 -7.62
CA VAL A 109 3.42 -1.39 -8.71
C VAL A 109 1.99 -0.98 -9.17
N MET A 1 -15.33 -18.56 -32.97
CA MET A 1 -15.73 -18.51 -31.54
C MET A 1 -14.52 -18.09 -30.69
N GLY A 2 -14.54 -16.85 -30.18
CA GLY A 2 -13.49 -16.34 -29.29
C GLY A 2 -12.99 -14.97 -29.70
N HIS A 3 -13.14 -13.98 -28.80
CA HIS A 3 -12.62 -12.62 -29.00
C HIS A 3 -12.09 -12.09 -27.66
N HIS A 4 -10.76 -11.92 -27.58
CA HIS A 4 -10.09 -11.46 -26.34
C HIS A 4 -9.90 -9.94 -26.37
N HIS A 5 -10.83 -9.24 -25.70
CA HIS A 5 -10.82 -7.79 -25.53
C HIS A 5 -10.24 -7.46 -24.14
N HIS A 6 -9.21 -6.59 -24.10
CA HIS A 6 -8.53 -6.22 -22.85
C HIS A 6 -9.08 -4.88 -22.31
N HIS A 7 -9.10 -4.75 -20.97
CA HIS A 7 -9.47 -3.51 -20.26
C HIS A 7 -8.92 -3.56 -18.82
N HIS A 8 -8.16 -2.53 -18.43
CA HIS A 8 -7.61 -2.37 -17.06
C HIS A 8 -7.64 -0.89 -16.63
N SER A 9 -7.61 -0.67 -15.32
CA SER A 9 -7.47 0.66 -14.71
C SER A 9 -6.22 0.64 -13.79
N HIS A 10 -5.13 1.22 -14.31
CA HIS A 10 -3.82 1.24 -13.64
C HIS A 10 -3.53 2.67 -13.15
N MET A 11 -3.94 2.99 -11.90
CA MET A 11 -3.65 4.29 -11.27
C MET A 11 -2.24 4.25 -10.64
N SER A 12 -1.22 4.08 -11.50
CA SER A 12 0.17 3.83 -11.10
C SER A 12 0.26 2.60 -10.17
N TRP A 13 0.52 2.81 -8.86
CA TRP A 13 0.60 1.74 -7.86
C TRP A 13 -0.70 1.59 -7.06
N TYR A 14 -1.81 2.18 -7.53
CA TYR A 14 -3.11 2.13 -6.82
C TYR A 14 -4.09 1.31 -7.68
N HIS A 15 -4.53 0.16 -7.14
CA HIS A 15 -5.42 -0.76 -7.85
C HIS A 15 -6.62 -1.15 -6.96
N ARG A 16 -7.75 -0.49 -7.19
CA ARG A 16 -9.04 -0.91 -6.62
C ARG A 16 -9.50 -2.18 -7.37
N ASP A 17 -10.27 -3.09 -6.70
CA ASP A 17 -10.70 -4.40 -7.26
C ASP A 17 -9.58 -5.46 -7.17
N LEU A 18 -8.43 -5.09 -6.57
CA LEU A 18 -7.29 -6.00 -6.39
C LEU A 18 -7.30 -6.56 -4.95
N SER A 19 -7.34 -7.89 -4.82
CA SER A 19 -7.29 -8.57 -3.50
C SER A 19 -5.83 -8.67 -3.02
N ARG A 20 -5.60 -8.89 -1.70
CA ARG A 20 -4.22 -8.98 -1.14
C ARG A 20 -3.44 -10.18 -1.69
N ALA A 21 -4.16 -11.28 -1.93
CA ALA A 21 -3.60 -12.51 -2.54
C ALA A 21 -3.09 -12.20 -3.96
N ALA A 22 -3.96 -11.55 -4.75
CA ALA A 22 -3.63 -11.16 -6.14
C ALA A 22 -2.59 -10.02 -6.20
N ALA A 23 -2.54 -9.20 -5.13
CA ALA A 23 -1.58 -8.06 -5.00
C ALA A 23 -0.17 -8.58 -4.75
N GLU A 24 -0.02 -9.40 -3.72
CA GLU A 24 1.22 -10.09 -3.33
C GLU A 24 1.76 -10.96 -4.49
N GLU A 25 0.83 -11.63 -5.20
CA GLU A 25 1.14 -12.46 -6.38
C GLU A 25 1.70 -11.58 -7.51
N LEU A 26 1.01 -10.45 -7.77
CA LEU A 26 1.39 -9.47 -8.80
C LEU A 26 2.79 -8.88 -8.51
N LEU A 27 3.04 -8.55 -7.23
CA LEU A 27 4.34 -7.98 -6.78
C LEU A 27 5.47 -9.01 -6.96
N ALA A 28 5.17 -10.27 -6.60
CA ALA A 28 6.13 -11.39 -6.66
C ALA A 28 6.51 -11.74 -8.11
N ARG A 29 5.53 -11.62 -9.01
CA ARG A 29 5.68 -11.90 -10.44
C ARG A 29 6.41 -10.73 -11.15
N ALA A 30 6.20 -9.51 -10.62
CA ALA A 30 6.67 -8.27 -11.28
C ALA A 30 8.10 -7.88 -10.87
N GLY A 31 8.33 -7.61 -9.57
CA GLY A 31 9.57 -7.03 -9.08
C GLY A 31 10.24 -7.86 -7.99
N ARG A 32 9.39 -8.24 -7.01
CA ARG A 32 9.75 -9.02 -5.79
C ARG A 32 11.02 -8.49 -5.06
N ASP A 33 11.15 -7.16 -4.95
CA ASP A 33 12.35 -6.52 -4.39
C ASP A 33 12.10 -5.00 -4.28
N GLY A 34 11.55 -4.58 -3.12
CA GLY A 34 11.23 -3.17 -2.87
C GLY A 34 9.88 -2.78 -3.46
N SER A 35 9.10 -3.80 -3.88
CA SER A 35 7.87 -3.65 -4.67
C SER A 35 6.67 -3.33 -3.76
N PHE A 36 6.04 -2.16 -3.96
CA PHE A 36 4.89 -1.75 -3.13
C PHE A 36 3.69 -1.40 -4.02
N LEU A 37 2.50 -1.44 -3.41
CA LEU A 37 1.28 -0.88 -3.99
C LEU A 37 0.31 -0.48 -2.87
N VAL A 38 -0.69 0.31 -3.24
CA VAL A 38 -1.83 0.65 -2.41
C VAL A 38 -3.06 0.14 -3.18
N ARG A 39 -4.09 -0.24 -2.45
CA ARG A 39 -5.32 -0.79 -3.01
C ARG A 39 -6.46 -0.52 -2.02
N ASP A 40 -7.66 -0.98 -2.34
CA ASP A 40 -8.76 -1.06 -1.36
C ASP A 40 -8.71 -2.48 -0.76
N SER A 41 -8.96 -2.57 0.54
CA SER A 41 -9.30 -3.86 1.18
C SER A 41 -10.67 -4.32 0.60
N GLU A 42 -10.87 -5.64 0.44
CA GLU A 42 -11.89 -6.21 -0.50
C GLU A 42 -13.34 -5.88 -0.08
N SER A 43 -13.79 -4.65 -0.44
CA SER A 43 -15.15 -4.12 -0.14
C SER A 43 -15.55 -4.28 1.36
N VAL A 44 -14.53 -4.22 2.23
CA VAL A 44 -14.65 -4.58 3.66
C VAL A 44 -15.46 -3.55 4.47
N ALA A 45 -15.18 -2.25 4.25
CA ALA A 45 -15.70 -1.15 5.10
C ALA A 45 -15.33 0.24 4.51
N GLY A 46 -14.79 0.26 3.28
CA GLY A 46 -14.24 1.48 2.67
C GLY A 46 -12.79 1.72 3.10
N ALA A 47 -12.13 0.65 3.57
CA ALA A 47 -10.74 0.68 4.06
C ALA A 47 -9.74 0.37 2.93
N PHE A 48 -8.50 0.86 3.10
CA PHE A 48 -7.38 0.65 2.14
C PHE A 48 -6.37 -0.36 2.71
N ALA A 49 -5.57 -0.99 1.82
CA ALA A 49 -4.41 -1.79 2.22
C ALA A 49 -3.16 -1.36 1.46
N LEU A 50 -2.01 -1.35 2.16
CA LEU A 50 -0.69 -1.01 1.61
C LEU A 50 0.17 -2.28 1.68
N CYS A 51 0.43 -2.90 0.52
CA CYS A 51 1.16 -4.19 0.43
C CYS A 51 2.58 -3.90 -0.07
N VAL A 52 3.58 -4.15 0.80
CA VAL A 52 5.01 -3.85 0.52
C VAL A 52 5.81 -5.15 0.60
N LEU A 53 6.67 -5.38 -0.40
CA LEU A 53 7.43 -6.61 -0.59
C LEU A 53 8.91 -6.28 -0.77
N TYR A 54 9.77 -7.11 -0.17
CA TYR A 54 11.22 -7.01 -0.26
C TYR A 54 11.79 -8.40 -0.01
N GLN A 55 12.45 -8.96 -1.05
CA GLN A 55 13.14 -10.27 -1.00
C GLN A 55 12.38 -11.37 -0.22
N LYS A 56 11.27 -11.85 -0.84
CA LYS A 56 10.39 -12.90 -0.28
C LYS A 56 9.77 -12.54 1.09
N HIS A 57 9.66 -11.24 1.40
CA HIS A 57 9.07 -10.76 2.66
C HIS A 57 8.05 -9.64 2.36
N VAL A 58 6.76 -9.98 2.47
CA VAL A 58 5.65 -9.05 2.24
C VAL A 58 5.06 -8.63 3.58
N HIS A 59 5.28 -7.38 3.99
CA HIS A 59 4.63 -6.80 5.15
C HIS A 59 3.52 -5.88 4.63
N THR A 60 2.28 -6.14 5.07
CA THR A 60 1.07 -5.49 4.56
C THR A 60 0.39 -4.74 5.72
N TYR A 61 -0.17 -3.56 5.41
CA TYR A 61 -0.71 -2.64 6.41
C TYR A 61 -2.17 -2.35 6.01
N ARG A 62 -3.13 -3.02 6.68
CA ARG A 62 -4.56 -2.81 6.40
C ARG A 62 -5.02 -1.56 7.14
N ILE A 63 -5.08 -0.47 6.40
CA ILE A 63 -5.53 0.84 6.89
C ILE A 63 -7.07 0.85 7.01
N LEU A 64 -7.55 0.88 8.25
CA LEU A 64 -8.98 0.86 8.61
C LEU A 64 -9.32 2.24 9.22
N PRO A 65 -9.99 3.16 8.44
CA PRO A 65 -10.54 4.41 9.01
C PRO A 65 -11.53 4.11 10.14
N ASP A 66 -12.59 3.32 9.79
CA ASP A 66 -13.59 2.79 10.74
C ASP A 66 -14.24 3.95 11.53
N GLY A 67 -14.41 5.05 10.79
CA GLY A 67 -14.71 6.38 11.33
C GLY A 67 -14.21 7.44 10.34
N GLU A 68 -14.43 8.74 10.64
CA GLU A 68 -14.07 9.84 9.70
C GLU A 68 -12.86 10.63 10.24
N ASP A 69 -12.53 10.41 11.53
CA ASP A 69 -11.48 11.18 12.24
C ASP A 69 -10.09 10.90 11.63
N PHE A 70 -9.41 9.82 12.06
CA PHE A 70 -8.13 9.40 11.47
C PHE A 70 -8.12 7.90 11.12
N LEU A 71 -7.24 7.56 10.17
CA LEU A 71 -6.85 6.21 9.79
C LEU A 71 -5.33 6.08 10.00
N ALA A 72 -4.93 5.28 10.99
CA ALA A 72 -3.52 5.12 11.40
C ALA A 72 -2.91 3.87 10.75
N VAL A 73 -1.72 4.04 10.16
CA VAL A 73 -1.01 2.97 9.44
C VAL A 73 0.07 2.38 10.36
N GLN A 74 -0.11 1.11 10.76
CA GLN A 74 0.70 0.49 11.81
C GLN A 74 1.92 -0.21 11.17
N THR A 75 3.05 0.51 11.13
CA THR A 75 4.32 0.02 10.55
C THR A 75 4.92 -1.16 11.35
N SER A 76 4.61 -1.20 12.64
CA SER A 76 5.14 -2.19 13.58
C SER A 76 4.04 -2.61 14.59
N GLN A 77 4.44 -3.36 15.63
CA GLN A 77 3.54 -3.97 16.63
C GLN A 77 2.61 -2.94 17.28
N GLY A 78 3.19 -1.89 17.85
CA GLY A 78 2.43 -0.79 18.44
C GLY A 78 3.33 0.36 18.84
N VAL A 79 4.26 0.70 17.94
CA VAL A 79 5.20 1.84 18.13
C VAL A 79 4.46 3.20 18.05
N PRO A 80 5.09 4.34 18.48
CA PRO A 80 4.58 5.72 18.19
C PRO A 80 4.72 6.11 16.69
N VAL A 81 4.18 5.24 15.81
CA VAL A 81 3.86 5.53 14.40
C VAL A 81 2.91 6.76 14.26
N ARG A 82 2.60 7.16 13.02
CA ARG A 82 1.91 8.43 12.74
C ARG A 82 0.48 8.12 12.27
N ARG A 83 -0.48 8.94 12.72
CA ARG A 83 -1.90 8.79 12.37
C ARG A 83 -2.20 9.72 11.19
N PHE A 84 -2.76 9.16 10.12
CA PHE A 84 -3.04 9.91 8.87
C PHE A 84 -4.53 10.06 8.67
N GLN A 85 -4.89 10.94 7.76
CA GLN A 85 -6.28 11.08 7.26
C GLN A 85 -6.27 11.13 5.71
N THR A 86 -5.05 11.15 5.14
CA THR A 86 -4.81 11.34 3.70
C THR A 86 -3.66 10.43 3.23
N LEU A 87 -3.86 9.78 2.07
CA LEU A 87 -2.87 8.86 1.46
C LEU A 87 -1.60 9.63 1.02
N GLY A 88 -1.76 10.93 0.68
CA GLY A 88 -0.62 11.80 0.34
C GLY A 88 0.44 11.92 1.44
N GLU A 89 -0.03 12.14 2.68
CA GLU A 89 0.84 12.22 3.88
C GLU A 89 1.52 10.86 4.17
N LEU A 90 0.76 9.79 3.91
CA LEU A 90 1.19 8.38 4.06
C LEU A 90 2.42 8.10 3.16
N ILE A 91 2.20 8.20 1.84
CA ILE A 91 3.23 7.88 0.81
C ILE A 91 4.45 8.77 0.96
N GLY A 92 4.20 10.07 1.19
CA GLY A 92 5.24 11.07 1.40
C GLY A 92 6.21 10.71 2.52
N LEU A 93 5.67 10.34 3.68
CA LEU A 93 6.46 9.91 4.84
C LEU A 93 7.17 8.58 4.52
N TYR A 94 6.38 7.54 4.22
CA TYR A 94 6.86 6.13 4.17
C TYR A 94 7.76 5.82 2.96
N ALA A 95 7.91 6.80 2.05
CA ALA A 95 8.96 6.79 1.02
C ALA A 95 10.39 6.75 1.65
N GLN A 96 10.49 7.07 2.95
CA GLN A 96 11.75 6.95 3.73
C GLN A 96 11.78 5.53 4.37
N PRO A 97 12.98 4.91 4.53
CA PRO A 97 13.13 3.64 5.27
C PRO A 97 13.46 3.87 6.76
N ASN A 98 13.86 2.79 7.45
CA ASN A 98 14.29 2.79 8.87
C ASN A 98 13.26 3.47 9.79
N GLN A 99 12.05 2.86 9.83
CA GLN A 99 10.88 3.34 10.62
C GLN A 99 9.70 2.34 10.57
N GLY A 100 9.91 1.17 9.95
CA GLY A 100 8.88 0.12 9.83
C GLY A 100 8.73 -0.39 8.40
N LEU A 101 8.98 0.50 7.42
CA LEU A 101 8.96 0.13 5.99
C LEU A 101 10.31 -0.49 5.59
N VAL A 102 10.32 -1.83 5.59
CA VAL A 102 11.50 -2.70 5.34
C VAL A 102 12.36 -2.29 4.11
N CYS A 103 11.70 -1.74 3.07
CA CYS A 103 12.38 -1.30 1.82
C CYS A 103 11.97 0.11 1.43
N ALA A 104 11.13 0.76 2.28
CA ALA A 104 10.48 2.05 1.99
C ALA A 104 9.46 1.88 0.84
N LEU A 105 8.80 2.99 0.47
CA LEU A 105 8.00 3.05 -0.75
C LEU A 105 8.91 3.54 -1.89
N LEU A 106 9.67 2.58 -2.47
CA LEU A 106 10.74 2.88 -3.45
C LEU A 106 10.36 2.41 -4.87
N LEU A 107 10.16 1.10 -5.04
CA LEU A 107 9.79 0.51 -6.36
C LEU A 107 8.30 0.18 -6.34
N PRO A 108 7.44 0.82 -7.18
CA PRO A 108 6.02 0.44 -7.27
C PRO A 108 5.89 -0.93 -8.00
N VAL A 109 5.74 -0.91 -9.34
CA VAL A 109 5.76 -2.12 -10.20
C VAL A 109 6.29 -1.67 -11.59
N MET A 1 -19.74 21.34 -29.74
CA MET A 1 -20.81 20.84 -28.85
C MET A 1 -20.44 19.45 -28.31
N GLY A 2 -20.37 19.33 -26.96
CA GLY A 2 -20.30 18.03 -26.28
C GLY A 2 -18.90 17.43 -26.14
N HIS A 3 -18.09 17.53 -27.22
CA HIS A 3 -16.79 16.85 -27.35
C HIS A 3 -15.83 17.13 -26.17
N HIS A 4 -15.78 16.18 -25.22
CA HIS A 4 -14.80 16.14 -24.13
C HIS A 4 -14.32 14.69 -24.00
N HIS A 5 -15.26 13.81 -23.57
CA HIS A 5 -15.06 12.34 -23.46
C HIS A 5 -13.78 12.01 -22.65
N HIS A 6 -13.71 12.56 -21.42
CA HIS A 6 -12.56 12.38 -20.50
C HIS A 6 -13.05 12.44 -19.04
N HIS A 7 -12.66 11.45 -18.23
CA HIS A 7 -12.90 11.42 -16.78
C HIS A 7 -11.61 11.05 -16.06
N HIS A 8 -11.40 11.61 -14.86
CA HIS A 8 -10.17 11.45 -14.06
C HIS A 8 -9.95 9.97 -13.66
N SER A 9 -9.29 9.21 -14.56
CA SER A 9 -8.91 7.82 -14.34
C SER A 9 -7.66 7.78 -13.43
N HIS A 10 -7.90 7.55 -12.13
CA HIS A 10 -6.84 7.59 -11.09
C HIS A 10 -6.08 6.25 -11.05
N MET A 11 -5.29 6.00 -12.10
CA MET A 11 -4.42 4.81 -12.21
C MET A 11 -3.02 5.16 -11.67
N SER A 12 -2.51 4.31 -10.75
CA SER A 12 -1.21 4.50 -10.06
C SER A 12 -0.90 3.24 -9.21
N TRP A 13 -0.32 3.43 -8.00
CA TRP A 13 -0.10 2.32 -7.03
C TRP A 13 -1.46 1.88 -6.43
N TYR A 14 -2.48 2.76 -6.56
CA TYR A 14 -3.84 2.50 -6.08
C TYR A 14 -4.62 1.70 -7.13
N HIS A 15 -5.25 0.62 -6.68
CA HIS A 15 -6.10 -0.27 -7.51
C HIS A 15 -7.42 -0.46 -6.74
N ARG A 16 -8.55 -0.47 -7.46
CA ARG A 16 -9.89 -0.42 -6.83
C ARG A 16 -10.19 -1.70 -6.00
N ASP A 17 -10.06 -2.88 -6.60
CA ASP A 17 -10.23 -4.17 -5.87
C ASP A 17 -9.47 -5.31 -6.58
N LEU A 18 -8.15 -5.25 -6.45
CA LEU A 18 -7.28 -6.40 -6.66
C LEU A 18 -7.07 -7.06 -5.27
N SER A 19 -7.18 -8.40 -5.22
CA SER A 19 -7.15 -9.17 -3.96
C SER A 19 -5.76 -9.07 -3.32
N ARG A 20 -5.69 -9.07 -1.98
CA ARG A 20 -4.41 -8.91 -1.26
C ARG A 20 -3.47 -10.10 -1.52
N ALA A 21 -4.04 -11.32 -1.52
CA ALA A 21 -3.33 -12.54 -1.92
C ALA A 21 -2.72 -12.40 -3.35
N ALA A 22 -3.59 -11.99 -4.29
CA ALA A 22 -3.20 -11.77 -5.70
C ALA A 22 -2.17 -10.62 -5.82
N ALA A 23 -2.24 -9.65 -4.89
CA ALA A 23 -1.36 -8.46 -4.86
C ALA A 23 0.09 -8.83 -4.49
N GLU A 24 0.25 -9.68 -3.45
CA GLU A 24 1.57 -10.22 -3.03
C GLU A 24 2.26 -10.94 -4.20
N GLU A 25 1.46 -11.76 -4.89
CA GLU A 25 1.91 -12.52 -6.08
C GLU A 25 2.23 -11.55 -7.25
N LEU A 26 1.37 -10.52 -7.38
CA LEU A 26 1.50 -9.47 -8.42
C LEU A 26 2.84 -8.74 -8.25
N LEU A 27 3.21 -8.46 -6.99
CA LEU A 27 4.47 -7.79 -6.64
C LEU A 27 5.67 -8.69 -6.99
N ALA A 28 5.54 -9.99 -6.66
CA ALA A 28 6.61 -10.99 -6.91
C ALA A 28 6.99 -11.10 -8.39
N ARG A 29 6.00 -10.92 -9.26
CA ARG A 29 6.19 -10.97 -10.72
C ARG A 29 6.60 -9.60 -11.31
N ALA A 30 5.93 -8.53 -10.83
CA ALA A 30 6.01 -7.20 -11.48
C ALA A 30 7.29 -6.42 -11.09
N GLY A 31 7.43 -6.11 -9.78
CA GLY A 31 8.61 -5.36 -9.28
C GLY A 31 9.72 -6.28 -8.76
N ARG A 32 9.27 -7.40 -8.19
CA ARG A 32 10.08 -8.53 -7.69
C ARG A 32 10.94 -8.20 -6.42
N ASP A 33 10.85 -6.94 -5.90
CA ASP A 33 11.69 -6.48 -4.77
C ASP A 33 11.43 -4.99 -4.51
N GLY A 34 11.06 -4.64 -3.26
CA GLY A 34 10.82 -3.23 -2.87
C GLY A 34 9.50 -2.69 -3.43
N SER A 35 8.72 -3.58 -4.05
CA SER A 35 7.52 -3.22 -4.79
C SER A 35 6.35 -3.04 -3.81
N PHE A 36 5.53 -2.00 -4.01
CA PHE A 36 4.38 -1.71 -3.13
C PHE A 36 3.16 -1.31 -3.95
N LEU A 37 1.99 -1.47 -3.33
CA LEU A 37 0.70 -1.05 -3.89
C LEU A 37 -0.30 -0.80 -2.75
N VAL A 38 -1.41 -0.13 -3.08
CA VAL A 38 -2.53 0.09 -2.15
C VAL A 38 -3.82 -0.27 -2.90
N ARG A 39 -4.69 -1.10 -2.30
CA ARG A 39 -6.05 -1.33 -2.82
C ARG A 39 -7.07 -0.94 -1.77
N ASP A 40 -8.36 -1.10 -2.13
CA ASP A 40 -9.47 -0.96 -1.18
C ASP A 40 -9.78 -2.35 -0.60
N SER A 41 -10.06 -2.38 0.71
CA SER A 41 -10.38 -3.61 1.45
C SER A 41 -11.76 -4.17 1.08
N GLU A 42 -12.01 -5.44 1.40
CA GLU A 42 -13.27 -6.15 1.08
C GLU A 42 -14.11 -6.36 2.37
N SER A 43 -13.43 -6.50 3.51
CA SER A 43 -14.06 -6.68 4.83
C SER A 43 -14.32 -5.31 5.49
N VAL A 44 -13.24 -4.54 5.68
CA VAL A 44 -13.30 -3.25 6.37
C VAL A 44 -13.66 -2.14 5.37
N ALA A 45 -14.91 -1.67 5.46
CA ALA A 45 -15.48 -0.68 4.53
C ALA A 45 -14.74 0.68 4.61
N GLY A 46 -14.12 1.10 3.49
CA GLY A 46 -13.43 2.40 3.38
C GLY A 46 -11.95 2.34 3.75
N ALA A 47 -11.46 1.14 4.12
CA ALA A 47 -10.06 0.95 4.55
C ALA A 47 -9.14 0.60 3.36
N PHE A 48 -7.87 0.98 3.48
CA PHE A 48 -6.86 0.81 2.42
C PHE A 48 -5.81 -0.25 2.80
N ALA A 49 -5.56 -1.20 1.89
CA ALA A 49 -4.61 -2.30 2.09
C ALA A 49 -3.27 -1.99 1.38
N LEU A 50 -2.18 -1.81 2.16
CA LEU A 50 -0.84 -1.46 1.63
C LEU A 50 0.05 -2.71 1.71
N CYS A 51 0.36 -3.32 0.57
CA CYS A 51 1.16 -4.54 0.50
C CYS A 51 2.52 -4.20 -0.13
N VAL A 52 3.61 -4.51 0.58
CA VAL A 52 4.99 -4.17 0.18
C VAL A 52 5.89 -5.42 0.24
N LEU A 53 6.41 -5.82 -0.91
CA LEU A 53 7.39 -6.92 -1.04
C LEU A 53 8.81 -6.36 -0.84
N TYR A 54 9.68 -7.14 -0.17
CA TYR A 54 11.12 -6.88 -0.12
C TYR A 54 11.87 -8.16 0.34
N GLN A 55 12.87 -8.56 -0.46
CA GLN A 55 13.80 -9.68 -0.17
C GLN A 55 13.08 -10.96 0.31
N LYS A 56 12.22 -11.53 -0.58
CA LYS A 56 11.44 -12.76 -0.32
C LYS A 56 10.55 -12.63 0.96
N HIS A 57 10.11 -11.40 1.25
CA HIS A 57 9.21 -11.10 2.38
C HIS A 57 8.18 -10.04 1.98
N VAL A 58 6.93 -10.45 1.76
CA VAL A 58 5.83 -9.51 1.52
C VAL A 58 5.15 -9.21 2.86
N HIS A 59 5.08 -7.93 3.26
CA HIS A 59 4.38 -7.51 4.48
C HIS A 59 3.19 -6.62 4.09
N THR A 60 2.05 -6.80 4.78
CA THR A 60 0.82 -6.02 4.54
C THR A 60 0.56 -5.11 5.75
N TYR A 61 0.18 -3.85 5.47
CA TYR A 61 -0.09 -2.82 6.46
C TYR A 61 -1.47 -2.26 6.11
N ARG A 62 -2.49 -2.69 6.86
CA ARG A 62 -3.88 -2.31 6.60
C ARG A 62 -4.18 -0.97 7.27
N ILE A 63 -4.21 0.09 6.44
CA ILE A 63 -4.72 1.40 6.86
C ILE A 63 -6.25 1.34 7.01
N LEU A 64 -6.75 1.81 8.15
CA LEU A 64 -8.18 2.01 8.40
C LEU A 64 -8.40 3.33 9.17
N PRO A 65 -9.46 4.12 8.81
CA PRO A 65 -9.89 5.27 9.63
C PRO A 65 -10.80 4.82 10.79
N ASP A 66 -10.29 4.93 12.03
CA ASP A 66 -11.00 4.45 13.23
C ASP A 66 -12.23 5.34 13.50
N GLY A 67 -11.98 6.65 13.69
CA GLY A 67 -13.05 7.63 13.90
C GLY A 67 -13.43 8.35 12.61
N GLU A 68 -13.34 7.64 11.45
CA GLU A 68 -13.74 8.12 10.09
C GLU A 68 -12.86 9.24 9.49
N ASP A 69 -12.33 10.14 10.34
CA ASP A 69 -11.73 11.43 9.90
C ASP A 69 -10.23 11.27 9.59
N PHE A 70 -9.50 10.64 10.52
CA PHE A 70 -8.06 10.34 10.37
C PHE A 70 -7.92 8.84 10.03
N LEU A 71 -7.06 8.51 9.06
CA LEU A 71 -6.70 7.12 8.74
C LEU A 71 -5.29 6.83 9.22
N ALA A 72 -4.98 5.58 9.57
CA ALA A 72 -3.73 5.23 10.26
C ALA A 72 -3.11 3.94 9.71
N VAL A 73 -1.79 3.97 9.45
CA VAL A 73 -1.03 2.77 9.11
C VAL A 73 -0.61 2.10 10.41
N GLN A 74 -0.75 0.78 10.48
CA GLN A 74 -0.48 0.01 11.69
C GLN A 74 0.92 -0.57 11.51
N THR A 75 1.93 0.14 12.04
CA THR A 75 3.35 -0.15 11.79
C THR A 75 3.82 -1.35 12.64
N SER A 76 3.81 -1.18 13.97
CA SER A 76 4.19 -2.22 14.94
C SER A 76 3.97 -1.70 16.36
N GLN A 77 3.47 -2.56 17.25
CA GLN A 77 3.44 -2.27 18.69
C GLN A 77 4.88 -2.48 19.22
N GLY A 78 5.67 -1.40 19.22
CA GLY A 78 7.10 -1.45 19.43
C GLY A 78 7.76 -0.19 18.87
N VAL A 79 7.10 0.40 17.85
CA VAL A 79 7.50 1.68 17.23
C VAL A 79 6.27 2.63 17.23
N PRO A 80 6.45 4.00 17.18
CA PRO A 80 5.31 4.96 17.17
C PRO A 80 4.38 4.79 15.94
N VAL A 81 3.05 4.85 16.19
CA VAL A 81 2.01 4.76 15.13
C VAL A 81 1.61 6.18 14.72
N ARG A 82 1.50 6.44 13.41
CA ARG A 82 1.20 7.76 12.85
C ARG A 82 -0.18 7.74 12.16
N ARG A 83 -1.04 8.74 12.48
CA ARG A 83 -2.34 8.95 11.82
C ARG A 83 -2.20 10.11 10.82
N PHE A 84 -3.07 10.15 9.80
CA PHE A 84 -2.97 11.08 8.66
C PHE A 84 -4.36 11.62 8.35
N GLN A 85 -4.40 12.75 7.63
CA GLN A 85 -5.64 13.35 7.12
C GLN A 85 -5.93 12.76 5.72
N THR A 86 -4.86 12.27 5.04
CA THR A 86 -4.91 11.75 3.66
C THR A 86 -3.76 10.74 3.42
N LEU A 87 -3.97 9.82 2.46
CA LEU A 87 -2.97 8.81 2.02
C LEU A 87 -1.66 9.47 1.49
N GLY A 88 -1.80 10.65 0.88
CA GLY A 88 -0.66 11.42 0.33
C GLY A 88 0.45 11.69 1.35
N GLU A 89 0.04 11.97 2.60
CA GLU A 89 0.97 12.22 3.72
C GLU A 89 1.74 10.94 4.08
N LEU A 90 1.02 9.80 4.01
CA LEU A 90 1.59 8.48 4.28
C LEU A 90 2.72 8.17 3.30
N ILE A 91 2.42 8.19 2.00
CA ILE A 91 3.38 7.83 0.94
C ILE A 91 4.68 8.68 1.01
N GLY A 92 4.51 10.00 1.21
CA GLY A 92 5.64 10.93 1.34
C GLY A 92 6.53 10.66 2.56
N LEU A 93 5.91 10.57 3.75
CA LEU A 93 6.60 10.34 5.04
C LEU A 93 7.21 8.93 5.13
N TYR A 94 6.43 7.93 4.69
CA TYR A 94 6.78 6.49 4.78
C TYR A 94 7.59 6.01 3.58
N ALA A 95 8.03 6.95 2.73
CA ALA A 95 9.18 6.73 1.84
C ALA A 95 10.53 6.63 2.65
N GLN A 96 10.46 6.71 4.00
CA GLN A 96 11.62 6.52 4.91
C GLN A 96 11.58 5.10 5.56
N PRO A 97 12.70 4.30 5.46
CA PRO A 97 12.83 3.00 6.21
C PRO A 97 13.05 3.20 7.73
N ASN A 98 13.22 2.06 8.46
CA ASN A 98 13.38 2.00 9.94
C ASN A 98 12.21 2.71 10.69
N GLN A 99 11.02 2.70 10.05
CA GLN A 99 9.83 3.45 10.53
C GLN A 99 8.53 2.65 10.30
N GLY A 100 8.66 1.31 10.20
CA GLY A 100 7.51 0.41 10.10
C GLY A 100 7.55 -0.45 8.85
N LEU A 101 7.98 0.17 7.73
CA LEU A 101 7.98 -0.46 6.41
C LEU A 101 9.33 -1.18 6.15
N VAL A 102 9.21 -2.49 5.80
CA VAL A 102 10.33 -3.42 5.40
C VAL A 102 11.61 -2.73 4.84
N CYS A 103 11.43 -1.78 3.90
CA CYS A 103 12.55 -1.01 3.30
C CYS A 103 11.99 0.27 2.65
N ALA A 104 10.87 0.77 3.23
CA ALA A 104 10.10 1.92 2.71
C ALA A 104 9.37 1.59 1.40
N LEU A 105 8.71 2.62 0.86
CA LEU A 105 7.98 2.54 -0.41
C LEU A 105 8.95 2.80 -1.59
N LEU A 106 9.39 1.73 -2.28
CA LEU A 106 10.41 1.82 -3.34
C LEU A 106 9.80 1.83 -4.77
N LEU A 107 9.05 0.78 -5.17
CA LEU A 107 8.53 0.65 -6.57
C LEU A 107 6.98 0.62 -6.59
N PRO A 108 6.28 1.74 -6.99
CA PRO A 108 4.79 1.79 -7.06
C PRO A 108 4.23 0.99 -8.25
N VAL A 109 3.49 -0.09 -7.96
CA VAL A 109 2.93 -0.98 -9.00
C VAL A 109 1.39 -0.84 -9.02
N MET A 1 -16.07 11.14 -38.08
CA MET A 1 -16.42 9.71 -37.86
C MET A 1 -15.39 9.09 -36.89
N GLY A 2 -15.88 8.31 -35.91
CA GLY A 2 -15.06 7.72 -34.85
C GLY A 2 -15.08 8.57 -33.59
N HIS A 3 -16.29 8.70 -33.01
CA HIS A 3 -16.50 9.54 -31.80
C HIS A 3 -15.85 8.90 -30.56
N HIS A 4 -14.54 9.17 -30.36
CA HIS A 4 -13.75 8.68 -29.24
C HIS A 4 -12.40 9.41 -29.21
N HIS A 5 -12.28 10.40 -28.32
CA HIS A 5 -11.04 11.18 -28.11
C HIS A 5 -10.62 11.14 -26.62
N HIS A 6 -11.25 10.24 -25.84
CA HIS A 6 -10.89 9.99 -24.44
C HIS A 6 -9.93 8.78 -24.38
N HIS A 7 -8.65 9.06 -24.16
CA HIS A 7 -7.61 8.07 -23.90
C HIS A 7 -6.69 8.63 -22.81
N HIS A 8 -7.21 8.63 -21.57
CA HIS A 8 -6.50 9.17 -20.39
C HIS A 8 -5.86 8.02 -19.60
N SER A 9 -4.52 7.98 -19.58
CA SER A 9 -3.74 7.02 -18.78
C SER A 9 -3.02 7.77 -17.63
N HIS A 10 -2.69 7.04 -16.54
CA HIS A 10 -1.85 7.56 -15.43
C HIS A 10 -1.50 6.40 -14.49
N MET A 11 -2.51 5.53 -14.24
CA MET A 11 -2.43 4.35 -13.34
C MET A 11 -2.11 4.77 -11.86
N SER A 12 -1.93 3.77 -10.97
CA SER A 12 -1.78 4.02 -9.52
C SER A 12 -1.30 2.77 -8.78
N TRP A 13 -0.75 2.96 -7.56
CA TRP A 13 -0.44 1.86 -6.63
C TRP A 13 -1.74 1.42 -5.91
N TYR A 14 -2.75 2.31 -5.92
CA TYR A 14 -4.05 2.01 -5.33
C TYR A 14 -4.85 1.18 -6.33
N HIS A 15 -4.84 -0.15 -6.13
CA HIS A 15 -5.46 -1.12 -7.05
C HIS A 15 -6.84 -1.53 -6.51
N ARG A 16 -7.88 -1.24 -7.33
CA ARG A 16 -9.30 -1.53 -7.02
C ARG A 16 -9.74 -2.90 -7.55
N ASP A 17 -8.88 -3.54 -8.35
CA ASP A 17 -9.20 -4.81 -9.05
C ASP A 17 -8.42 -5.98 -8.43
N LEU A 18 -7.47 -5.66 -7.56
CA LEU A 18 -6.44 -6.59 -7.07
C LEU A 18 -6.63 -6.89 -5.57
N SER A 19 -6.60 -8.20 -5.24
CA SER A 19 -6.76 -8.71 -3.86
C SER A 19 -5.40 -8.79 -3.14
N ARG A 20 -5.39 -9.30 -1.89
CA ARG A 20 -4.15 -9.57 -1.09
C ARG A 20 -3.26 -10.62 -1.79
N ALA A 21 -3.86 -11.77 -2.17
CA ALA A 21 -3.16 -12.83 -2.90
C ALA A 21 -2.60 -12.31 -4.24
N ALA A 22 -3.44 -11.53 -4.95
CA ALA A 22 -3.03 -10.88 -6.21
C ALA A 22 -1.94 -9.83 -5.98
N ALA A 23 -1.94 -9.21 -4.79
CA ALA A 23 -0.94 -8.19 -4.42
C ALA A 23 0.45 -8.84 -4.32
N GLU A 24 0.56 -9.85 -3.45
CA GLU A 24 1.79 -10.61 -3.18
C GLU A 24 2.41 -11.16 -4.48
N GLU A 25 1.55 -11.70 -5.35
CA GLU A 25 1.97 -12.31 -6.62
C GLU A 25 2.51 -11.24 -7.57
N LEU A 26 1.66 -10.24 -7.87
CA LEU A 26 1.95 -9.19 -8.86
C LEU A 26 3.19 -8.37 -8.43
N LEU A 27 3.39 -8.18 -7.11
CA LEU A 27 4.59 -7.47 -6.59
C LEU A 27 5.84 -8.33 -6.85
N ALA A 28 5.74 -9.65 -6.58
CA ALA A 28 6.86 -10.61 -6.76
C ALA A 28 7.27 -10.76 -8.23
N ARG A 29 6.31 -10.52 -9.13
CA ARG A 29 6.55 -10.60 -10.57
C ARG A 29 7.08 -9.26 -11.13
N ALA A 30 6.40 -8.17 -10.77
CA ALA A 30 6.63 -6.83 -11.36
C ALA A 30 7.90 -6.17 -10.81
N GLY A 31 7.96 -5.98 -9.49
CA GLY A 31 9.08 -5.27 -8.85
C GLY A 31 10.14 -6.21 -8.30
N ARG A 32 9.66 -7.26 -7.59
CA ARG A 32 10.48 -8.27 -6.86
C ARG A 32 11.56 -7.63 -5.94
N ASP A 33 11.32 -6.39 -5.46
CA ASP A 33 12.31 -5.61 -4.69
C ASP A 33 11.73 -4.22 -4.38
N GLY A 34 11.17 -4.06 -3.17
CA GLY A 34 10.67 -2.74 -2.71
C GLY A 34 9.39 -2.31 -3.40
N SER A 35 8.68 -3.29 -3.96
CA SER A 35 7.42 -3.09 -4.68
C SER A 35 6.27 -2.98 -3.67
N PHE A 36 5.51 -1.87 -3.73
CA PHE A 36 4.39 -1.62 -2.80
C PHE A 36 3.13 -1.27 -3.59
N LEU A 37 1.98 -1.44 -2.94
CA LEU A 37 0.67 -0.97 -3.42
C LEU A 37 -0.30 -0.80 -2.23
N VAL A 38 -1.41 -0.09 -2.45
CA VAL A 38 -2.50 0.06 -1.47
C VAL A 38 -3.80 -0.43 -2.13
N ARG A 39 -4.75 -0.88 -1.31
CA ARG A 39 -6.04 -1.45 -1.75
C ARG A 39 -7.06 -1.29 -0.62
N ASP A 40 -8.25 -1.86 -0.81
CA ASP A 40 -9.31 -1.90 0.23
C ASP A 40 -9.12 -3.19 1.02
N SER A 41 -8.91 -3.09 2.36
CA SER A 41 -8.57 -4.23 3.23
C SER A 41 -9.62 -5.36 3.21
N GLU A 42 -9.17 -6.53 3.62
CA GLU A 42 -9.93 -7.79 3.70
C GLU A 42 -9.90 -8.29 5.15
N SER A 43 -8.80 -7.95 5.86
CA SER A 43 -8.64 -8.22 7.29
C SER A 43 -9.64 -7.38 8.09
N VAL A 44 -9.85 -6.12 7.64
CA VAL A 44 -10.79 -5.18 8.25
C VAL A 44 -11.73 -4.64 7.16
N ALA A 45 -13.05 -4.87 7.33
CA ALA A 45 -14.09 -4.36 6.41
C ALA A 45 -14.19 -2.82 6.46
N GLY A 46 -14.25 -2.17 5.28
CA GLY A 46 -14.38 -0.71 5.19
C GLY A 46 -13.04 0.02 5.31
N ALA A 47 -11.96 -0.75 5.51
CA ALA A 47 -10.59 -0.24 5.73
C ALA A 47 -9.74 -0.34 4.47
N PHE A 48 -8.49 0.15 4.57
CA PHE A 48 -7.48 0.04 3.49
C PHE A 48 -6.36 -0.90 3.93
N ALA A 49 -5.65 -1.51 2.96
CA ALA A 49 -4.47 -2.35 3.22
C ALA A 49 -3.30 -1.91 2.32
N LEU A 50 -2.08 -1.96 2.87
CA LEU A 50 -0.83 -1.59 2.19
C LEU A 50 0.04 -2.85 2.11
N CYS A 51 0.26 -3.36 0.90
CA CYS A 51 1.06 -4.57 0.68
C CYS A 51 2.45 -4.15 0.15
N VAL A 52 3.51 -4.49 0.89
CA VAL A 52 4.89 -4.11 0.57
C VAL A 52 5.75 -5.39 0.51
N LEU A 53 6.63 -5.48 -0.49
CA LEU A 53 7.53 -6.62 -0.69
C LEU A 53 8.99 -6.21 -0.44
N TYR A 54 9.72 -7.08 0.26
CA TYR A 54 11.16 -6.96 0.50
C TYR A 54 11.79 -8.35 0.42
N GLN A 55 12.46 -8.65 -0.70
CA GLN A 55 13.28 -9.87 -0.91
C GLN A 55 12.60 -11.16 -0.38
N LYS A 56 11.55 -11.58 -1.10
CA LYS A 56 10.71 -12.75 -0.76
C LYS A 56 10.12 -12.65 0.68
N HIS A 57 9.73 -11.43 1.07
CA HIS A 57 8.99 -11.20 2.32
C HIS A 57 7.94 -10.10 2.07
N VAL A 58 6.68 -10.51 1.93
CA VAL A 58 5.55 -9.59 1.71
C VAL A 58 4.79 -9.43 3.02
N HIS A 59 4.53 -8.19 3.43
CA HIS A 59 3.63 -7.88 4.55
C HIS A 59 2.46 -7.03 4.05
N THR A 60 1.32 -7.22 4.68
CA THR A 60 0.08 -6.47 4.42
C THR A 60 -0.29 -5.72 5.70
N TYR A 61 -0.59 -4.43 5.56
CA TYR A 61 -0.79 -3.51 6.69
C TYR A 61 -2.18 -2.89 6.57
N ARG A 62 -3.13 -3.31 7.43
CA ARG A 62 -4.46 -2.66 7.51
C ARG A 62 -4.28 -1.18 7.89
N ILE A 63 -5.26 -0.35 7.53
CA ILE A 63 -5.09 1.12 7.48
C ILE A 63 -6.47 1.63 7.86
N LEU A 64 -6.61 2.27 9.03
CA LEU A 64 -7.93 2.52 9.64
C LEU A 64 -8.42 3.90 9.17
N PRO A 65 -9.55 3.95 8.35
CA PRO A 65 -10.11 5.20 7.82
C PRO A 65 -10.58 6.12 8.94
N ASP A 66 -11.09 5.50 10.05
CA ASP A 66 -11.34 6.14 11.34
C ASP A 66 -12.32 7.33 11.20
N GLY A 67 -13.62 7.05 11.42
CA GLY A 67 -14.71 8.01 11.25
C GLY A 67 -14.57 9.33 12.01
N GLU A 68 -13.76 10.23 11.44
CA GLU A 68 -13.60 11.62 11.86
C GLU A 68 -13.15 12.39 10.58
N ASP A 69 -11.82 12.39 10.29
CA ASP A 69 -11.28 12.99 9.04
C ASP A 69 -9.85 12.47 8.71
N PHE A 70 -9.34 11.48 9.47
CA PHE A 70 -7.95 10.99 9.30
C PHE A 70 -7.86 9.46 9.21
N LEU A 71 -6.88 8.99 8.42
CA LEU A 71 -6.58 7.56 8.22
C LEU A 71 -5.13 7.28 8.66
N ALA A 72 -4.95 6.25 9.49
CA ALA A 72 -3.62 5.87 10.02
C ALA A 72 -3.23 4.47 9.53
N VAL A 73 -1.93 4.23 9.35
CA VAL A 73 -1.41 2.92 8.93
C VAL A 73 -1.14 2.09 10.19
N GLN A 74 -1.65 0.84 10.22
CA GLN A 74 -1.63 0.01 11.42
C GLN A 74 -0.60 -1.11 11.23
N THR A 75 0.24 -1.26 12.24
CA THR A 75 1.41 -2.12 12.20
C THR A 75 1.53 -2.90 13.53
N SER A 76 2.57 -3.74 13.67
CA SER A 76 2.70 -4.74 14.76
C SER A 76 2.94 -4.11 16.18
N GLN A 77 2.88 -2.74 16.28
CA GLN A 77 3.04 -1.99 17.56
C GLN A 77 4.49 -2.02 18.04
N GLY A 78 5.00 -0.89 18.56
CA GLY A 78 6.41 -0.75 18.96
C GLY A 78 7.02 0.26 18.01
N VAL A 79 7.00 -0.13 16.73
CA VAL A 79 7.07 0.81 15.59
C VAL A 79 5.82 1.73 15.61
N PRO A 80 6.00 3.09 15.80
CA PRO A 80 4.89 4.03 16.09
C PRO A 80 4.01 4.37 14.86
N VAL A 81 2.85 3.68 14.77
CA VAL A 81 1.67 4.15 13.97
C VAL A 81 1.48 5.69 14.01
N ARG A 82 1.53 6.30 12.81
CA ARG A 82 1.30 7.74 12.61
C ARG A 82 -0.01 7.93 11.84
N ARG A 83 -0.78 8.98 12.18
CA ARG A 83 -2.05 9.32 11.52
C ARG A 83 -1.85 10.42 10.47
N PHE A 84 -2.58 10.29 9.35
CA PHE A 84 -2.49 11.20 8.17
C PHE A 84 -3.90 11.56 7.73
N GLN A 85 -4.04 12.61 6.92
CA GLN A 85 -5.33 13.00 6.34
C GLN A 85 -5.14 13.45 4.88
N THR A 86 -4.68 12.48 4.04
CA THR A 86 -4.25 12.63 2.64
C THR A 86 -3.16 11.57 2.37
N LEU A 87 -3.27 10.86 1.23
CA LEU A 87 -2.29 9.85 0.80
C LEU A 87 -0.89 10.45 0.61
N GLY A 88 -0.85 11.75 0.24
CA GLY A 88 0.41 12.51 0.10
C GLY A 88 1.33 12.43 1.32
N GLU A 89 0.77 12.60 2.52
CA GLU A 89 1.53 12.54 3.78
C GLU A 89 1.89 11.10 4.18
N LEU A 90 1.03 10.14 3.78
CA LEU A 90 1.20 8.71 4.10
C LEU A 90 2.45 8.17 3.37
N ILE A 91 2.37 8.21 2.03
CA ILE A 91 3.46 7.78 1.13
C ILE A 91 4.74 8.63 1.36
N GLY A 92 4.53 9.94 1.58
CA GLY A 92 5.61 10.89 1.83
C GLY A 92 6.49 10.52 3.02
N LEU A 93 5.86 10.17 4.15
CA LEU A 93 6.58 9.81 5.39
C LEU A 93 7.14 8.37 5.31
N TYR A 94 6.32 7.42 4.79
CA TYR A 94 6.68 5.98 4.78
C TYR A 94 7.63 5.61 3.61
N ALA A 95 7.97 6.60 2.76
CA ALA A 95 9.10 6.47 1.79
C ALA A 95 10.45 6.50 2.52
N GLN A 96 10.41 6.80 3.83
CA GLN A 96 11.55 6.79 4.75
C GLN A 96 11.34 5.53 5.65
N PRO A 97 12.29 4.53 5.65
CA PRO A 97 12.09 3.22 6.35
C PRO A 97 12.17 3.30 7.90
N ASN A 98 12.28 2.10 8.55
CA ASN A 98 12.30 1.94 10.02
C ASN A 98 11.02 2.52 10.68
N GLN A 99 9.86 2.23 10.06
CA GLN A 99 8.53 2.76 10.52
C GLN A 99 7.47 1.65 10.61
N GLY A 100 7.89 0.37 10.44
CA GLY A 100 6.97 -0.77 10.47
C GLY A 100 6.98 -1.54 9.16
N LEU A 101 7.45 -0.86 8.10
CA LEU A 101 7.53 -1.43 6.75
C LEU A 101 8.75 -2.37 6.58
N VAL A 102 8.50 -3.53 5.93
CA VAL A 102 9.56 -4.47 5.50
C VAL A 102 10.54 -3.78 4.53
N CYS A 103 10.01 -2.86 3.72
CA CYS A 103 10.77 -2.03 2.79
C CYS A 103 10.15 -0.64 2.73
N ALA A 104 10.99 0.37 2.45
CA ALA A 104 10.52 1.75 2.20
C ALA A 104 9.72 1.79 0.89
N LEU A 105 8.78 2.74 0.76
CA LEU A 105 7.92 2.85 -0.42
C LEU A 105 8.76 3.32 -1.64
N LEU A 106 9.22 2.33 -2.45
CA LEU A 106 10.09 2.57 -3.62
C LEU A 106 9.29 2.55 -4.93
N LEU A 107 8.74 1.36 -5.28
CA LEU A 107 8.20 1.08 -6.63
C LEU A 107 6.65 1.05 -6.56
N PRO A 108 5.93 2.04 -7.22
CA PRO A 108 4.45 2.14 -7.18
C PRO A 108 3.73 0.90 -7.76
N VAL A 109 4.33 0.35 -8.82
CA VAL A 109 3.83 -0.83 -9.54
C VAL A 109 2.49 -0.51 -10.26
N MET A 1 -17.89 3.37 -36.90
CA MET A 1 -18.08 4.50 -35.96
C MET A 1 -16.81 4.71 -35.12
N GLY A 2 -16.81 5.76 -34.27
CA GLY A 2 -15.66 6.09 -33.41
C GLY A 2 -16.04 6.00 -31.94
N HIS A 3 -16.11 4.76 -31.42
CA HIS A 3 -16.42 4.48 -30.01
C HIS A 3 -15.18 3.93 -29.30
N HIS A 4 -15.09 4.22 -27.98
CA HIS A 4 -14.07 3.66 -27.10
C HIS A 4 -14.57 3.74 -25.62
N HIS A 5 -14.57 4.98 -25.05
CA HIS A 5 -14.97 5.29 -23.65
C HIS A 5 -14.51 4.23 -22.62
N HIS A 6 -13.23 4.30 -22.23
CA HIS A 6 -12.64 3.43 -21.19
C HIS A 6 -11.74 4.25 -20.26
N HIS A 7 -11.71 3.87 -18.98
CA HIS A 7 -10.79 4.44 -17.98
C HIS A 7 -9.71 3.39 -17.72
N HIS A 8 -8.96 3.09 -18.79
CA HIS A 8 -7.91 2.04 -18.79
C HIS A 8 -6.55 2.67 -18.43
N SER A 9 -5.73 1.91 -17.67
CA SER A 9 -4.38 2.29 -17.24
C SER A 9 -4.42 3.43 -16.19
N HIS A 10 -3.85 3.16 -14.98
CA HIS A 10 -3.69 4.15 -13.91
C HIS A 10 -2.28 3.99 -13.30
N MET A 11 -1.35 4.89 -13.68
CA MET A 11 0.01 4.92 -13.09
C MET A 11 -0.09 5.52 -11.68
N SER A 12 -0.20 4.64 -10.68
CA SER A 12 -0.30 5.00 -9.26
C SER A 12 -0.14 3.75 -8.39
N TRP A 13 0.13 3.97 -7.11
CA TRP A 13 0.08 2.91 -6.08
C TRP A 13 -1.39 2.59 -5.75
N TYR A 14 -2.29 3.57 -5.94
CA TYR A 14 -3.70 3.45 -5.56
C TYR A 14 -4.44 2.59 -6.59
N HIS A 15 -5.02 1.49 -6.10
CA HIS A 15 -5.87 0.59 -6.89
C HIS A 15 -7.05 0.18 -6.00
N ARG A 16 -8.30 0.26 -6.52
CA ARG A 16 -9.47 -0.35 -5.84
C ARG A 16 -9.26 -1.86 -5.79
N ASP A 17 -9.63 -2.50 -4.65
CA ASP A 17 -9.26 -3.89 -4.26
C ASP A 17 -8.97 -4.87 -5.41
N LEU A 18 -7.71 -4.80 -5.88
CA LEU A 18 -7.13 -5.83 -6.76
C LEU A 18 -6.98 -7.17 -5.98
N SER A 19 -7.02 -7.06 -4.62
CA SER A 19 -7.04 -8.17 -3.62
C SER A 19 -5.63 -8.39 -3.04
N ARG A 20 -5.55 -8.63 -1.72
CA ARG A 20 -4.26 -8.78 -0.99
C ARG A 20 -3.46 -10.02 -1.47
N ALA A 21 -4.15 -11.15 -1.63
CA ALA A 21 -3.58 -12.37 -2.23
C ALA A 21 -2.93 -12.06 -3.61
N ALA A 22 -3.72 -11.38 -4.46
CA ALA A 22 -3.29 -10.96 -5.80
C ALA A 22 -2.22 -9.86 -5.74
N ALA A 23 -2.19 -9.09 -4.63
CA ALA A 23 -1.20 -8.00 -4.40
C ALA A 23 0.20 -8.59 -4.20
N GLU A 24 0.35 -9.46 -3.18
CA GLU A 24 1.61 -10.19 -2.89
C GLU A 24 2.14 -10.94 -4.11
N GLU A 25 1.20 -11.51 -4.89
CA GLU A 25 1.50 -12.29 -6.09
C GLU A 25 1.99 -11.36 -7.21
N LEU A 26 1.28 -10.22 -7.39
CA LEU A 26 1.60 -9.18 -8.40
C LEU A 26 3.00 -8.60 -8.15
N LEU A 27 3.31 -8.33 -6.89
CA LEU A 27 4.62 -7.79 -6.47
C LEU A 27 5.72 -8.84 -6.74
N ALA A 28 5.47 -10.10 -6.28
CA ALA A 28 6.45 -11.22 -6.37
C ALA A 28 6.84 -11.54 -7.82
N ARG A 29 5.87 -11.39 -8.72
CA ARG A 29 6.03 -11.68 -10.15
C ARG A 29 6.70 -10.49 -10.86
N ALA A 30 6.15 -9.29 -10.64
CA ALA A 30 6.53 -8.08 -11.38
C ALA A 30 7.85 -7.46 -10.87
N GLY A 31 7.88 -7.02 -9.59
CA GLY A 31 9.01 -6.25 -9.05
C GLY A 31 9.88 -7.05 -8.06
N ARG A 32 9.23 -7.49 -6.97
CA ARG A 32 9.83 -8.23 -5.83
C ARG A 32 11.11 -7.56 -5.25
N ASP A 33 11.10 -6.23 -5.14
CA ASP A 33 12.29 -5.44 -4.78
C ASP A 33 11.86 -3.98 -4.49
N GLY A 34 11.39 -3.72 -3.25
CA GLY A 34 10.89 -2.40 -2.85
C GLY A 34 9.56 -2.09 -3.52
N SER A 35 8.86 -3.17 -3.91
CA SER A 35 7.66 -3.11 -4.73
C SER A 35 6.46 -2.93 -3.82
N PHE A 36 5.72 -1.82 -4.00
CA PHE A 36 4.59 -1.49 -3.13
C PHE A 36 3.37 -1.12 -3.96
N LEU A 37 2.20 -1.23 -3.32
CA LEU A 37 0.92 -0.75 -3.85
C LEU A 37 -0.05 -0.51 -2.68
N VAL A 38 -1.12 0.20 -2.97
CA VAL A 38 -2.20 0.51 -2.04
C VAL A 38 -3.50 -0.04 -2.64
N ARG A 39 -4.23 -0.80 -1.84
CA ARG A 39 -5.51 -1.43 -2.23
C ARG A 39 -6.60 -1.03 -1.23
N ASP A 40 -7.87 -1.23 -1.62
CA ASP A 40 -9.03 -0.97 -0.76
C ASP A 40 -9.39 -2.26 0.00
N SER A 41 -9.35 -2.21 1.33
CA SER A 41 -9.63 -3.38 2.17
C SER A 41 -11.12 -3.44 2.54
N GLU A 42 -11.87 -4.30 1.82
CA GLU A 42 -13.20 -4.75 2.24
C GLU A 42 -13.10 -5.52 3.58
N SER A 43 -13.34 -4.78 4.66
CA SER A 43 -13.30 -5.29 6.05
C SER A 43 -14.24 -4.42 6.88
N VAL A 44 -13.98 -3.10 6.83
CA VAL A 44 -14.90 -2.04 7.28
C VAL A 44 -15.09 -1.07 6.12
N ALA A 45 -16.31 -0.45 6.07
CA ALA A 45 -16.78 0.53 5.05
C ALA A 45 -15.85 0.73 3.82
N GLY A 46 -14.78 1.53 4.00
CA GLY A 46 -13.70 1.65 3.02
C GLY A 46 -12.37 1.96 3.70
N ALA A 47 -11.72 0.92 4.24
CA ALA A 47 -10.34 1.02 4.77
C ALA A 47 -9.34 0.73 3.64
N PHE A 48 -8.05 1.06 3.84
CA PHE A 48 -6.98 0.80 2.86
C PHE A 48 -5.93 -0.18 3.43
N ALA A 49 -5.11 -0.76 2.54
CA ALA A 49 -3.90 -1.53 2.91
C ALA A 49 -2.72 -1.15 1.99
N LEU A 50 -1.51 -1.17 2.55
CA LEU A 50 -0.24 -0.91 1.82
C LEU A 50 0.60 -2.19 1.87
N CYS A 51 0.84 -2.81 0.71
CA CYS A 51 1.64 -4.04 0.58
C CYS A 51 3.04 -3.65 0.08
N VAL A 52 4.09 -3.89 0.90
CA VAL A 52 5.50 -3.58 0.56
C VAL A 52 6.30 -4.90 0.57
N LEU A 53 6.97 -5.21 -0.55
CA LEU A 53 7.73 -6.46 -0.72
C LEU A 53 9.21 -6.15 -0.98
N TYR A 54 10.06 -7.04 -0.46
CA TYR A 54 11.48 -7.06 -0.71
C TYR A 54 11.95 -8.51 -0.48
N GLN A 55 12.62 -9.10 -1.48
CA GLN A 55 13.23 -10.46 -1.43
C GLN A 55 12.42 -11.52 -0.62
N LYS A 56 11.31 -11.96 -1.23
CA LYS A 56 10.40 -13.01 -0.68
C LYS A 56 9.91 -12.72 0.78
N HIS A 57 9.69 -11.44 1.09
CA HIS A 57 8.95 -11.06 2.32
C HIS A 57 8.08 -9.81 2.06
N VAL A 58 6.75 -10.04 1.91
CA VAL A 58 5.74 -8.99 1.80
C VAL A 58 5.21 -8.69 3.21
N HIS A 59 5.18 -7.42 3.59
CA HIS A 59 4.47 -6.97 4.79
C HIS A 59 3.39 -5.97 4.34
N THR A 60 2.18 -6.16 4.87
CA THR A 60 1.00 -5.39 4.47
C THR A 60 0.46 -4.67 5.73
N TYR A 61 -0.01 -3.43 5.53
CA TYR A 61 -0.38 -2.52 6.61
C TYR A 61 -1.78 -2.00 6.32
N ARG A 62 -2.79 -2.59 6.98
CA ARG A 62 -4.19 -2.17 6.78
C ARG A 62 -4.43 -0.87 7.55
N ILE A 63 -4.47 0.23 6.80
CA ILE A 63 -4.85 1.53 7.33
C ILE A 63 -6.34 1.51 7.71
N LEU A 64 -6.59 1.51 9.02
CA LEU A 64 -7.94 1.37 9.59
C LEU A 64 -8.33 2.73 10.20
N PRO A 65 -9.30 3.48 9.58
CA PRO A 65 -9.77 4.78 10.10
C PRO A 65 -10.59 4.63 11.40
N ASP A 66 -11.68 3.83 11.31
CA ASP A 66 -12.52 3.40 12.46
C ASP A 66 -13.50 4.53 12.84
N GLY A 67 -12.98 5.64 13.41
CA GLY A 67 -13.75 6.88 13.59
C GLY A 67 -14.02 7.55 12.25
N GLU A 68 -13.00 7.49 11.36
CA GLU A 68 -13.11 7.76 9.90
C GLU A 68 -13.02 9.25 9.56
N ASP A 69 -12.37 10.04 10.43
CA ASP A 69 -11.90 11.41 10.08
C ASP A 69 -10.38 11.37 9.84
N PHE A 70 -9.69 10.55 10.65
CA PHE A 70 -8.26 10.21 10.46
C PHE A 70 -8.13 8.70 10.19
N LEU A 71 -7.31 8.36 9.19
CA LEU A 71 -6.99 6.97 8.83
C LEU A 71 -5.55 6.65 9.30
N ALA A 72 -5.42 5.77 10.31
CA ALA A 72 -4.13 5.42 10.92
C ALA A 72 -3.58 4.11 10.35
N VAL A 73 -2.31 4.14 9.97
CA VAL A 73 -1.57 2.97 9.46
C VAL A 73 -0.98 2.19 10.64
N GLN A 74 -1.41 0.94 10.82
CA GLN A 74 -0.92 0.08 11.91
C GLN A 74 0.43 -0.51 11.48
N THR A 75 1.50 0.19 11.84
CA THR A 75 2.88 -0.14 11.44
C THR A 75 3.34 -1.41 12.20
N SER A 76 3.02 -1.44 13.53
CA SER A 76 3.16 -2.60 14.42
C SER A 76 2.82 -2.17 15.87
N GLN A 77 2.14 -3.06 16.62
CA GLN A 77 1.95 -2.90 18.08
C GLN A 77 3.30 -3.23 18.75
N GLY A 78 4.17 -2.23 18.86
CA GLY A 78 5.56 -2.42 19.23
C GLY A 78 6.40 -1.23 18.78
N VAL A 79 5.89 -0.49 17.77
CA VAL A 79 6.50 0.75 17.25
C VAL A 79 5.42 1.88 17.22
N PRO A 80 5.83 3.19 17.23
CA PRO A 80 4.90 4.34 17.03
C PRO A 80 4.03 4.21 15.75
N VAL A 81 2.70 4.32 15.93
CA VAL A 81 1.69 4.23 14.86
C VAL A 81 1.24 5.64 14.50
N ARG A 82 1.13 5.93 13.19
CA ARG A 82 0.86 7.28 12.68
C ARG A 82 -0.53 7.35 12.04
N ARG A 83 -1.24 8.45 12.31
CA ARG A 83 -2.54 8.77 11.69
C ARG A 83 -2.30 9.72 10.52
N PHE A 84 -3.16 9.64 9.51
CA PHE A 84 -3.06 10.47 8.29
C PHE A 84 -4.46 10.93 7.89
N GLN A 85 -4.51 11.94 7.00
CA GLN A 85 -5.77 12.45 6.43
C GLN A 85 -5.84 12.11 4.93
N THR A 86 -4.70 11.70 4.36
CA THR A 86 -4.56 11.44 2.92
C THR A 86 -3.51 10.32 2.70
N LEU A 87 -3.73 9.52 1.66
CA LEU A 87 -2.81 8.43 1.27
C LEU A 87 -1.44 8.99 0.83
N GLY A 88 -1.43 10.24 0.29
CA GLY A 88 -0.19 10.95 -0.04
C GLY A 88 0.68 11.25 1.19
N GLU A 89 0.01 11.56 2.33
CA GLU A 89 0.68 11.79 3.63
C GLU A 89 1.42 10.51 4.09
N LEU A 90 0.69 9.39 3.99
CA LEU A 90 1.20 8.03 4.22
C LEU A 90 2.50 7.80 3.41
N ILE A 91 2.37 7.90 2.08
CA ILE A 91 3.45 7.65 1.12
C ILE A 91 4.63 8.64 1.36
N GLY A 92 4.30 9.83 1.90
CA GLY A 92 5.28 10.83 2.29
C GLY A 92 6.31 10.31 3.29
N LEU A 93 5.83 9.88 4.48
CA LEU A 93 6.71 9.40 5.57
C LEU A 93 7.28 8.00 5.28
N TYR A 94 6.52 7.15 4.59
CA TYR A 94 6.89 5.72 4.38
C TYR A 94 7.88 5.54 3.22
N ALA A 95 7.95 6.52 2.29
CA ALA A 95 9.04 6.58 1.27
C ALA A 95 10.42 6.80 1.90
N GLN A 96 10.43 7.24 3.17
CA GLN A 96 11.64 7.47 3.97
C GLN A 96 11.43 6.82 5.38
N PRO A 97 11.39 5.45 5.47
CA PRO A 97 10.95 4.75 6.68
C PRO A 97 12.00 4.76 7.82
N ASN A 98 12.98 3.82 7.75
CA ASN A 98 13.98 3.51 8.80
C ASN A 98 13.38 2.41 9.68
N GLN A 99 12.65 2.78 10.76
CA GLN A 99 11.85 1.84 11.55
C GLN A 99 10.48 1.52 10.88
N GLY A 100 10.03 0.25 11.01
CA GLY A 100 8.65 -0.15 10.68
C GLY A 100 8.56 -1.02 9.44
N LEU A 101 9.02 -0.49 8.30
CA LEU A 101 8.91 -1.16 7.00
C LEU A 101 10.01 -2.21 6.76
N VAL A 102 9.76 -3.07 5.75
CA VAL A 102 10.73 -4.09 5.29
C VAL A 102 11.73 -3.47 4.30
N CYS A 103 11.28 -2.38 3.66
CA CYS A 103 12.00 -1.65 2.62
C CYS A 103 11.34 -0.28 2.43
N ALA A 104 12.02 0.63 1.71
CA ALA A 104 11.45 1.91 1.31
C ALA A 104 10.48 1.72 0.14
N LEU A 105 9.74 2.78 -0.21
CA LEU A 105 8.86 2.78 -1.36
C LEU A 105 9.69 3.07 -2.64
N LEU A 106 10.06 1.99 -3.36
CA LEU A 106 10.89 2.07 -4.59
C LEU A 106 10.00 2.14 -5.84
N LEU A 107 9.13 1.13 -6.01
CA LEU A 107 8.42 0.88 -7.27
C LEU A 107 6.90 0.67 -7.03
N PRO A 108 6.02 1.66 -7.40
CA PRO A 108 4.55 1.46 -7.39
C PRO A 108 4.13 0.51 -8.53
N VAL A 109 3.42 -0.58 -8.18
CA VAL A 109 3.10 -1.67 -9.12
C VAL A 109 1.57 -1.69 -9.36
N MET A 1 -26.29 -9.78 -18.62
CA MET A 1 -25.62 -8.60 -18.03
C MET A 1 -24.51 -9.04 -17.04
N GLY A 2 -23.88 -8.04 -16.39
CA GLY A 2 -22.78 -8.29 -15.44
C GLY A 2 -21.41 -8.20 -16.10
N HIS A 3 -21.00 -6.97 -16.48
CA HIS A 3 -19.72 -6.73 -17.17
C HIS A 3 -19.19 -5.33 -16.80
N HIS A 4 -17.99 -5.28 -16.18
CA HIS A 4 -17.35 -4.02 -15.79
C HIS A 4 -15.84 -4.22 -15.60
N HIS A 5 -15.05 -3.59 -16.47
CA HIS A 5 -13.59 -3.41 -16.31
C HIS A 5 -13.25 -1.90 -16.46
N HIS A 6 -11.99 -1.54 -16.16
CA HIS A 6 -11.52 -0.14 -16.24
C HIS A 6 -9.97 -0.12 -16.23
N HIS A 7 -9.36 0.06 -17.40
CA HIS A 7 -7.88 0.11 -17.57
C HIS A 7 -7.52 1.35 -18.41
N HIS A 8 -8.02 2.51 -17.94
CA HIS A 8 -7.93 3.79 -18.66
C HIS A 8 -6.60 4.50 -18.35
N SER A 9 -6.44 4.94 -17.08
CA SER A 9 -5.30 5.76 -16.65
C SER A 9 -4.97 5.51 -15.16
N HIS A 10 -4.10 4.50 -14.91
CA HIS A 10 -3.61 4.14 -13.56
C HIS A 10 -2.08 3.98 -13.57
N MET A 11 -1.38 4.99 -13.05
CA MET A 11 0.09 4.94 -12.80
C MET A 11 0.35 5.18 -11.29
N SER A 12 -0.71 5.56 -10.55
CA SER A 12 -0.63 5.82 -9.11
C SER A 12 -0.49 4.52 -8.29
N TRP A 13 -0.13 4.67 -7.01
CA TRP A 13 0.15 3.55 -6.10
C TRP A 13 -1.12 3.02 -5.41
N TYR A 14 -2.31 3.44 -5.85
CA TYR A 14 -3.60 3.08 -5.19
C TYR A 14 -4.45 2.30 -6.21
N HIS A 15 -5.07 1.19 -5.76
CA HIS A 15 -5.95 0.35 -6.58
C HIS A 15 -7.20 -0.07 -5.79
N ARG A 16 -8.14 -0.68 -6.50
CA ARG A 16 -9.25 -1.46 -5.94
C ARG A 16 -9.62 -2.53 -6.98
N ASP A 17 -10.51 -3.47 -6.61
CA ASP A 17 -10.88 -4.66 -7.43
C ASP A 17 -9.74 -5.71 -7.39
N LEU A 18 -8.70 -5.40 -6.58
CA LEU A 18 -7.50 -6.19 -6.39
C LEU A 18 -7.59 -6.87 -5.00
N SER A 19 -7.54 -8.21 -4.99
CA SER A 19 -7.60 -9.02 -3.75
C SER A 19 -6.21 -9.10 -3.09
N ARG A 20 -6.13 -9.63 -1.85
CA ARG A 20 -4.84 -9.80 -1.11
C ARG A 20 -3.88 -10.70 -1.90
N ALA A 21 -4.35 -11.92 -2.23
CA ALA A 21 -3.60 -12.90 -3.04
C ALA A 21 -3.14 -12.28 -4.37
N ALA A 22 -4.06 -11.56 -5.03
CA ALA A 22 -3.80 -10.84 -6.29
C ALA A 22 -2.74 -9.73 -6.11
N ALA A 23 -2.77 -9.05 -4.96
CA ALA A 23 -1.89 -7.90 -4.66
C ALA A 23 -0.40 -8.32 -4.60
N GLU A 24 -0.12 -9.29 -3.72
CA GLU A 24 1.24 -9.81 -3.51
C GLU A 24 1.75 -10.61 -4.73
N GLU A 25 0.82 -11.15 -5.54
CA GLU A 25 1.16 -11.74 -6.85
C GLU A 25 1.67 -10.65 -7.79
N LEU A 26 0.89 -9.58 -8.00
CA LEU A 26 1.24 -8.44 -8.89
C LEU A 26 2.58 -7.77 -8.49
N LEU A 27 2.98 -7.91 -7.21
CA LEU A 27 4.33 -7.52 -6.77
C LEU A 27 5.37 -8.53 -7.31
N ALA A 28 5.13 -9.83 -7.05
CA ALA A 28 6.11 -10.91 -7.26
C ALA A 28 6.27 -11.34 -8.74
N ARG A 29 5.26 -11.06 -9.59
CA ARG A 29 5.33 -11.36 -11.04
C ARG A 29 6.25 -10.35 -11.75
N ALA A 30 6.11 -9.06 -11.38
CA ALA A 30 6.81 -7.95 -12.04
C ALA A 30 8.20 -7.71 -11.44
N GLY A 31 8.23 -7.53 -10.11
CA GLY A 31 9.38 -6.96 -9.44
C GLY A 31 9.60 -7.52 -8.06
N ARG A 32 10.34 -6.76 -7.24
CA ARG A 32 10.83 -7.19 -5.91
C ARG A 32 11.75 -6.12 -5.29
N ASP A 33 11.59 -5.88 -3.96
CA ASP A 33 12.60 -5.23 -3.09
C ASP A 33 12.26 -3.74 -2.95
N GLY A 34 11.41 -3.44 -1.94
CA GLY A 34 10.86 -2.10 -1.73
C GLY A 34 9.67 -1.84 -2.65
N SER A 35 9.11 -2.92 -3.21
CA SER A 35 7.98 -2.85 -4.14
C SER A 35 6.70 -2.75 -3.34
N PHE A 36 5.89 -1.71 -3.56
CA PHE A 36 4.63 -1.55 -2.84
C PHE A 36 3.48 -1.25 -3.80
N LEU A 37 2.27 -1.51 -3.31
CA LEU A 37 1.02 -1.03 -3.89
C LEU A 37 0.00 -0.89 -2.76
N VAL A 38 -1.03 -0.09 -3.01
CA VAL A 38 -2.16 0.12 -2.11
C VAL A 38 -3.40 -0.41 -2.82
N ARG A 39 -4.38 -0.89 -2.06
CA ARG A 39 -5.61 -1.43 -2.60
C ARG A 39 -6.76 -1.11 -1.63
N ASP A 40 -7.96 -1.55 -2.00
CA ASP A 40 -9.10 -1.59 -1.10
C ASP A 40 -8.98 -2.86 -0.24
N SER A 41 -9.04 -2.71 1.10
CA SER A 41 -8.96 -3.85 2.04
C SER A 41 -10.27 -4.66 2.01
N GLU A 42 -10.20 -5.89 2.54
CA GLU A 42 -11.34 -6.82 2.56
C GLU A 42 -11.64 -7.29 4.01
N SER A 43 -10.66 -7.07 4.91
CA SER A 43 -10.83 -7.31 6.37
C SER A 43 -11.81 -6.28 6.98
N VAL A 44 -11.85 -5.07 6.38
CA VAL A 44 -12.63 -3.94 6.86
C VAL A 44 -13.14 -3.10 5.66
N ALA A 45 -14.48 -3.04 5.52
CA ALA A 45 -15.18 -2.34 4.42
C ALA A 45 -14.94 -0.81 4.46
N GLY A 46 -14.59 -0.23 3.30
CA GLY A 46 -14.38 1.22 3.15
C GLY A 46 -12.99 1.69 3.57
N ALA A 47 -12.07 0.73 3.78
CA ALA A 47 -10.67 1.00 4.17
C ALA A 47 -9.67 0.51 3.11
N PHE A 48 -8.37 0.75 3.37
CA PHE A 48 -7.27 0.42 2.43
C PHE A 48 -6.34 -0.66 3.02
N ALA A 49 -5.48 -1.23 2.14
CA ALA A 49 -4.36 -2.11 2.54
C ALA A 49 -3.10 -1.78 1.72
N LEU A 50 -1.91 -1.90 2.34
CA LEU A 50 -0.60 -1.57 1.74
C LEU A 50 0.27 -2.84 1.77
N CYS A 51 0.61 -3.35 0.58
CA CYS A 51 1.33 -4.62 0.42
C CYS A 51 2.76 -4.31 -0.07
N VAL A 52 3.80 -4.74 0.68
CA VAL A 52 5.22 -4.36 0.43
C VAL A 52 6.12 -5.61 0.38
N LEU A 53 6.73 -5.86 -0.80
CA LEU A 53 7.67 -6.99 -1.03
C LEU A 53 9.12 -6.51 -0.85
N TYR A 54 9.93 -7.33 -0.16
CA TYR A 54 11.36 -7.10 0.04
C TYR A 54 12.03 -8.42 0.48
N GLN A 55 13.03 -8.84 -0.31
CA GLN A 55 13.85 -10.07 -0.12
C GLN A 55 13.02 -11.30 0.34
N LYS A 56 12.05 -11.71 -0.49
CA LYS A 56 11.16 -12.88 -0.25
C LYS A 56 10.28 -12.72 1.02
N HIS A 57 9.92 -11.47 1.34
CA HIS A 57 9.05 -11.15 2.50
C HIS A 57 8.05 -10.05 2.09
N VAL A 58 6.78 -10.44 1.90
CA VAL A 58 5.68 -9.51 1.59
C VAL A 58 4.86 -9.25 2.87
N HIS A 59 4.89 -8.00 3.35
CA HIS A 59 4.11 -7.58 4.52
C HIS A 59 2.93 -6.73 4.04
N THR A 60 1.70 -7.09 4.44
CA THR A 60 0.49 -6.37 4.04
C THR A 60 -0.10 -5.71 5.31
N TYR A 61 -0.52 -4.46 5.18
CA TYR A 61 -0.94 -3.62 6.31
C TYR A 61 -2.33 -3.02 6.01
N ARG A 62 -3.37 -3.48 6.71
CA ARG A 62 -4.71 -2.83 6.68
C ARG A 62 -4.58 -1.36 7.15
N ILE A 63 -5.53 -0.50 6.75
CA ILE A 63 -5.31 0.97 6.79
C ILE A 63 -6.68 1.53 7.13
N LEU A 64 -6.93 1.92 8.38
CA LEU A 64 -8.30 2.21 8.85
C LEU A 64 -8.41 3.68 9.20
N PRO A 65 -9.57 4.34 8.87
CA PRO A 65 -9.92 5.64 9.44
C PRO A 65 -9.98 5.53 10.98
N ASP A 66 -11.02 4.83 11.49
CA ASP A 66 -11.14 4.36 12.89
C ASP A 66 -11.08 5.52 13.92
N GLY A 67 -11.26 6.76 13.42
CA GLY A 67 -11.33 7.97 14.21
C GLY A 67 -11.66 9.13 13.29
N GLU A 68 -12.55 10.03 13.75
CA GLU A 68 -13.27 11.06 12.95
C GLU A 68 -12.49 11.71 11.77
N ASP A 69 -11.22 12.09 12.01
CA ASP A 69 -10.48 13.01 11.08
C ASP A 69 -9.29 12.34 10.36
N PHE A 70 -8.84 11.18 10.85
CA PHE A 70 -7.57 10.58 10.43
C PHE A 70 -7.75 9.14 9.95
N LEU A 71 -6.76 8.68 9.19
CA LEU A 71 -6.54 7.27 8.83
C LEU A 71 -5.13 6.90 9.33
N ALA A 72 -5.06 5.92 10.25
CA ALA A 72 -3.79 5.48 10.85
C ALA A 72 -3.47 4.05 10.38
N VAL A 73 -2.17 3.79 10.27
CA VAL A 73 -1.60 2.51 9.82
C VAL A 73 -0.68 2.00 10.94
N GLN A 74 -0.84 0.72 11.33
CA GLN A 74 -0.05 0.13 12.40
C GLN A 74 1.32 -0.21 11.85
N THR A 75 2.26 0.72 12.04
CA THR A 75 3.63 0.63 11.54
C THR A 75 4.36 -0.46 12.34
N SER A 76 4.49 -0.19 13.65
CA SER A 76 4.96 -1.12 14.66
C SER A 76 4.56 -0.57 16.04
N GLN A 77 3.64 -1.28 16.75
CA GLN A 77 3.32 -0.97 18.15
C GLN A 77 4.54 -1.32 19.00
N GLY A 78 5.35 -0.29 19.30
CA GLY A 78 6.73 -0.45 19.80
C GLY A 78 7.56 0.77 19.41
N VAL A 79 7.09 1.46 18.35
CA VAL A 79 7.60 2.76 17.88
C VAL A 79 6.37 3.70 17.71
N PRO A 80 6.52 5.06 17.82
CA PRO A 80 5.37 6.00 17.65
C PRO A 80 4.64 5.81 16.29
N VAL A 81 3.32 5.59 16.37
CA VAL A 81 2.45 5.42 15.21
C VAL A 81 1.98 6.81 14.74
N ARG A 82 1.93 7.02 13.42
CA ARG A 82 1.49 8.30 12.83
C ARG A 82 0.04 8.17 12.33
N ARG A 83 -0.78 9.19 12.61
CA ARG A 83 -2.06 9.41 11.92
C ARG A 83 -1.80 10.24 10.65
N PHE A 84 -2.47 9.88 9.54
CA PHE A 84 -2.38 10.62 8.26
C PHE A 84 -3.77 11.13 7.87
N GLN A 85 -3.87 12.33 7.28
CA GLN A 85 -5.16 12.87 6.80
C GLN A 85 -5.47 12.35 5.38
N THR A 86 -4.42 11.92 4.66
CA THR A 86 -4.51 11.44 3.27
C THR A 86 -3.56 10.25 3.07
N LEU A 87 -3.94 9.31 2.17
CA LEU A 87 -3.10 8.15 1.80
C LEU A 87 -1.82 8.64 1.07
N GLY A 88 -1.93 9.79 0.36
CA GLY A 88 -0.78 10.51 -0.19
C GLY A 88 0.28 10.85 0.85
N GLU A 89 -0.17 11.28 2.03
CA GLU A 89 0.70 11.64 3.16
C GLU A 89 1.34 10.38 3.77
N LEU A 90 0.59 9.25 3.73
CA LEU A 90 1.08 7.93 4.17
C LEU A 90 2.32 7.51 3.38
N ILE A 91 2.15 7.41 2.06
CA ILE A 91 3.19 6.96 1.12
C ILE A 91 4.41 7.91 1.14
N GLY A 92 4.12 9.22 1.28
CA GLY A 92 5.15 10.25 1.44
C GLY A 92 6.08 9.99 2.62
N LEU A 93 5.50 9.76 3.81
CA LEU A 93 6.27 9.55 5.06
C LEU A 93 6.85 8.12 5.16
N TYR A 94 6.24 7.16 4.45
CA TYR A 94 6.76 5.77 4.40
C TYR A 94 7.87 5.59 3.35
N ALA A 95 7.99 6.54 2.39
CA ALA A 95 9.13 6.59 1.47
C ALA A 95 10.42 7.00 2.22
N GLN A 96 10.25 7.88 3.23
CA GLN A 96 11.34 8.32 4.15
C GLN A 96 10.86 8.09 5.61
N PRO A 97 10.87 6.82 6.12
CA PRO A 97 10.25 6.46 7.40
C PRO A 97 11.21 6.51 8.62
N ASN A 98 12.22 5.61 8.63
CA ASN A 98 13.16 5.41 9.75
C ASN A 98 12.41 5.02 11.04
N GLN A 99 11.63 3.90 10.93
CA GLN A 99 10.75 3.31 11.99
C GLN A 99 9.69 2.39 11.34
N GLY A 100 9.95 1.06 11.33
CA GLY A 100 8.89 0.06 11.05
C GLY A 100 8.96 -0.55 9.65
N LEU A 101 9.32 0.29 8.66
CA LEU A 101 9.38 -0.12 7.24
C LEU A 101 10.64 -0.97 6.97
N VAL A 102 10.39 -2.18 6.46
CA VAL A 102 11.40 -3.22 6.18
C VAL A 102 12.58 -2.74 5.29
N CYS A 103 12.30 -1.80 4.36
CA CYS A 103 13.33 -1.21 3.49
C CYS A 103 12.92 0.21 3.03
N ALA A 104 11.75 0.69 3.54
CA ALA A 104 11.04 1.89 3.04
C ALA A 104 10.30 1.59 1.73
N LEU A 105 9.58 2.60 1.21
CA LEU A 105 8.86 2.50 -0.05
C LEU A 105 9.75 3.02 -1.20
N LEU A 106 10.33 2.08 -1.97
CA LEU A 106 11.27 2.39 -3.07
C LEU A 106 10.52 2.79 -4.35
N LEU A 107 9.58 1.93 -4.80
CA LEU A 107 8.86 2.15 -6.08
C LEU A 107 7.48 1.44 -6.07
N PRO A 108 6.39 2.11 -6.57
CA PRO A 108 5.08 1.46 -6.76
C PRO A 108 5.05 0.59 -8.05
N VAL A 109 4.47 -0.62 -7.95
CA VAL A 109 4.36 -1.57 -9.06
C VAL A 109 2.92 -1.53 -9.62
N MET A 1 -27.96 -2.69 -20.74
CA MET A 1 -27.52 -3.21 -19.43
C MET A 1 -25.98 -3.32 -19.42
N GLY A 2 -25.33 -2.22 -18.99
CA GLY A 2 -23.87 -2.10 -19.05
C GLY A 2 -23.41 -1.56 -20.39
N HIS A 3 -22.56 -0.52 -20.36
CA HIS A 3 -21.98 0.09 -21.59
C HIS A 3 -20.90 -0.84 -22.19
N HIS A 4 -20.30 -1.68 -21.32
CA HIS A 4 -19.36 -2.76 -21.68
C HIS A 4 -18.06 -2.22 -22.35
N HIS A 5 -17.80 -0.91 -22.21
CA HIS A 5 -16.58 -0.26 -22.74
C HIS A 5 -15.64 0.08 -21.56
N HIS A 6 -15.77 -0.72 -20.47
CA HIS A 6 -15.06 -0.51 -19.20
C HIS A 6 -13.54 -0.70 -19.39
N HIS A 7 -12.78 0.40 -19.26
CA HIS A 7 -11.31 0.42 -19.36
C HIS A 7 -10.76 1.30 -18.22
N HIS A 8 -10.99 0.85 -16.97
CA HIS A 8 -10.51 1.54 -15.75
C HIS A 8 -10.05 0.51 -14.70
N SER A 9 -8.76 0.57 -14.33
CA SER A 9 -8.16 -0.27 -13.27
C SER A 9 -7.27 0.58 -12.33
N HIS A 10 -6.95 1.82 -12.78
CA HIS A 10 -6.05 2.78 -12.09
C HIS A 10 -4.61 2.26 -12.02
N MET A 11 -3.71 2.88 -12.82
CA MET A 11 -2.29 2.47 -12.92
C MET A 11 -1.41 3.34 -11.98
N SER A 12 -2.05 3.93 -10.95
CA SER A 12 -1.35 4.49 -9.78
C SER A 12 -0.90 3.33 -8.87
N TRP A 13 -0.52 3.61 -7.63
CA TRP A 13 -0.23 2.56 -6.63
C TRP A 13 -1.54 2.11 -5.93
N TYR A 14 -2.69 2.69 -6.32
CA TYR A 14 -3.98 2.38 -5.66
C TYR A 14 -4.85 1.61 -6.64
N HIS A 15 -5.08 0.33 -6.34
CA HIS A 15 -5.94 -0.56 -7.13
C HIS A 15 -7.07 -1.01 -6.20
N ARG A 16 -8.33 -0.60 -6.53
CA ARG A 16 -9.55 -0.79 -5.68
C ARG A 16 -9.61 -2.16 -4.98
N ASP A 17 -9.39 -3.22 -5.77
CA ASP A 17 -9.40 -4.59 -5.27
C ASP A 17 -8.58 -5.45 -6.22
N LEU A 18 -7.27 -5.21 -6.16
CA LEU A 18 -6.28 -6.13 -6.74
C LEU A 18 -6.32 -7.47 -5.98
N SER A 19 -6.64 -7.39 -4.66
CA SER A 19 -6.80 -8.54 -3.71
C SER A 19 -5.44 -8.86 -3.11
N ARG A 20 -5.37 -9.21 -1.82
CA ARG A 20 -4.09 -9.30 -1.07
C ARG A 20 -3.13 -10.35 -1.68
N ALA A 21 -3.69 -11.51 -2.05
CA ALA A 21 -2.93 -12.62 -2.66
C ALA A 21 -2.38 -12.24 -4.05
N ALA A 22 -3.25 -11.67 -4.89
CA ALA A 22 -2.87 -11.21 -6.24
C ALA A 22 -2.00 -9.93 -6.17
N ALA A 23 -2.10 -9.19 -5.05
CA ALA A 23 -1.29 -7.98 -4.81
C ALA A 23 0.16 -8.40 -4.64
N GLU A 24 0.34 -9.40 -3.76
CA GLU A 24 1.63 -10.06 -3.49
C GLU A 24 2.27 -10.60 -4.79
N GLU A 25 1.43 -11.18 -5.65
CA GLU A 25 1.85 -11.81 -6.92
C GLU A 25 2.33 -10.72 -7.92
N LEU A 26 1.50 -9.68 -8.12
CA LEU A 26 1.84 -8.50 -8.99
C LEU A 26 3.10 -7.75 -8.49
N LEU A 27 3.30 -7.72 -7.15
CA LEU A 27 4.49 -7.13 -6.53
C LEU A 27 5.73 -7.95 -6.92
N ALA A 28 5.65 -9.27 -6.69
CA ALA A 28 6.76 -10.23 -6.91
C ALA A 28 7.19 -10.26 -8.37
N ARG A 29 6.20 -10.26 -9.26
CA ARG A 29 6.41 -10.39 -10.70
C ARG A 29 7.10 -9.14 -11.27
N ALA A 30 6.66 -7.95 -10.81
CA ALA A 30 7.17 -6.66 -11.33
C ALA A 30 8.42 -6.14 -10.56
N GLY A 31 8.26 -5.86 -9.26
CA GLY A 31 9.26 -5.10 -8.48
C GLY A 31 10.12 -5.97 -7.57
N ARG A 32 9.48 -6.98 -6.97
CA ARG A 32 10.05 -8.01 -6.04
C ARG A 32 10.89 -7.47 -4.83
N ASP A 33 10.84 -6.16 -4.53
CA ASP A 33 11.80 -5.48 -3.62
C ASP A 33 11.34 -4.02 -3.43
N GLY A 34 11.01 -3.64 -2.18
CA GLY A 34 10.49 -2.29 -1.88
C GLY A 34 9.13 -1.99 -2.54
N SER A 35 8.51 -3.03 -3.11
CA SER A 35 7.35 -2.92 -3.98
C SER A 35 6.09 -2.81 -3.15
N PHE A 36 5.30 -1.74 -3.35
CA PHE A 36 4.10 -1.48 -2.55
C PHE A 36 2.93 -1.06 -3.42
N LEU A 37 1.72 -1.29 -2.90
CA LEU A 37 0.46 -0.76 -3.44
C LEU A 37 -0.64 -0.78 -2.34
N VAL A 38 -1.66 0.05 -2.53
CA VAL A 38 -2.77 0.21 -1.59
C VAL A 38 -4.06 -0.30 -2.28
N ARG A 39 -5.00 -0.80 -1.47
CA ARG A 39 -6.29 -1.32 -1.93
C ARG A 39 -7.34 -1.05 -0.86
N ASP A 40 -8.60 -1.43 -1.17
CA ASP A 40 -9.71 -1.35 -0.22
C ASP A 40 -9.69 -2.64 0.64
N SER A 41 -9.75 -2.46 1.98
CA SER A 41 -9.61 -3.59 2.95
C SER A 41 -10.74 -4.63 2.77
N GLU A 42 -10.36 -5.90 2.96
CA GLU A 42 -11.27 -7.04 2.86
C GLU A 42 -11.52 -7.59 4.29
N SER A 43 -10.89 -6.95 5.28
CA SER A 43 -10.95 -7.34 6.68
C SER A 43 -11.87 -6.38 7.46
N VAL A 44 -11.76 -5.07 7.17
CA VAL A 44 -12.53 -4.00 7.83
C VAL A 44 -13.21 -3.11 6.77
N ALA A 45 -14.57 -3.13 6.75
CA ALA A 45 -15.39 -2.36 5.78
C ALA A 45 -15.31 -0.85 6.07
N GLY A 46 -14.92 -0.07 5.05
CA GLY A 46 -14.68 1.37 5.20
C GLY A 46 -13.25 1.69 5.61
N ALA A 47 -12.38 0.68 5.53
CA ALA A 47 -10.92 0.83 5.73
C ALA A 47 -10.14 0.42 4.46
N PHE A 48 -8.81 0.59 4.52
CA PHE A 48 -7.87 0.27 3.44
C PHE A 48 -6.79 -0.70 3.93
N ALA A 49 -6.05 -1.27 2.97
CA ALA A 49 -4.91 -2.18 3.22
C ALA A 49 -3.75 -1.80 2.30
N LEU A 50 -2.53 -2.01 2.79
CA LEU A 50 -1.26 -1.70 2.09
C LEU A 50 -0.45 -2.99 2.03
N CYS A 51 -0.05 -3.43 0.84
CA CYS A 51 0.75 -4.65 0.65
C CYS A 51 2.15 -4.24 0.16
N VAL A 52 3.20 -4.65 0.88
CA VAL A 52 4.61 -4.29 0.56
C VAL A 52 5.45 -5.58 0.52
N LEU A 53 6.42 -5.64 -0.39
CA LEU A 53 7.29 -6.79 -0.58
C LEU A 53 8.76 -6.31 -0.60
N TYR A 54 9.63 -7.15 -0.05
CA TYR A 54 11.07 -6.91 0.01
C TYR A 54 11.80 -8.22 0.33
N GLN A 55 12.73 -8.62 -0.57
CA GLN A 55 13.51 -9.89 -0.49
C GLN A 55 12.63 -11.08 -0.04
N LYS A 56 11.72 -11.50 -0.95
CA LYS A 56 10.76 -12.64 -0.77
C LYS A 56 9.99 -12.63 0.59
N HIS A 57 9.82 -11.42 1.19
CA HIS A 57 9.14 -11.23 2.47
C HIS A 57 8.11 -10.10 2.35
N VAL A 58 6.84 -10.46 2.54
CA VAL A 58 5.69 -9.55 2.41
C VAL A 58 5.24 -9.08 3.80
N HIS A 59 4.80 -7.83 3.87
CA HIS A 59 4.23 -7.20 5.07
C HIS A 59 3.00 -6.41 4.62
N THR A 60 1.82 -6.77 5.14
CA THR A 60 0.56 -6.09 4.82
C THR A 60 0.14 -5.22 6.02
N TYR A 61 0.15 -3.90 5.81
CA TYR A 61 -0.18 -2.91 6.82
C TYR A 61 -1.65 -2.54 6.66
N ARG A 62 -2.47 -2.81 7.69
CA ARG A 62 -3.86 -2.33 7.75
C ARG A 62 -3.88 -0.79 7.77
N ILE A 63 -5.00 -0.18 7.38
CA ILE A 63 -5.09 1.28 7.26
C ILE A 63 -6.52 1.58 7.69
N LEU A 64 -6.73 1.99 8.93
CA LEU A 64 -8.07 2.15 9.53
C LEU A 64 -8.18 3.60 9.99
N PRO A 65 -9.42 4.23 9.97
CA PRO A 65 -9.63 5.58 10.55
C PRO A 65 -8.94 5.74 11.92
N ASP A 66 -9.35 4.88 12.88
CA ASP A 66 -8.74 4.76 14.23
C ASP A 66 -8.55 6.15 14.90
N GLY A 67 -9.66 6.77 15.30
CA GLY A 67 -9.64 8.10 15.88
C GLY A 67 -10.94 8.85 15.62
N GLU A 68 -11.12 9.33 14.35
CA GLU A 68 -12.27 10.15 13.91
C GLU A 68 -12.03 10.76 12.50
N ASP A 69 -10.79 11.22 12.22
CA ASP A 69 -10.51 12.16 11.08
C ASP A 69 -9.32 11.75 10.17
N PHE A 70 -8.52 10.79 10.62
CA PHE A 70 -7.20 10.45 10.02
C PHE A 70 -7.22 9.00 9.50
N LEU A 71 -6.23 8.68 8.65
CA LEU A 71 -5.97 7.29 8.19
C LEU A 71 -4.73 6.79 8.92
N ALA A 72 -4.93 5.85 9.84
CA ALA A 72 -3.89 5.29 10.70
C ALA A 72 -3.38 3.99 10.12
N VAL A 73 -2.06 3.90 9.94
CA VAL A 73 -1.41 2.73 9.35
C VAL A 73 -0.90 1.82 10.48
N GLN A 74 -1.18 0.53 10.36
CA GLN A 74 -0.86 -0.45 11.39
C GLN A 74 0.49 -1.05 11.02
N THR A 75 1.56 -0.42 11.53
CA THR A 75 2.93 -0.90 11.37
C THR A 75 3.14 -2.16 12.23
N SER A 76 3.07 -1.95 13.58
CA SER A 76 3.15 -3.02 14.60
C SER A 76 3.14 -2.40 16.01
N GLN A 77 3.10 -3.27 17.03
CA GLN A 77 3.33 -2.89 18.44
C GLN A 77 4.83 -2.49 18.62
N GLY A 78 5.18 -1.75 19.70
CA GLY A 78 6.51 -1.15 19.84
C GLY A 78 6.70 0.10 19.00
N VAL A 79 6.83 -0.11 17.67
CA VAL A 79 6.96 0.99 16.68
C VAL A 79 5.65 1.84 16.63
N PRO A 80 5.74 3.18 16.39
CA PRO A 80 4.56 4.09 16.43
C PRO A 80 3.60 3.91 15.24
N VAL A 81 2.28 3.90 15.51
CA VAL A 81 1.23 4.01 14.49
C VAL A 81 1.26 5.44 13.91
N ARG A 82 1.53 5.53 12.61
CA ARG A 82 1.58 6.82 11.91
C ARG A 82 0.25 7.07 11.17
N ARG A 83 -0.48 8.14 11.56
CA ARG A 83 -1.76 8.54 10.93
C ARG A 83 -1.53 9.70 9.96
N PHE A 84 -2.37 9.78 8.89
CA PHE A 84 -2.23 10.80 7.83
C PHE A 84 -3.57 11.44 7.48
N GLN A 85 -3.48 12.60 6.81
CA GLN A 85 -4.62 13.29 6.19
C GLN A 85 -5.08 12.55 4.91
N THR A 86 -4.10 12.20 4.06
CA THR A 86 -4.34 11.54 2.76
C THR A 86 -3.31 10.42 2.50
N LEU A 87 -3.58 9.60 1.46
CA LEU A 87 -2.63 8.58 0.94
C LEU A 87 -1.34 9.25 0.42
N GLY A 88 -1.45 10.45 -0.16
CA GLY A 88 -0.28 11.23 -0.61
C GLY A 88 0.74 11.45 0.52
N GLU A 89 0.25 11.79 1.71
CA GLU A 89 1.08 11.94 2.92
C GLU A 89 1.67 10.58 3.35
N LEU A 90 0.87 9.51 3.17
CA LEU A 90 1.23 8.12 3.55
C LEU A 90 2.42 7.62 2.71
N ILE A 91 2.45 7.99 1.43
CA ILE A 91 3.39 7.39 0.45
C ILE A 91 4.73 8.15 0.53
N GLY A 92 4.63 9.48 0.76
CA GLY A 92 5.81 10.35 0.82
C GLY A 92 6.62 10.16 2.09
N LEU A 93 5.94 10.08 3.25
CA LEU A 93 6.60 9.94 4.57
C LEU A 93 7.10 8.51 4.78
N TYR A 94 6.38 7.51 4.23
CA TYR A 94 6.84 6.12 4.28
C TYR A 94 7.94 5.84 3.22
N ALA A 95 8.08 6.74 2.21
CA ALA A 95 9.21 6.70 1.24
C ALA A 95 10.57 7.07 1.91
N GLN A 96 10.53 7.40 3.20
CA GLN A 96 11.70 7.56 4.05
C GLN A 96 11.51 6.70 5.32
N PRO A 97 12.63 6.22 5.96
CA PRO A 97 12.65 5.65 7.34
C PRO A 97 11.56 6.23 8.30
N ASN A 98 10.52 5.43 8.53
CA ASN A 98 9.35 5.80 9.35
C ASN A 98 9.37 5.09 10.71
N GLN A 99 9.66 3.75 10.66
CA GLN A 99 9.70 2.78 11.80
C GLN A 99 8.48 1.84 11.67
N GLY A 100 8.78 0.54 11.45
CA GLY A 100 7.75 -0.49 11.20
C GLY A 100 7.76 -0.99 9.76
N LEU A 101 8.48 -0.25 8.88
CA LEU A 101 8.62 -0.58 7.45
C LEU A 101 9.76 -1.61 7.21
N VAL A 102 9.49 -2.56 6.30
CA VAL A 102 10.43 -3.61 5.90
C VAL A 102 11.72 -3.03 5.25
N CYS A 103 11.57 -1.91 4.49
CA CYS A 103 12.69 -1.25 3.79
C CYS A 103 12.30 0.17 3.36
N ALA A 104 11.18 0.69 3.90
CA ALA A 104 10.48 1.91 3.42
C ALA A 104 9.73 1.60 2.08
N LEU A 105 9.01 2.60 1.56
CA LEU A 105 8.26 2.46 0.31
C LEU A 105 9.14 2.94 -0.86
N LEU A 106 9.52 2.01 -1.75
CA LEU A 106 10.49 2.27 -2.85
C LEU A 106 9.80 2.32 -4.22
N LEU A 107 9.19 1.19 -4.66
CA LEU A 107 8.69 1.02 -6.04
C LEU A 107 7.15 0.83 -5.98
N PRO A 108 6.34 1.89 -6.32
CA PRO A 108 4.86 1.75 -6.43
C PRO A 108 4.46 0.98 -7.70
N VAL A 109 3.78 -0.17 -7.54
CA VAL A 109 3.43 -1.07 -8.65
C VAL A 109 1.90 -0.94 -8.92
N MET A 1 -25.48 3.42 -21.39
CA MET A 1 -24.33 3.58 -20.46
C MET A 1 -23.03 3.34 -21.25
N GLY A 2 -22.26 4.43 -21.46
CA GLY A 2 -21.03 4.36 -22.26
C GLY A 2 -20.22 5.64 -22.13
N HIS A 3 -19.74 5.91 -20.91
CA HIS A 3 -18.80 7.00 -20.62
C HIS A 3 -17.38 6.47 -20.79
N HIS A 4 -16.82 6.68 -22.00
CA HIS A 4 -15.49 6.18 -22.38
C HIS A 4 -14.39 6.94 -21.63
N HIS A 5 -13.62 6.22 -20.81
CA HIS A 5 -12.51 6.79 -20.01
C HIS A 5 -11.29 5.86 -20.07
N HIS A 6 -10.97 5.41 -21.30
CA HIS A 6 -9.75 4.65 -21.58
C HIS A 6 -8.56 5.64 -21.61
N HIS A 7 -8.16 6.06 -20.40
CA HIS A 7 -7.15 7.12 -20.17
C HIS A 7 -6.44 6.85 -18.82
N HIS A 8 -6.28 5.56 -18.52
CA HIS A 8 -5.64 5.07 -17.28
C HIS A 8 -4.11 5.14 -17.44
N SER A 9 -3.54 6.32 -17.19
CA SER A 9 -2.09 6.57 -17.29
C SER A 9 -1.64 7.47 -16.13
N HIS A 10 -1.27 6.80 -15.02
CA HIS A 10 -0.70 7.42 -13.81
C HIS A 10 -0.24 6.31 -12.86
N MET A 11 0.77 6.60 -12.02
CA MET A 11 1.33 5.61 -11.07
C MET A 11 0.33 5.33 -9.95
N SER A 12 -0.60 4.43 -10.25
CA SER A 12 -1.66 4.02 -9.33
C SER A 12 -1.22 2.76 -8.60
N TRP A 13 -0.74 2.91 -7.36
CA TRP A 13 -0.42 1.77 -6.47
C TRP A 13 -1.72 1.32 -5.77
N TYR A 14 -2.65 2.28 -5.58
CA TYR A 14 -3.95 2.00 -4.97
C TYR A 14 -4.83 1.28 -5.98
N HIS A 15 -5.30 0.09 -5.62
CA HIS A 15 -6.20 -0.70 -6.45
C HIS A 15 -7.30 -1.32 -5.55
N ARG A 16 -8.42 -0.60 -5.44
CA ARG A 16 -9.72 -1.20 -5.06
C ARG A 16 -10.11 -2.22 -6.15
N ASP A 17 -10.85 -3.30 -5.77
CA ASP A 17 -11.26 -4.41 -6.68
C ASP A 17 -10.11 -5.44 -6.89
N LEU A 18 -8.89 -5.10 -6.44
CA LEU A 18 -7.72 -6.01 -6.51
C LEU A 18 -7.65 -6.84 -5.22
N SER A 19 -7.67 -8.18 -5.34
CA SER A 19 -7.63 -9.09 -4.20
C SER A 19 -6.17 -9.30 -3.75
N ARG A 20 -5.98 -9.71 -2.49
CA ARG A 20 -4.66 -9.80 -1.85
C ARG A 20 -3.71 -10.81 -2.54
N ALA A 21 -4.21 -12.02 -2.84
CA ALA A 21 -3.43 -13.07 -3.56
C ALA A 21 -2.92 -12.56 -4.92
N ALA A 22 -3.81 -11.89 -5.66
CA ALA A 22 -3.49 -11.28 -6.98
C ALA A 22 -2.52 -10.09 -6.83
N ALA A 23 -2.66 -9.35 -5.72
CA ALA A 23 -1.86 -8.15 -5.44
C ALA A 23 -0.38 -8.49 -5.22
N GLU A 24 -0.14 -9.41 -4.27
CA GLU A 24 1.20 -9.91 -3.90
C GLU A 24 1.85 -10.69 -5.06
N GLU A 25 0.99 -11.31 -5.90
CA GLU A 25 1.41 -11.98 -7.16
C GLU A 25 2.05 -10.95 -8.10
N LEU A 26 1.32 -9.83 -8.33
CA LEU A 26 1.76 -8.70 -9.16
C LEU A 26 2.97 -7.96 -8.55
N LEU A 27 3.10 -7.97 -7.21
CA LEU A 27 4.29 -7.42 -6.53
C LEU A 27 5.51 -8.28 -6.84
N ALA A 28 5.34 -9.60 -6.74
CA ALA A 28 6.40 -10.59 -6.98
C ALA A 28 6.77 -10.66 -8.48
N ARG A 29 5.81 -10.33 -9.35
CA ARG A 29 5.98 -10.39 -10.81
C ARG A 29 6.62 -9.10 -11.36
N ALA A 30 5.92 -7.97 -11.15
CA ALA A 30 6.21 -6.69 -11.83
C ALA A 30 7.40 -5.96 -11.19
N GLY A 31 7.34 -5.71 -9.88
CA GLY A 31 8.41 -5.03 -9.16
C GLY A 31 9.47 -6.01 -8.68
N ARG A 32 9.00 -7.21 -8.32
CA ARG A 32 9.79 -8.40 -7.93
C ARG A 32 10.70 -8.20 -6.68
N ASP A 33 10.61 -7.01 -6.04
CA ASP A 33 11.52 -6.56 -4.95
C ASP A 33 11.33 -5.04 -4.78
N GLY A 34 11.18 -4.57 -3.54
CA GLY A 34 10.99 -3.14 -3.26
C GLY A 34 9.58 -2.63 -3.60
N SER A 35 8.73 -3.54 -4.12
CA SER A 35 7.42 -3.21 -4.71
C SER A 35 6.33 -3.07 -3.64
N PHE A 36 5.57 -1.97 -3.68
CA PHE A 36 4.40 -1.76 -2.80
C PHE A 36 3.16 -1.41 -3.63
N LEU A 37 1.99 -1.76 -3.11
CA LEU A 37 0.70 -1.28 -3.60
C LEU A 37 -0.24 -1.08 -2.41
N VAL A 38 -1.28 -0.30 -2.63
CA VAL A 38 -2.34 -0.07 -1.65
C VAL A 38 -3.64 -0.69 -2.20
N ARG A 39 -4.57 -1.08 -1.31
CA ARG A 39 -5.83 -1.75 -1.66
C ARG A 39 -6.97 -1.20 -0.80
N ASP A 40 -8.18 -1.59 -1.18
CA ASP A 40 -9.38 -1.39 -0.37
C ASP A 40 -9.53 -2.61 0.59
N SER A 41 -9.83 -2.34 1.88
CA SER A 41 -9.97 -3.41 2.88
C SER A 41 -11.14 -4.34 2.54
N GLU A 42 -10.89 -5.65 2.68
CA GLU A 42 -11.80 -6.72 2.26
C GLU A 42 -12.56 -7.32 3.47
N SER A 43 -12.52 -6.61 4.62
CA SER A 43 -13.14 -7.07 5.87
C SER A 43 -13.65 -5.85 6.67
N VAL A 44 -12.72 -4.96 7.08
CA VAL A 44 -13.02 -3.86 8.02
C VAL A 44 -13.47 -2.56 7.29
N ALA A 45 -14.66 -2.08 7.71
CA ALA A 45 -15.29 -0.78 7.35
C ALA A 45 -14.87 -0.15 5.99
N GLY A 46 -14.57 1.17 5.98
CA GLY A 46 -14.05 1.87 4.80
C GLY A 46 -12.59 2.21 4.96
N ALA A 47 -11.78 1.17 5.19
CA ALA A 47 -10.35 1.29 5.51
C ALA A 47 -9.47 0.94 4.30
N PHE A 48 -8.15 1.13 4.45
CA PHE A 48 -7.15 0.85 3.40
C PHE A 48 -6.21 -0.29 3.88
N ALA A 49 -5.56 -0.96 2.91
CA ALA A 49 -4.52 -1.97 3.15
C ALA A 49 -3.24 -1.58 2.38
N LEU A 50 -2.06 -1.79 2.97
CA LEU A 50 -0.76 -1.49 2.34
C LEU A 50 0.08 -2.77 2.33
N CYS A 51 0.38 -3.26 1.13
CA CYS A 51 1.10 -4.53 0.91
C CYS A 51 2.46 -4.20 0.27
N VAL A 52 3.56 -4.56 0.97
CA VAL A 52 4.92 -4.14 0.57
C VAL A 52 5.84 -5.37 0.49
N LEU A 53 6.72 -5.40 -0.52
CA LEU A 53 7.64 -6.52 -0.79
C LEU A 53 9.08 -6.01 -0.78
N TYR A 54 9.98 -6.80 -0.17
CA TYR A 54 11.42 -6.56 -0.18
C TYR A 54 12.16 -7.80 0.38
N GLN A 55 13.26 -8.20 -0.29
CA GLN A 55 14.11 -9.36 0.09
C GLN A 55 13.27 -10.62 0.40
N LYS A 56 12.25 -10.88 -0.44
CA LYS A 56 11.25 -11.94 -0.25
C LYS A 56 10.50 -11.82 1.09
N HIS A 57 10.08 -10.60 1.42
CA HIS A 57 9.20 -10.31 2.57
C HIS A 57 8.04 -9.45 2.07
N VAL A 58 6.86 -10.07 1.91
CA VAL A 58 5.61 -9.34 1.64
C VAL A 58 4.87 -9.18 2.97
N HIS A 59 4.89 -7.97 3.55
CA HIS A 59 4.16 -7.66 4.79
C HIS A 59 3.02 -6.68 4.47
N THR A 60 1.83 -6.97 5.01
CA THR A 60 0.61 -6.18 4.73
C THR A 60 0.10 -5.54 6.03
N TYR A 61 -0.40 -4.31 5.92
CA TYR A 61 -0.90 -3.50 7.04
C TYR A 61 -2.34 -3.09 6.73
N ARG A 62 -3.13 -2.82 7.76
CA ARG A 62 -4.43 -2.15 7.63
C ARG A 62 -4.26 -0.68 8.05
N ILE A 63 -5.21 0.18 7.64
CA ILE A 63 -5.01 1.63 7.66
C ILE A 63 -6.41 2.18 8.01
N LEU A 64 -6.62 2.56 9.28
CA LEU A 64 -7.99 2.75 9.82
C LEU A 64 -8.33 4.24 9.91
N PRO A 65 -9.60 4.65 9.52
CA PRO A 65 -10.10 6.04 9.66
C PRO A 65 -10.52 6.36 11.12
N ASP A 66 -11.65 7.08 11.32
CA ASP A 66 -12.01 7.70 12.63
C ASP A 66 -13.21 8.68 12.47
N GLY A 67 -13.62 9.35 13.59
CA GLY A 67 -14.56 10.51 13.53
C GLY A 67 -13.82 11.86 13.35
N GLU A 68 -12.51 11.73 13.15
CA GLU A 68 -11.54 12.81 12.91
C GLU A 68 -10.59 12.20 11.89
N ASP A 69 -10.66 12.60 10.59
CA ASP A 69 -10.28 11.68 9.49
C ASP A 69 -8.75 11.50 9.41
N PHE A 70 -8.26 10.51 10.16
CA PHE A 70 -6.86 10.13 10.20
C PHE A 70 -6.71 8.72 9.67
N LEU A 71 -5.67 8.49 8.86
CA LEU A 71 -5.32 7.17 8.37
C LEU A 71 -4.23 6.62 9.30
N ALA A 72 -4.61 5.64 10.12
CA ALA A 72 -3.77 5.11 11.20
C ALA A 72 -3.22 3.73 10.80
N VAL A 73 -1.89 3.67 10.60
CA VAL A 73 -1.20 2.46 10.11
C VAL A 73 -0.51 1.74 11.28
N GLN A 74 -0.50 0.40 11.22
CA GLN A 74 0.10 -0.44 12.26
C GLN A 74 1.31 -1.16 11.63
N THR A 75 2.46 -0.47 11.69
CA THR A 75 3.74 -0.96 11.14
C THR A 75 4.41 -1.94 12.11
N SER A 76 4.58 -1.49 13.36
CA SER A 76 5.16 -2.29 14.45
C SER A 76 4.23 -2.31 15.67
N GLN A 77 4.54 -3.20 16.63
CA GLN A 77 3.78 -3.37 17.86
C GLN A 77 4.26 -2.40 18.96
N GLY A 78 5.31 -1.62 18.70
CA GLY A 78 5.89 -0.72 19.71
C GLY A 78 6.46 0.56 19.11
N VAL A 79 5.78 1.11 18.10
CA VAL A 79 6.10 2.44 17.52
C VAL A 79 4.88 3.36 17.68
N PRO A 80 5.05 4.71 17.79
CA PRO A 80 3.91 5.67 17.73
C PRO A 80 3.21 5.57 16.36
N VAL A 81 1.88 5.36 16.40
CA VAL A 81 1.04 5.19 15.18
C VAL A 81 0.96 6.52 14.44
N ARG A 82 1.29 6.50 13.14
CA ARG A 82 1.44 7.71 12.34
C ARG A 82 0.13 7.92 11.55
N ARG A 83 -0.53 9.05 11.82
CA ARG A 83 -1.86 9.37 11.26
C ARG A 83 -1.73 10.31 10.06
N PHE A 84 -2.32 9.93 8.93
CA PHE A 84 -2.19 10.68 7.66
C PHE A 84 -3.51 11.37 7.28
N GLN A 85 -3.41 12.53 6.62
CA GLN A 85 -4.55 13.25 6.06
C GLN A 85 -5.10 12.51 4.82
N THR A 86 -4.16 11.98 4.02
CA THR A 86 -4.47 11.23 2.78
C THR A 86 -3.44 10.10 2.56
N LEU A 87 -3.76 9.24 1.58
CA LEU A 87 -2.85 8.16 1.13
C LEU A 87 -1.56 8.77 0.53
N GLY A 88 -1.67 9.99 -0.04
CA GLY A 88 -0.51 10.78 -0.47
C GLY A 88 0.51 11.00 0.64
N GLU A 89 0.00 11.31 1.86
CA GLU A 89 0.83 11.49 3.06
C GLU A 89 1.46 10.15 3.50
N LEU A 90 0.66 9.08 3.37
CA LEU A 90 1.07 7.72 3.78
C LEU A 90 2.34 7.29 3.01
N ILE A 91 2.26 7.37 1.67
CA ILE A 91 3.37 7.03 0.76
C ILE A 91 4.53 8.05 0.93
N GLY A 92 4.17 9.32 1.23
CA GLY A 92 5.12 10.39 1.47
C GLY A 92 6.08 10.09 2.62
N LEU A 93 5.55 9.81 3.81
CA LEU A 93 6.34 9.49 5.00
C LEU A 93 7.00 8.12 4.87
N TYR A 94 6.27 7.15 4.31
CA TYR A 94 6.74 5.75 4.24
C TYR A 94 7.76 5.51 3.12
N ALA A 95 7.99 6.52 2.27
CA ALA A 95 9.16 6.55 1.37
C ALA A 95 10.50 6.63 2.17
N GLN A 96 10.39 6.96 3.47
CA GLN A 96 11.51 6.96 4.43
C GLN A 96 11.60 5.58 5.13
N PRO A 97 12.83 5.00 5.32
CA PRO A 97 13.03 3.74 6.07
C PRO A 97 12.95 3.90 7.61
N ASN A 98 13.03 2.74 8.31
CA ASN A 98 13.00 2.63 9.78
C ASN A 98 11.70 3.22 10.39
N GLN A 99 10.58 2.49 10.20
CA GLN A 99 9.26 2.81 10.80
C GLN A 99 8.52 1.52 11.22
N GLY A 100 9.01 0.35 10.75
CA GLY A 100 8.29 -0.94 10.86
C GLY A 100 8.06 -1.59 9.49
N LEU A 101 8.49 -0.86 8.46
CA LEU A 101 8.44 -1.29 7.05
C LEU A 101 9.53 -2.34 6.75
N VAL A 102 9.42 -2.98 5.58
CA VAL A 102 10.42 -3.97 5.11
C VAL A 102 11.78 -3.26 4.80
N CYS A 103 11.73 -2.13 4.05
CA CYS A 103 12.91 -1.32 3.67
C CYS A 103 12.46 -0.03 2.95
N ALA A 104 11.34 0.56 3.46
CA ALA A 104 10.70 1.80 2.94
C ALA A 104 9.86 1.50 1.69
N LEU A 105 9.27 2.56 1.11
CA LEU A 105 8.51 2.51 -0.13
C LEU A 105 9.37 3.12 -1.25
N LEU A 106 10.02 2.24 -2.04
CA LEU A 106 11.04 2.63 -3.05
C LEU A 106 10.52 2.38 -4.50
N LEU A 107 9.98 1.18 -4.75
CA LEU A 107 9.36 0.81 -6.04
C LEU A 107 7.85 0.63 -5.82
N PRO A 108 6.95 1.34 -6.55
CA PRO A 108 5.51 0.99 -6.55
C PRO A 108 5.29 -0.36 -7.27
N VAL A 109 5.12 -0.34 -8.59
CA VAL A 109 4.94 -1.54 -9.45
C VAL A 109 5.48 -1.20 -10.85
N MET A 1 -2.75 -13.72 -38.05
CA MET A 1 -1.35 -14.20 -37.95
C MET A 1 -0.61 -13.36 -36.90
N GLY A 2 -0.33 -13.96 -35.73
CA GLY A 2 0.30 -13.24 -34.61
C GLY A 2 1.31 -14.10 -33.87
N HIS A 3 2.42 -13.45 -33.45
CA HIS A 3 3.52 -14.08 -32.68
C HIS A 3 3.16 -14.05 -31.17
N HIS A 4 4.18 -14.15 -30.28
CA HIS A 4 4.01 -13.81 -28.87
C HIS A 4 3.94 -12.27 -28.73
N HIS A 5 2.89 -11.75 -28.06
CA HIS A 5 2.67 -10.30 -27.90
C HIS A 5 1.79 -10.05 -26.66
N HIS A 6 2.20 -9.07 -25.83
CA HIS A 6 1.47 -8.65 -24.61
C HIS A 6 1.70 -7.14 -24.40
N HIS A 7 1.01 -6.56 -23.40
CA HIS A 7 1.14 -5.13 -23.09
C HIS A 7 0.74 -4.88 -21.63
N HIS A 8 1.72 -5.02 -20.71
CA HIS A 8 1.55 -4.68 -19.28
C HIS A 8 1.76 -3.19 -19.07
N SER A 9 0.66 -2.43 -19.07
CA SER A 9 0.65 -0.98 -18.85
C SER A 9 -0.34 -0.64 -17.73
N HIS A 10 0.16 -0.63 -16.49
CA HIS A 10 -0.63 -0.25 -15.31
C HIS A 10 -0.89 1.27 -15.32
N MET A 11 -2.12 1.67 -14.94
CA MET A 11 -2.50 3.09 -14.82
C MET A 11 -1.94 3.71 -13.53
N SER A 12 -1.80 2.84 -12.50
CA SER A 12 -1.30 3.21 -11.17
C SER A 12 -0.70 1.98 -10.47
N TRP A 13 -0.09 2.20 -9.30
CA TRP A 13 0.27 1.12 -8.35
C TRP A 13 -0.88 0.98 -7.35
N TYR A 14 -1.66 2.07 -7.21
CA TYR A 14 -2.94 2.04 -6.51
C TYR A 14 -3.95 1.31 -7.42
N HIS A 15 -4.31 0.07 -7.05
CA HIS A 15 -5.27 -0.75 -7.81
C HIS A 15 -6.61 -0.73 -7.06
N ARG A 16 -7.65 -0.19 -7.72
CA ARG A 16 -8.97 0.09 -7.09
C ARG A 16 -9.65 -1.21 -6.60
N ASP A 17 -9.68 -2.25 -7.45
CA ASP A 17 -10.23 -3.57 -7.08
C ASP A 17 -9.11 -4.62 -7.06
N LEU A 18 -8.37 -4.66 -5.95
CA LEU A 18 -7.31 -5.66 -5.71
C LEU A 18 -7.43 -6.25 -4.30
N SER A 19 -7.34 -7.59 -4.22
CA SER A 19 -7.37 -8.33 -2.94
C SER A 19 -5.93 -8.69 -2.50
N ARG A 20 -5.76 -9.20 -1.27
CA ARG A 20 -4.43 -9.42 -0.65
C ARG A 20 -3.57 -10.43 -1.41
N ALA A 21 -4.09 -11.66 -1.58
CA ALA A 21 -3.38 -12.76 -2.27
C ALA A 21 -2.98 -12.34 -3.70
N ALA A 22 -3.91 -11.68 -4.39
CA ALA A 22 -3.69 -11.13 -5.74
C ALA A 22 -2.67 -9.97 -5.73
N ALA A 23 -2.62 -9.21 -4.62
CA ALA A 23 -1.71 -8.04 -4.46
C ALA A 23 -0.25 -8.48 -4.38
N GLU A 24 0.01 -9.44 -3.49
CA GLU A 24 1.35 -10.01 -3.29
C GLU A 24 1.80 -10.86 -4.49
N GLU A 25 0.84 -11.35 -5.30
CA GLU A 25 1.15 -11.95 -6.62
C GLU A 25 1.64 -10.85 -7.58
N LEU A 26 0.90 -9.74 -7.67
CA LEU A 26 1.32 -8.56 -8.47
C LEU A 26 2.66 -7.98 -7.97
N LEU A 27 2.95 -8.12 -6.68
CA LEU A 27 4.27 -7.77 -6.11
C LEU A 27 5.35 -8.73 -6.64
N ALA A 28 5.05 -10.04 -6.61
CA ALA A 28 6.01 -11.11 -6.96
C ALA A 28 6.45 -11.03 -8.43
N ARG A 29 5.47 -10.78 -9.33
CA ARG A 29 5.73 -10.74 -10.78
C ARG A 29 6.16 -9.32 -11.21
N ALA A 30 5.37 -8.28 -10.86
CA ALA A 30 5.64 -6.89 -11.30
C ALA A 30 6.75 -6.27 -10.47
N GLY A 31 6.53 -6.16 -9.13
CA GLY A 31 7.50 -5.54 -8.23
C GLY A 31 8.83 -6.28 -8.14
N ARG A 32 9.91 -5.54 -8.37
CA ARG A 32 11.29 -6.06 -8.40
C ARG A 32 11.89 -6.26 -6.99
N ASP A 33 11.63 -5.29 -6.09
CA ASP A 33 12.28 -5.17 -4.75
C ASP A 33 11.89 -3.80 -4.16
N GLY A 34 11.47 -3.77 -2.88
CA GLY A 34 11.09 -2.49 -2.22
C GLY A 34 9.81 -1.91 -2.81
N SER A 35 9.00 -2.80 -3.41
CA SER A 35 7.81 -2.44 -4.18
C SER A 35 6.59 -2.34 -3.29
N PHE A 36 5.69 -1.41 -3.61
CA PHE A 36 4.50 -1.15 -2.79
C PHE A 36 3.30 -0.86 -3.69
N LEU A 37 2.12 -1.18 -3.18
CA LEU A 37 0.84 -0.80 -3.77
C LEU A 37 -0.13 -0.42 -2.63
N VAL A 38 -1.12 0.44 -2.92
CA VAL A 38 -2.21 0.72 -1.98
C VAL A 38 -3.54 0.36 -2.68
N ARG A 39 -4.49 -0.09 -1.88
CA ARG A 39 -5.79 -0.62 -2.33
C ARG A 39 -6.76 -0.59 -1.15
N ASP A 40 -7.92 -1.21 -1.34
CA ASP A 40 -8.88 -1.48 -0.26
C ASP A 40 -8.59 -2.84 0.37
N SER A 41 -8.78 -2.92 1.69
CA SER A 41 -8.87 -4.19 2.43
C SER A 41 -10.17 -4.90 2.07
N GLU A 42 -10.22 -6.21 2.33
CA GLU A 42 -11.41 -7.06 2.09
C GLU A 42 -12.03 -7.42 3.46
N SER A 43 -11.25 -7.21 4.53
CA SER A 43 -11.66 -7.55 5.91
C SER A 43 -12.57 -6.43 6.46
N VAL A 44 -11.97 -5.25 6.70
CA VAL A 44 -12.66 -4.11 7.35
C VAL A 44 -13.30 -3.22 6.27
N ALA A 45 -14.65 -3.11 6.34
CA ALA A 45 -15.56 -2.29 5.48
C ALA A 45 -14.90 -1.61 4.26
N GLY A 46 -14.25 -0.44 4.51
CA GLY A 46 -13.48 0.27 3.50
C GLY A 46 -12.18 0.77 4.06
N ALA A 47 -11.32 -0.18 4.46
CA ALA A 47 -10.00 0.13 5.00
C ALA A 47 -8.95 0.18 3.87
N PHE A 48 -7.78 0.76 4.16
CA PHE A 48 -6.68 0.95 3.19
C PHE A 48 -5.58 -0.09 3.45
N ALA A 49 -5.27 -0.89 2.44
CA ALA A 49 -4.25 -1.94 2.53
C ALA A 49 -3.02 -1.53 1.71
N LEU A 50 -1.83 -1.64 2.33
CA LEU A 50 -0.54 -1.29 1.73
C LEU A 50 0.30 -2.57 1.68
N CYS A 51 0.52 -3.13 0.49
CA CYS A 51 1.24 -4.41 0.32
C CYS A 51 2.62 -4.12 -0.25
N VAL A 52 3.67 -4.56 0.46
CA VAL A 52 5.08 -4.24 0.13
C VAL A 52 5.90 -5.52 0.10
N LEU A 53 6.65 -5.73 -1.00
CA LEU A 53 7.58 -6.85 -1.19
C LEU A 53 9.03 -6.34 -1.11
N TYR A 54 9.92 -7.15 -0.52
CA TYR A 54 11.35 -6.85 -0.41
C TYR A 54 12.12 -8.15 -0.07
N GLN A 55 12.94 -8.63 -1.02
CA GLN A 55 13.71 -9.89 -0.92
C GLN A 55 12.83 -11.11 -0.50
N LYS A 56 11.78 -11.38 -1.31
CA LYS A 56 10.76 -12.43 -1.05
C LYS A 56 10.12 -12.32 0.37
N HIS A 57 10.07 -11.08 0.91
CA HIS A 57 9.38 -10.80 2.17
C HIS A 57 8.11 -10.03 1.80
N VAL A 58 6.98 -10.73 1.87
CA VAL A 58 5.65 -10.15 1.68
C VAL A 58 5.17 -9.62 3.03
N HIS A 59 4.74 -8.35 3.05
CA HIS A 59 4.15 -7.73 4.24
C HIS A 59 2.97 -6.86 3.81
N THR A 60 1.85 -6.96 4.52
CA THR A 60 0.68 -6.09 4.33
C THR A 60 0.52 -5.21 5.58
N TYR A 61 0.26 -3.92 5.37
CA TYR A 61 0.02 -2.95 6.44
C TYR A 61 -1.43 -2.51 6.29
N ARG A 62 -2.32 -3.08 7.10
CA ARG A 62 -3.74 -2.76 7.07
C ARG A 62 -3.97 -1.47 7.87
N ILE A 63 -4.04 -0.35 7.15
CA ILE A 63 -4.58 0.90 7.70
C ILE A 63 -6.11 0.77 7.84
N LEU A 64 -6.57 0.93 9.07
CA LEU A 64 -8.00 1.00 9.38
C LEU A 64 -8.30 2.51 9.60
N PRO A 65 -9.33 3.10 8.89
CA PRO A 65 -9.70 4.50 9.08
C PRO A 65 -10.06 4.79 10.57
N ASP A 66 -11.11 4.10 11.06
CA ASP A 66 -11.42 3.88 12.49
C ASP A 66 -12.58 4.80 12.87
N GLY A 67 -12.31 6.09 13.16
CA GLY A 67 -13.36 7.06 13.42
C GLY A 67 -13.86 7.77 12.16
N GLU A 68 -13.74 7.11 10.97
CA GLU A 68 -14.25 7.60 9.66
C GLU A 68 -13.69 8.97 9.16
N ASP A 69 -12.85 9.67 9.97
CA ASP A 69 -12.29 11.00 9.62
C ASP A 69 -10.85 10.87 9.14
N PHE A 70 -10.08 10.06 9.86
CA PHE A 70 -8.63 9.87 9.65
C PHE A 70 -8.39 8.45 9.12
N LEU A 71 -7.23 8.22 8.46
CA LEU A 71 -6.73 6.86 8.18
C LEU A 71 -5.48 6.63 9.05
N ALA A 72 -5.58 5.70 10.02
CA ALA A 72 -4.51 5.42 10.99
C ALA A 72 -3.76 4.13 10.63
N VAL A 73 -2.44 4.25 10.48
CA VAL A 73 -1.56 3.15 10.05
C VAL A 73 -1.16 2.31 11.27
N GLN A 74 -1.31 0.98 11.16
CA GLN A 74 -1.01 0.05 12.26
C GLN A 74 0.40 -0.49 12.04
N THR A 75 1.39 0.19 12.66
CA THR A 75 2.78 -0.26 12.65
C THR A 75 2.95 -1.32 13.75
N SER A 76 2.79 -0.91 15.04
CA SER A 76 2.74 -1.81 16.21
C SER A 76 2.13 -1.06 17.42
N GLN A 77 1.20 -1.72 18.13
CA GLN A 77 0.80 -1.27 19.48
C GLN A 77 1.98 -1.59 20.42
N GLY A 78 2.81 -0.58 20.73
CA GLY A 78 4.14 -0.81 21.32
C GLY A 78 5.11 0.26 20.84
N VAL A 79 4.87 0.79 19.63
CA VAL A 79 5.68 1.87 19.02
C VAL A 79 4.74 3.04 18.59
N PRO A 80 5.24 4.32 18.54
CA PRO A 80 4.42 5.50 18.08
C PRO A 80 3.71 5.28 16.72
N VAL A 81 2.36 5.22 16.77
CA VAL A 81 1.49 5.09 15.59
C VAL A 81 1.48 6.40 14.76
N ARG A 82 1.47 6.26 13.41
CA ARG A 82 1.37 7.39 12.48
C ARG A 82 0.00 7.39 11.80
N ARG A 83 -0.76 8.46 11.99
CA ARG A 83 -2.03 8.70 11.30
C ARG A 83 -1.82 9.71 10.18
N PHE A 84 -2.57 9.56 9.08
CA PHE A 84 -2.59 10.50 7.95
C PHE A 84 -4.06 10.79 7.56
N GLN A 85 -4.28 11.86 6.80
CA GLN A 85 -5.60 12.18 6.21
C GLN A 85 -5.62 11.74 4.74
N THR A 86 -4.44 11.59 4.14
CA THR A 86 -4.27 11.38 2.70
C THR A 86 -3.17 10.32 2.48
N LEU A 87 -3.39 9.45 1.48
CA LEU A 87 -2.43 8.41 1.09
C LEU A 87 -1.10 9.02 0.62
N GLY A 88 -1.15 10.22 0.02
CA GLY A 88 0.05 10.98 -0.36
C GLY A 88 0.98 11.28 0.82
N GLU A 89 0.38 11.53 2.01
CA GLU A 89 1.14 11.76 3.27
C GLU A 89 1.81 10.45 3.74
N LEU A 90 1.06 9.32 3.59
CA LEU A 90 1.55 7.97 3.90
C LEU A 90 2.82 7.66 3.11
N ILE A 91 2.69 7.68 1.77
CA ILE A 91 3.76 7.36 0.82
C ILE A 91 4.96 8.33 1.00
N GLY A 92 4.62 9.62 1.23
CA GLY A 92 5.60 10.69 1.43
C GLY A 92 6.58 10.40 2.57
N LEU A 93 6.03 10.15 3.78
CA LEU A 93 6.85 9.86 4.97
C LEU A 93 7.46 8.45 4.89
N TYR A 94 6.72 7.49 4.31
CA TYR A 94 7.12 6.07 4.31
C TYR A 94 8.05 5.71 3.15
N ALA A 95 8.42 6.70 2.30
CA ALA A 95 9.41 6.52 1.21
C ALA A 95 10.87 6.60 1.72
N GLN A 96 11.03 6.62 3.06
CA GLN A 96 12.34 6.68 3.74
C GLN A 96 12.30 5.70 4.95
N PRO A 97 13.47 5.28 5.54
CA PRO A 97 13.51 4.48 6.80
C PRO A 97 12.64 5.09 7.94
N ASN A 98 11.63 4.31 8.38
CA ASN A 98 10.63 4.74 9.38
C ASN A 98 10.87 4.07 10.73
N GLN A 99 10.45 2.78 10.83
CA GLN A 99 10.12 2.09 12.10
C GLN A 99 9.00 1.07 11.80
N GLY A 100 9.36 -0.22 11.67
CA GLY A 100 8.38 -1.32 11.55
C GLY A 100 8.28 -1.86 10.13
N LEU A 101 8.56 -1.00 9.13
CA LEU A 101 8.46 -1.39 7.70
C LEU A 101 9.60 -2.36 7.30
N VAL A 102 9.28 -3.30 6.39
CA VAL A 102 10.27 -4.21 5.77
C VAL A 102 11.28 -3.45 4.89
N CYS A 103 10.83 -2.30 4.36
CA CYS A 103 11.64 -1.41 3.52
C CYS A 103 10.90 -0.07 3.32
N ALA A 104 11.60 0.88 2.70
CA ALA A 104 11.02 2.17 2.26
C ALA A 104 10.16 1.93 1.01
N LEU A 105 9.12 2.77 0.82
CA LEU A 105 8.23 2.68 -0.33
C LEU A 105 8.95 3.30 -1.54
N LEU A 106 9.43 2.43 -2.45
CA LEU A 106 10.27 2.84 -3.59
C LEU A 106 9.63 2.51 -4.94
N LEU A 107 9.37 1.22 -5.21
CA LEU A 107 8.97 0.74 -6.54
C LEU A 107 7.44 0.63 -6.65
N PRO A 108 6.82 1.00 -7.82
CA PRO A 108 5.38 0.78 -8.09
C PRO A 108 5.04 -0.71 -8.38
N VAL A 109 3.85 -0.94 -8.95
CA VAL A 109 3.30 -2.28 -9.22
C VAL A 109 2.44 -2.18 -10.51
N MET A 1 -15.63 12.69 1.23
CA MET A 1 -15.48 13.72 0.19
C MET A 1 -15.07 13.07 -1.14
N GLY A 2 -15.99 13.09 -2.12
CA GLY A 2 -15.79 12.50 -3.43
C GLY A 2 -17.01 12.70 -4.33
N HIS A 3 -17.64 13.88 -4.19
CA HIS A 3 -18.84 14.26 -4.96
C HIS A 3 -18.46 14.69 -6.41
N HIS A 4 -17.14 14.76 -6.70
CA HIS A 4 -16.61 14.88 -8.07
C HIS A 4 -15.90 13.56 -8.43
N HIS A 5 -16.70 12.51 -8.68
CA HIS A 5 -16.17 11.18 -9.07
C HIS A 5 -15.73 11.22 -10.54
N HIS A 6 -14.41 11.30 -10.76
CA HIS A 6 -13.78 11.20 -12.08
C HIS A 6 -12.99 9.88 -12.17
N HIS A 7 -13.32 9.04 -13.17
CA HIS A 7 -12.71 7.70 -13.36
C HIS A 7 -11.29 7.77 -14.01
N HIS A 8 -10.62 8.92 -13.87
CA HIS A 8 -9.22 9.12 -14.27
C HIS A 8 -8.43 9.60 -13.03
N SER A 9 -8.61 8.87 -11.93
CA SER A 9 -8.06 9.22 -10.60
C SER A 9 -6.51 9.11 -10.51
N HIS A 10 -5.85 8.68 -11.61
CA HIS A 10 -4.37 8.48 -11.67
C HIS A 10 -3.95 7.35 -10.70
N MET A 11 -4.84 6.36 -10.57
CA MET A 11 -4.70 5.21 -9.68
C MET A 11 -3.78 4.14 -10.33
N SER A 12 -2.48 4.46 -10.39
CA SER A 12 -1.46 3.59 -10.98
C SER A 12 -1.12 2.44 -10.02
N TRP A 13 -0.60 2.78 -8.81
CA TRP A 13 -0.30 1.77 -7.76
C TRP A 13 -1.50 1.58 -6.82
N TYR A 14 -2.62 2.26 -7.12
CA TYR A 14 -3.83 2.21 -6.30
C TYR A 14 -4.89 1.44 -7.09
N HIS A 15 -5.48 0.42 -6.48
CA HIS A 15 -6.57 -0.34 -7.09
C HIS A 15 -7.80 -0.31 -6.17
N ARG A 16 -8.98 -0.26 -6.78
CA ARG A 16 -10.27 -0.31 -6.07
C ARG A 16 -10.41 -1.66 -5.33
N ASP A 17 -10.48 -2.73 -6.12
CA ASP A 17 -10.69 -4.09 -5.60
C ASP A 17 -9.31 -4.67 -5.19
N LEU A 18 -8.70 -5.56 -6.02
CA LEU A 18 -7.38 -6.16 -5.80
C LEU A 18 -7.40 -7.07 -4.57
N SER A 19 -7.24 -8.39 -4.77
CA SER A 19 -7.04 -9.33 -3.66
C SER A 19 -5.62 -9.15 -3.10
N ARG A 20 -5.47 -9.38 -1.79
CA ARG A 20 -4.16 -9.36 -1.10
C ARG A 20 -3.27 -10.49 -1.63
N ALA A 21 -3.90 -11.65 -1.92
CA ALA A 21 -3.24 -12.80 -2.56
C ALA A 21 -2.66 -12.40 -3.93
N ALA A 22 -3.46 -11.66 -4.71
CA ALA A 22 -3.09 -11.18 -6.04
C ALA A 22 -2.05 -10.03 -5.96
N ALA A 23 -2.17 -9.21 -4.92
CA ALA A 23 -1.30 -8.03 -4.70
C ALA A 23 0.15 -8.48 -4.44
N GLU A 24 0.27 -9.38 -3.47
CA GLU A 24 1.52 -10.05 -3.10
C GLU A 24 2.17 -10.74 -4.32
N GLU A 25 1.33 -11.42 -5.11
CA GLU A 25 1.77 -12.16 -6.30
C GLU A 25 2.34 -11.19 -7.38
N LEU A 26 1.57 -10.13 -7.69
CA LEU A 26 1.93 -9.12 -8.72
C LEU A 26 3.23 -8.36 -8.35
N LEU A 27 3.46 -8.13 -7.05
CA LEU A 27 4.70 -7.52 -6.56
C LEU A 27 5.85 -8.51 -6.72
N ALA A 28 5.72 -9.68 -6.08
CA ALA A 28 6.79 -10.70 -5.96
C ALA A 28 7.26 -11.23 -7.34
N ARG A 29 6.36 -11.22 -8.32
CA ARG A 29 6.65 -11.64 -9.70
C ARG A 29 7.40 -10.52 -10.46
N ALA A 30 6.93 -9.27 -10.32
CA ALA A 30 7.41 -8.14 -11.13
C ALA A 30 8.74 -7.58 -10.63
N GLY A 31 8.73 -7.14 -9.38
CA GLY A 31 9.78 -6.32 -8.81
C GLY A 31 10.55 -6.99 -7.69
N ARG A 32 11.36 -6.16 -7.03
CA ARG A 32 12.21 -6.55 -5.88
C ARG A 32 11.81 -5.71 -4.63
N ASP A 33 12.72 -5.58 -3.66
CA ASP A 33 12.49 -4.88 -2.39
C ASP A 33 12.03 -3.42 -2.61
N GLY A 34 10.97 -3.04 -1.88
CA GLY A 34 10.40 -1.70 -1.96
C GLY A 34 9.23 -1.60 -2.94
N SER A 35 8.88 -2.73 -3.61
CA SER A 35 7.72 -2.76 -4.53
C SER A 35 6.43 -2.67 -3.70
N PHE A 36 5.66 -1.59 -3.89
CA PHE A 36 4.49 -1.31 -3.07
C PHE A 36 3.27 -0.98 -3.92
N LEU A 37 2.10 -1.18 -3.30
CA LEU A 37 0.82 -0.73 -3.82
C LEU A 37 -0.15 -0.45 -2.66
N VAL A 38 -1.24 0.27 -2.96
CA VAL A 38 -2.36 0.49 -2.03
C VAL A 38 -3.65 0.05 -2.73
N ARG A 39 -4.61 -0.41 -1.94
CA ARG A 39 -5.88 -0.98 -2.41
C ARG A 39 -6.93 -0.77 -1.31
N ASP A 40 -8.21 -1.02 -1.62
CA ASP A 40 -9.28 -1.02 -0.60
C ASP A 40 -9.46 -2.48 -0.10
N SER A 41 -9.26 -2.67 1.22
CA SER A 41 -9.18 -4.01 1.84
C SER A 41 -10.56 -4.71 1.82
N GLU A 42 -10.70 -5.65 0.87
CA GLU A 42 -11.86 -6.56 0.73
C GLU A 42 -12.25 -7.31 2.04
N SER A 43 -11.25 -7.60 2.88
CA SER A 43 -11.47 -8.34 4.15
C SER A 43 -12.04 -7.44 5.26
N VAL A 44 -11.91 -6.11 5.09
CA VAL A 44 -12.38 -5.11 6.08
C VAL A 44 -13.62 -4.39 5.53
N ALA A 45 -13.38 -3.64 4.42
CA ALA A 45 -14.33 -2.77 3.69
C ALA A 45 -14.19 -1.32 4.18
N GLY A 46 -13.88 -0.43 3.21
CA GLY A 46 -13.57 0.98 3.50
C GLY A 46 -12.30 1.11 4.34
N ALA A 47 -11.22 0.58 3.80
CA ALA A 47 -9.91 0.48 4.48
C ALA A 47 -8.82 0.45 3.41
N PHE A 48 -7.61 0.96 3.69
CA PHE A 48 -6.52 0.97 2.69
C PHE A 48 -5.36 0.04 3.12
N ALA A 49 -5.00 -0.90 2.24
CA ALA A 49 -3.95 -1.90 2.50
C ALA A 49 -2.67 -1.51 1.75
N LEU A 50 -1.55 -1.45 2.48
CA LEU A 50 -0.25 -1.05 1.93
C LEU A 50 0.64 -2.30 1.95
N CYS A 51 0.87 -2.87 0.76
CA CYS A 51 1.63 -4.11 0.58
C CYS A 51 3.04 -3.75 0.11
N VAL A 52 4.07 -4.17 0.89
CA VAL A 52 5.49 -3.81 0.66
C VAL A 52 6.32 -5.11 0.49
N LEU A 53 6.90 -5.28 -0.69
CA LEU A 53 7.62 -6.51 -1.08
C LEU A 53 9.07 -6.48 -0.60
N TYR A 54 9.54 -7.59 -0.04
CA TYR A 54 10.96 -7.84 0.22
C TYR A 54 11.27 -9.33 -0.05
N GLN A 55 11.90 -9.61 -1.22
CA GLN A 55 12.41 -10.95 -1.59
C GLN A 55 11.28 -12.02 -1.55
N LYS A 56 10.20 -11.72 -2.30
CA LYS A 56 8.95 -12.54 -2.39
C LYS A 56 8.05 -12.41 -1.12
N HIS A 57 8.65 -12.02 0.03
CA HIS A 57 7.92 -11.88 1.31
C HIS A 57 7.36 -10.46 1.40
N VAL A 58 6.06 -10.33 1.11
CA VAL A 58 5.33 -9.06 1.11
C VAL A 58 4.67 -8.85 2.48
N HIS A 59 5.03 -7.75 3.14
CA HIS A 59 4.49 -7.36 4.44
C HIS A 59 3.34 -6.39 4.18
N THR A 60 2.15 -6.72 4.66
CA THR A 60 0.91 -6.02 4.33
C THR A 60 0.37 -5.34 5.58
N TYR A 61 -0.18 -4.12 5.42
CA TYR A 61 -0.69 -3.31 6.53
C TYR A 61 -2.02 -2.72 6.10
N ARG A 62 -3.15 -3.34 6.53
CA ARG A 62 -4.47 -2.81 6.20
C ARG A 62 -4.78 -1.68 7.20
N ILE A 63 -4.46 -0.47 6.78
CA ILE A 63 -4.66 0.76 7.57
C ILE A 63 -6.11 1.21 7.48
N LEU A 64 -6.70 1.62 8.62
CA LEU A 64 -8.12 1.98 8.71
C LEU A 64 -8.22 3.43 9.19
N PRO A 65 -9.19 4.23 8.65
CA PRO A 65 -9.68 5.46 9.33
C PRO A 65 -10.24 5.07 10.72
N ASP A 66 -9.62 5.54 11.81
CA ASP A 66 -9.77 4.94 13.15
C ASP A 66 -10.24 6.02 14.18
N GLY A 67 -10.52 7.23 13.66
CA GLY A 67 -10.88 8.40 14.48
C GLY A 67 -11.04 9.62 13.59
N GLU A 68 -12.04 10.48 13.89
CA GLU A 68 -12.54 11.57 13.00
C GLU A 68 -12.53 11.29 11.46
N ASP A 69 -11.34 11.38 10.85
CA ASP A 69 -11.19 11.49 9.38
C ASP A 69 -9.72 11.15 9.03
N PHE A 70 -9.06 10.39 9.93
CA PHE A 70 -7.62 10.11 9.89
C PHE A 70 -7.39 8.60 9.97
N LEU A 71 -6.29 8.15 9.35
CA LEU A 71 -5.90 6.73 9.26
C LEU A 71 -4.85 6.40 10.33
N ALA A 72 -4.84 5.14 10.81
CA ALA A 72 -3.91 4.67 11.85
C ALA A 72 -3.36 3.28 11.45
N VAL A 73 -2.02 3.21 11.33
CA VAL A 73 -1.29 1.99 10.93
C VAL A 73 -1.05 1.13 12.18
N GLN A 74 -1.42 -0.15 12.15
CA GLN A 74 -1.32 -1.03 13.33
C GLN A 74 -0.22 -2.07 13.08
N THR A 75 1.00 -1.66 13.45
CA THR A 75 2.19 -2.51 13.41
C THR A 75 3.07 -2.26 14.63
N SER A 76 3.63 -3.35 15.20
CA SER A 76 4.73 -3.35 16.20
C SER A 76 4.41 -2.64 17.55
N GLN A 77 3.19 -2.06 17.69
CA GLN A 77 2.73 -1.31 18.89
C GLN A 77 3.62 -0.06 19.18
N GLY A 78 4.80 -0.29 19.81
CA GLY A 78 5.68 0.79 20.30
C GLY A 78 6.18 1.78 19.24
N VAL A 79 6.29 1.32 17.97
CA VAL A 79 6.69 2.20 16.84
C VAL A 79 5.71 3.41 16.71
N PRO A 80 6.22 4.68 16.74
CA PRO A 80 5.38 5.90 16.56
C PRO A 80 4.48 5.84 15.29
N VAL A 81 3.15 5.79 15.53
CA VAL A 81 2.13 5.75 14.47
C VAL A 81 1.51 7.15 14.36
N ARG A 82 1.36 7.65 13.11
CA ARG A 82 0.78 8.97 12.86
C ARG A 82 -0.64 8.81 12.33
N ARG A 83 -1.48 9.81 12.60
CA ARG A 83 -2.81 9.94 12.00
C ARG A 83 -2.66 10.65 10.64
N PHE A 84 -3.11 10.00 9.54
CA PHE A 84 -2.94 10.55 8.18
C PHE A 84 -4.29 11.05 7.65
N GLN A 85 -4.32 12.29 7.15
CA GLN A 85 -5.56 12.91 6.64
C GLN A 85 -5.78 12.49 5.17
N THR A 86 -4.73 11.99 4.52
CA THR A 86 -4.83 11.39 3.19
C THR A 86 -3.69 10.38 2.95
N LEU A 87 -3.87 9.53 1.92
CA LEU A 87 -2.87 8.52 1.49
C LEU A 87 -1.55 9.18 1.08
N GLY A 88 -1.62 10.41 0.51
CA GLY A 88 -0.41 11.15 0.10
C GLY A 88 0.58 11.34 1.24
N GLU A 89 0.04 11.67 2.43
CA GLU A 89 0.82 11.85 3.67
C GLU A 89 1.47 10.53 4.12
N LEU A 90 0.71 9.43 3.96
CA LEU A 90 1.14 8.06 4.31
C LEU A 90 2.33 7.61 3.43
N ILE A 91 2.25 7.93 2.13
CA ILE A 91 3.17 7.36 1.13
C ILE A 91 4.46 8.18 1.08
N GLY A 92 4.35 9.48 1.44
CA GLY A 92 5.51 10.38 1.50
C GLY A 92 6.37 10.10 2.71
N LEU A 93 5.72 9.99 3.89
CA LEU A 93 6.39 9.67 5.17
C LEU A 93 7.07 8.28 5.09
N TYR A 94 6.35 7.30 4.52
CA TYR A 94 6.83 5.90 4.39
C TYR A 94 7.81 5.73 3.21
N ALA A 95 7.95 6.76 2.35
CA ALA A 95 9.05 6.83 1.35
C ALA A 95 10.41 7.19 2.01
N GLN A 96 10.41 7.40 3.34
CA GLN A 96 11.63 7.60 4.16
C GLN A 96 11.33 7.16 5.62
N PRO A 97 10.90 5.87 5.85
CA PRO A 97 10.28 5.46 7.13
C PRO A 97 11.29 5.30 8.29
N ASN A 98 12.22 4.29 8.18
CA ASN A 98 13.12 3.87 9.27
C ASN A 98 12.27 3.46 10.50
N GLN A 99 11.13 2.77 10.20
CA GLN A 99 9.99 2.60 11.12
C GLN A 99 8.90 1.73 10.48
N GLY A 100 9.02 0.38 10.60
CA GLY A 100 7.87 -0.51 10.39
C GLY A 100 7.93 -1.24 9.05
N LEU A 101 8.50 -0.58 8.04
CA LEU A 101 8.62 -1.15 6.68
C LEU A 101 9.91 -1.98 6.56
N VAL A 102 9.71 -3.24 6.18
CA VAL A 102 10.77 -4.24 5.94
C VAL A 102 11.90 -3.73 4.98
N CYS A 103 11.53 -2.87 4.00
CA CYS A 103 12.48 -2.39 2.96
C CYS A 103 12.08 -1.02 2.39
N ALA A 104 11.18 -0.30 3.12
CA ALA A 104 10.70 1.05 2.73
C ALA A 104 9.85 0.99 1.43
N LEU A 105 9.68 2.13 0.73
CA LEU A 105 8.95 2.20 -0.54
C LEU A 105 9.98 2.49 -1.65
N LEU A 106 9.65 2.13 -2.91
CA LEU A 106 10.60 2.28 -4.04
C LEU A 106 9.87 2.15 -5.38
N LEU A 107 9.29 0.98 -5.64
CA LEU A 107 8.79 0.61 -6.97
C LEU A 107 7.25 0.53 -6.96
N PRO A 108 6.54 1.58 -7.51
CA PRO A 108 5.08 1.49 -7.77
C PRO A 108 4.82 0.57 -8.96
N VAL A 109 4.42 -0.68 -8.69
CA VAL A 109 4.30 -1.73 -9.70
C VAL A 109 2.89 -1.69 -10.34
N MET A 1 -16.43 5.60 -41.82
CA MET A 1 -17.45 6.21 -40.92
C MET A 1 -17.79 5.24 -39.77
N GLY A 2 -17.64 5.72 -38.53
CA GLY A 2 -17.92 4.91 -37.34
C GLY A 2 -17.38 5.59 -36.09
N HIS A 3 -16.96 4.79 -35.10
CA HIS A 3 -16.40 5.28 -33.83
C HIS A 3 -15.57 4.15 -33.17
N HIS A 4 -14.26 4.15 -33.45
CA HIS A 4 -13.30 3.16 -32.91
C HIS A 4 -12.70 3.70 -31.60
N HIS A 5 -13.02 3.02 -30.47
CA HIS A 5 -12.54 3.40 -29.13
C HIS A 5 -11.47 2.41 -28.64
N HIS A 6 -10.38 2.94 -28.09
CA HIS A 6 -9.27 2.15 -27.55
C HIS A 6 -8.53 2.95 -26.45
N HIS A 7 -9.01 2.80 -25.22
CA HIS A 7 -8.38 3.37 -24.00
C HIS A 7 -8.54 2.38 -22.82
N HIS A 8 -7.61 2.47 -21.86
CA HIS A 8 -7.66 1.72 -20.59
C HIS A 8 -7.37 2.68 -19.44
N SER A 9 -7.80 2.31 -18.22
CA SER A 9 -7.53 3.06 -16.99
C SER A 9 -6.02 3.11 -16.68
N HIS A 10 -5.60 4.14 -15.93
CA HIS A 10 -4.19 4.39 -15.58
C HIS A 10 -4.06 4.77 -14.09
N MET A 11 -3.71 3.76 -13.27
CA MET A 11 -3.39 3.93 -11.84
C MET A 11 -2.03 3.26 -11.57
N SER A 12 -1.07 4.04 -11.02
CA SER A 12 0.35 3.64 -10.90
C SER A 12 0.51 2.38 -10.02
N TRP A 13 0.46 2.54 -8.70
CA TRP A 13 0.54 1.41 -7.75
C TRP A 13 -0.77 1.21 -6.96
N TYR A 14 -1.86 1.87 -7.37
CA TYR A 14 -3.13 1.80 -6.64
C TYR A 14 -4.11 0.96 -7.46
N HIS A 15 -4.54 -0.18 -6.93
CA HIS A 15 -5.59 -1.02 -7.56
C HIS A 15 -6.81 -1.05 -6.64
N ARG A 16 -7.94 -0.52 -7.12
CA ARG A 16 -9.17 -0.36 -6.34
C ARG A 16 -9.74 -1.73 -5.93
N ASP A 17 -10.05 -2.58 -6.92
CA ASP A 17 -10.64 -3.91 -6.68
C ASP A 17 -9.60 -4.98 -7.05
N LEU A 18 -8.76 -5.30 -6.06
CA LEU A 18 -7.72 -6.32 -6.16
C LEU A 18 -7.79 -7.19 -4.91
N SER A 19 -7.74 -8.52 -5.10
CA SER A 19 -7.74 -9.49 -3.99
C SER A 19 -6.31 -9.58 -3.42
N ARG A 20 -6.18 -9.99 -2.14
CA ARG A 20 -4.87 -10.05 -1.47
C ARG A 20 -3.98 -11.12 -2.12
N ALA A 21 -4.55 -12.31 -2.42
CA ALA A 21 -3.83 -13.41 -3.11
C ALA A 21 -3.18 -12.92 -4.42
N ALA A 22 -3.98 -12.20 -5.21
CA ALA A 22 -3.53 -11.60 -6.48
C ALA A 22 -2.54 -10.43 -6.25
N ALA A 23 -2.61 -9.78 -5.07
CA ALA A 23 -1.73 -8.62 -4.71
C ALA A 23 -0.30 -9.09 -4.38
N GLU A 24 -0.18 -10.10 -3.49
CA GLU A 24 1.13 -10.70 -3.10
C GLU A 24 1.80 -11.33 -4.33
N GLU A 25 0.96 -11.96 -5.18
CA GLU A 25 1.39 -12.61 -6.44
C GLU A 25 1.94 -11.55 -7.41
N LEU A 26 1.18 -10.45 -7.55
CA LEU A 26 1.56 -9.28 -8.38
C LEU A 26 2.95 -8.75 -7.97
N LEU A 27 3.23 -8.75 -6.67
CA LEU A 27 4.53 -8.28 -6.14
C LEU A 27 5.61 -9.36 -6.32
N ALA A 28 5.23 -10.64 -6.15
CA ALA A 28 6.18 -11.76 -6.21
C ALA A 28 6.72 -11.93 -7.64
N ARG A 29 5.81 -11.80 -8.63
CA ARG A 29 6.11 -11.96 -10.05
C ARG A 29 6.56 -10.64 -10.71
N ALA A 30 5.68 -9.62 -10.67
CA ALA A 30 5.97 -8.32 -11.34
C ALA A 30 6.97 -7.49 -10.54
N GLY A 31 6.69 -7.31 -9.23
CA GLY A 31 7.56 -6.52 -8.36
C GLY A 31 8.99 -7.01 -8.30
N ARG A 32 9.93 -6.13 -8.65
CA ARG A 32 11.36 -6.47 -8.71
C ARG A 32 11.94 -6.65 -7.29
N ASP A 33 11.59 -5.72 -6.37
CA ASP A 33 12.13 -5.64 -4.97
C ASP A 33 11.87 -4.22 -4.44
N GLY A 34 11.31 -4.11 -3.21
CA GLY A 34 10.94 -2.81 -2.63
C GLY A 34 9.72 -2.21 -3.31
N SER A 35 8.94 -3.10 -3.96
CA SER A 35 7.74 -2.75 -4.70
C SER A 35 6.55 -2.66 -3.74
N PHE A 36 5.62 -1.74 -3.99
CA PHE A 36 4.43 -1.58 -3.15
C PHE A 36 3.18 -1.26 -3.99
N LEU A 37 2.02 -1.69 -3.49
CA LEU A 37 0.71 -1.32 -4.04
C LEU A 37 -0.26 -1.02 -2.90
N VAL A 38 -1.21 -0.11 -3.14
CA VAL A 38 -2.27 0.19 -2.18
C VAL A 38 -3.60 -0.24 -2.82
N ARG A 39 -4.43 -0.89 -2.03
CA ARG A 39 -5.70 -1.48 -2.46
C ARG A 39 -6.79 -1.14 -1.44
N ASP A 40 -8.05 -1.35 -1.83
CA ASP A 40 -9.20 -1.16 -0.93
C ASP A 40 -9.45 -2.45 -0.14
N SER A 41 -9.61 -2.29 1.19
CA SER A 41 -10.02 -3.35 2.11
C SER A 41 -11.56 -3.33 2.23
N GLU A 42 -12.15 -4.41 2.71
CA GLU A 42 -13.60 -4.55 2.81
C GLU A 42 -13.88 -5.32 4.10
N SER A 43 -13.74 -4.61 5.24
CA SER A 43 -13.84 -5.19 6.58
C SER A 43 -13.98 -4.05 7.61
N VAL A 44 -12.91 -3.25 7.79
CA VAL A 44 -12.92 -2.04 8.64
C VAL A 44 -13.52 -0.88 7.81
N ALA A 45 -14.87 -0.84 7.76
CA ALA A 45 -15.65 0.07 6.88
C ALA A 45 -15.09 0.04 5.42
N GLY A 46 -14.70 1.21 4.86
CA GLY A 46 -14.01 1.29 3.58
C GLY A 46 -12.57 1.67 3.82
N ALA A 47 -11.75 0.67 4.20
CA ALA A 47 -10.36 0.87 4.62
C ALA A 47 -9.39 0.72 3.44
N PHE A 48 -8.11 0.99 3.71
CA PHE A 48 -6.99 0.77 2.77
C PHE A 48 -6.05 -0.33 3.31
N ALA A 49 -5.34 -0.99 2.40
CA ALA A 49 -4.26 -1.95 2.70
C ALA A 49 -3.07 -1.67 1.77
N LEU A 50 -1.86 -1.90 2.28
CA LEU A 50 -0.59 -1.61 1.57
C LEU A 50 0.25 -2.89 1.51
N CYS A 51 0.37 -3.48 0.34
CA CYS A 51 1.16 -4.69 0.12
C CYS A 51 2.56 -4.26 -0.33
N VAL A 52 3.62 -4.72 0.36
CA VAL A 52 5.02 -4.31 0.05
C VAL A 52 5.92 -5.55 -0.02
N LEU A 53 6.57 -5.77 -1.17
CA LEU A 53 7.60 -6.80 -1.33
C LEU A 53 8.97 -6.22 -0.93
N TYR A 54 9.78 -7.03 -0.24
CA TYR A 54 11.17 -6.71 0.06
C TYR A 54 11.87 -8.02 0.48
N GLN A 55 12.94 -8.37 -0.27
CA GLN A 55 13.82 -9.55 -0.04
C GLN A 55 13.05 -10.84 0.37
N LYS A 56 12.25 -11.38 -0.59
CA LYS A 56 11.47 -12.63 -0.42
C LYS A 56 10.46 -12.56 0.74
N HIS A 57 10.00 -11.33 1.03
CA HIS A 57 9.04 -11.05 2.09
C HIS A 57 8.04 -10.00 1.60
N VAL A 58 6.79 -10.42 1.33
CA VAL A 58 5.67 -9.49 1.12
C VAL A 58 4.96 -9.32 2.47
N HIS A 59 4.86 -8.07 2.96
CA HIS A 59 4.09 -7.73 4.16
C HIS A 59 2.97 -6.75 3.78
N THR A 60 1.77 -6.95 4.35
CA THR A 60 0.60 -6.08 4.12
C THR A 60 0.37 -5.23 5.37
N TYR A 61 0.02 -3.95 5.16
CA TYR A 61 -0.24 -2.96 6.21
C TYR A 61 -1.69 -2.50 6.04
N ARG A 62 -2.59 -2.91 6.95
CA ARG A 62 -3.97 -2.34 6.98
C ARG A 62 -3.91 -0.89 7.48
N ILE A 63 -4.85 -0.06 7.02
CA ILE A 63 -4.68 1.42 7.00
C ILE A 63 -6.11 1.92 7.24
N LEU A 64 -6.42 2.41 8.44
CA LEU A 64 -7.82 2.52 8.93
C LEU A 64 -8.30 3.99 8.93
N PRO A 65 -9.07 4.47 7.88
CA PRO A 65 -9.87 5.71 7.97
C PRO A 65 -11.01 5.50 8.99
N ASP A 66 -10.74 5.94 10.23
CA ASP A 66 -11.46 5.48 11.44
C ASP A 66 -11.11 6.44 12.61
N GLY A 67 -11.91 6.38 13.71
CA GLY A 67 -11.60 7.09 14.96
C GLY A 67 -12.16 8.50 14.99
N GLU A 68 -11.62 9.37 14.12
CA GLU A 68 -11.99 10.81 14.00
C GLU A 68 -11.96 11.18 12.52
N ASP A 69 -12.14 10.16 11.66
CA ASP A 69 -11.96 10.24 10.20
C ASP A 69 -10.49 10.61 9.86
N PHE A 70 -9.56 9.76 10.34
CA PHE A 70 -8.13 9.80 9.97
C PHE A 70 -7.72 8.40 9.51
N LEU A 71 -6.72 8.28 8.62
CA LEU A 71 -6.21 6.96 8.20
C LEU A 71 -4.95 6.62 9.00
N ALA A 72 -5.08 5.63 9.91
CA ALA A 72 -4.04 5.23 10.85
C ALA A 72 -3.29 4.00 10.32
N VAL A 73 -1.97 4.10 10.24
CA VAL A 73 -1.10 2.97 9.87
C VAL A 73 -0.53 2.36 11.14
N GLN A 74 -0.66 1.04 11.25
CA GLN A 74 -0.27 0.28 12.43
C GLN A 74 1.16 -0.24 12.21
N THR A 75 2.13 0.57 12.65
CA THR A 75 3.56 0.27 12.53
C THR A 75 3.94 -0.85 13.51
N SER A 76 3.27 -0.85 14.69
CA SER A 76 3.35 -1.89 15.73
C SER A 76 4.64 -1.81 16.55
N GLN A 77 4.64 -2.55 17.69
CA GLN A 77 5.78 -2.65 18.63
C GLN A 77 6.04 -1.30 19.35
N GLY A 78 7.25 -1.18 19.93
CA GLY A 78 7.79 0.07 20.50
C GLY A 78 7.67 1.28 19.57
N VAL A 79 7.60 1.01 18.24
CA VAL A 79 7.37 2.02 17.21
C VAL A 79 5.91 2.55 17.32
N PRO A 80 5.70 3.89 17.55
CA PRO A 80 4.33 4.48 17.68
C PRO A 80 3.51 4.40 16.37
N VAL A 81 2.19 4.15 16.52
CA VAL A 81 1.23 4.06 15.40
C VAL A 81 0.87 5.48 14.96
N ARG A 82 1.18 5.82 13.69
CA ARG A 82 1.02 7.18 13.19
C ARG A 82 -0.18 7.27 12.24
N ARG A 83 -1.08 8.24 12.52
CA ARG A 83 -2.28 8.51 11.72
C ARG A 83 -2.01 9.69 10.77
N PHE A 84 -2.76 9.73 9.65
CA PHE A 84 -2.56 10.72 8.58
C PHE A 84 -3.89 11.40 8.19
N GLN A 85 -3.76 12.61 7.65
CA GLN A 85 -4.88 13.36 7.07
C GLN A 85 -5.29 12.75 5.70
N THR A 86 -4.27 12.45 4.86
CA THR A 86 -4.48 11.91 3.51
C THR A 86 -3.33 10.94 3.12
N LEU A 87 -3.53 10.15 2.02
CA LEU A 87 -2.50 9.24 1.48
C LEU A 87 -1.23 10.00 1.06
N GLY A 88 -1.39 11.27 0.59
CA GLY A 88 -0.24 12.17 0.30
C GLY A 88 0.72 12.30 1.49
N GLU A 89 0.16 12.41 2.69
CA GLU A 89 0.91 12.41 3.96
C GLU A 89 1.60 11.04 4.21
N LEU A 90 0.86 9.96 3.89
CA LEU A 90 1.30 8.57 4.16
C LEU A 90 2.49 8.19 3.25
N ILE A 91 2.45 8.63 1.98
CA ILE A 91 3.36 8.11 0.94
C ILE A 91 4.68 8.91 0.99
N GLY A 92 4.54 10.24 1.16
CA GLY A 92 5.67 11.15 1.20
C GLY A 92 6.51 10.99 2.46
N LEU A 93 5.85 10.69 3.60
CA LEU A 93 6.54 10.45 4.88
C LEU A 93 7.17 9.05 4.90
N TYR A 94 6.44 8.03 4.38
CA TYR A 94 6.97 6.64 4.36
C TYR A 94 7.93 6.41 3.18
N ALA A 95 8.22 7.48 2.41
CA ALA A 95 9.36 7.55 1.48
C ALA A 95 10.74 7.47 2.20
N GLN A 96 10.71 7.44 3.55
CA GLN A 96 11.88 7.18 4.39
C GLN A 96 11.55 6.01 5.33
N PRO A 97 12.55 5.12 5.65
CA PRO A 97 12.35 3.97 6.56
C PRO A 97 12.50 4.35 8.05
N ASN A 98 12.88 3.34 8.88
CA ASN A 98 13.11 3.49 10.33
C ASN A 98 11.79 3.91 11.04
N GLN A 99 10.74 3.07 10.86
CA GLN A 99 9.42 3.27 11.49
C GLN A 99 8.50 2.03 11.30
N GLY A 100 9.10 0.83 11.24
CA GLY A 100 8.30 -0.41 11.20
C GLY A 100 7.93 -0.83 9.78
N LEU A 101 8.20 0.09 8.82
CA LEU A 101 8.16 -0.22 7.38
C LEU A 101 9.34 -1.12 7.04
N VAL A 102 9.08 -2.22 6.32
CA VAL A 102 10.11 -3.17 5.86
C VAL A 102 11.14 -2.47 4.94
N CYS A 103 10.67 -1.46 4.21
CA CYS A 103 11.48 -0.62 3.33
C CYS A 103 10.73 0.69 3.06
N ALA A 104 11.44 1.69 2.53
CA ALA A 104 10.84 2.96 2.11
C ALA A 104 9.96 2.74 0.85
N LEU A 105 8.92 3.56 0.70
CA LEU A 105 8.07 3.55 -0.49
C LEU A 105 8.84 4.16 -1.67
N LEU A 106 9.47 3.28 -2.46
CA LEU A 106 10.43 3.65 -3.50
C LEU A 106 9.95 3.20 -4.89
N LEU A 107 9.77 1.87 -5.05
CA LEU A 107 9.45 1.26 -6.36
C LEU A 107 7.95 0.96 -6.43
N PRO A 108 7.20 1.49 -7.48
CA PRO A 108 5.78 1.11 -7.71
C PRO A 108 5.63 -0.41 -7.94
N VAL A 109 6.49 -0.94 -8.82
CA VAL A 109 6.53 -2.37 -9.14
C VAL A 109 7.77 -2.65 -10.02
N MET A 1 -13.30 -11.40 -37.65
CA MET A 1 -12.99 -12.84 -37.43
C MET A 1 -11.88 -12.96 -36.35
N GLY A 2 -12.32 -13.28 -35.11
CA GLY A 2 -11.41 -13.44 -33.97
C GLY A 2 -10.93 -12.10 -33.41
N HIS A 3 -11.25 -11.80 -32.14
CA HIS A 3 -10.82 -10.55 -31.46
C HIS A 3 -10.38 -10.87 -30.02
N HIS A 4 -9.47 -10.04 -29.47
CA HIS A 4 -9.03 -10.16 -28.07
C HIS A 4 -9.59 -8.97 -27.26
N HIS A 5 -8.95 -7.78 -27.44
CA HIS A 5 -9.33 -6.51 -26.77
C HIS A 5 -9.20 -6.58 -25.23
N HIS A 6 -8.03 -6.20 -24.72
CA HIS A 6 -7.78 -6.09 -23.27
C HIS A 6 -7.67 -4.59 -22.90
N HIS A 7 -6.52 -3.98 -23.23
CA HIS A 7 -6.14 -2.61 -22.82
C HIS A 7 -6.27 -2.46 -21.28
N HIS A 8 -7.14 -1.53 -20.77
CA HIS A 8 -7.37 -1.29 -19.31
C HIS A 8 -6.05 -1.13 -18.51
N SER A 9 -6.15 -1.21 -17.16
CA SER A 9 -5.01 -1.29 -16.24
C SER A 9 -4.21 0.03 -16.15
N HIS A 10 -3.51 0.22 -15.02
CA HIS A 10 -2.71 1.42 -14.75
C HIS A 10 -1.63 1.07 -13.70
N MET A 11 -2.08 0.48 -12.58
CA MET A 11 -1.22 -0.15 -11.53
C MET A 11 -0.12 0.81 -10.99
N SER A 12 -0.45 2.11 -10.91
CA SER A 12 0.48 3.18 -10.49
C SER A 12 0.53 3.31 -8.95
N TRP A 13 0.85 2.16 -8.29
CA TRP A 13 0.95 1.93 -6.82
C TRP A 13 -0.45 1.91 -6.17
N TYR A 14 -1.24 2.96 -6.37
CA TYR A 14 -2.65 3.01 -5.93
C TYR A 14 -3.50 2.15 -6.87
N HIS A 15 -4.22 1.17 -6.32
CA HIS A 15 -5.12 0.28 -7.07
C HIS A 15 -6.58 0.51 -6.66
N ARG A 16 -7.48 -0.12 -7.42
CA ARG A 16 -8.92 -0.23 -7.08
C ARG A 16 -9.11 -1.39 -6.07
N ASP A 17 -10.26 -2.08 -6.10
CA ASP A 17 -10.51 -3.24 -5.25
C ASP A 17 -9.54 -4.41 -5.61
N LEU A 18 -8.55 -4.63 -4.74
CA LEU A 18 -7.50 -5.66 -4.93
C LEU A 18 -7.31 -6.39 -3.58
N SER A 19 -7.16 -7.72 -3.63
CA SER A 19 -6.94 -8.55 -2.42
C SER A 19 -5.43 -8.82 -2.23
N ARG A 20 -5.05 -9.42 -1.08
CA ARG A 20 -3.64 -9.68 -0.71
C ARG A 20 -2.94 -10.63 -1.69
N ALA A 21 -3.56 -11.81 -1.95
CA ALA A 21 -3.01 -12.82 -2.88
C ALA A 21 -2.89 -12.27 -4.31
N ALA A 22 -3.87 -11.43 -4.69
CA ALA A 22 -3.86 -10.73 -5.98
C ALA A 22 -2.73 -9.68 -6.04
N ALA A 23 -2.49 -9.02 -4.90
CA ALA A 23 -1.46 -7.98 -4.76
C ALA A 23 -0.04 -8.56 -4.86
N GLU A 24 0.26 -9.57 -4.01
CA GLU A 24 1.59 -10.22 -3.93
C GLU A 24 1.93 -11.01 -5.22
N GLU A 25 0.90 -11.47 -5.95
CA GLU A 25 1.05 -12.10 -7.28
C GLU A 25 1.61 -11.03 -8.24
N LEU A 26 0.91 -9.88 -8.24
CA LEU A 26 1.25 -8.71 -9.05
C LEU A 26 2.65 -8.15 -8.69
N LEU A 27 2.99 -8.12 -7.39
CA LEU A 27 4.30 -7.64 -6.89
C LEU A 27 5.44 -8.55 -7.39
N ALA A 28 5.27 -9.87 -7.14
CA ALA A 28 6.31 -10.89 -7.38
C ALA A 28 6.69 -11.01 -8.87
N ARG A 29 5.70 -10.80 -9.76
CA ARG A 29 5.94 -10.85 -11.22
C ARG A 29 6.39 -9.49 -11.77
N ALA A 30 5.55 -8.45 -11.56
CA ALA A 30 5.73 -7.13 -12.21
C ALA A 30 6.98 -6.39 -11.69
N GLY A 31 7.02 -6.14 -10.37
CA GLY A 31 8.15 -5.46 -9.75
C GLY A 31 8.74 -6.32 -8.65
N ARG A 32 9.51 -7.34 -9.05
CA ARG A 32 10.01 -8.36 -8.13
C ARG A 32 11.08 -7.78 -7.19
N ASP A 33 10.69 -7.48 -5.93
CA ASP A 33 11.60 -7.20 -4.79
C ASP A 33 11.75 -5.68 -4.60
N GLY A 34 11.29 -5.18 -3.43
CA GLY A 34 11.33 -3.74 -3.10
C GLY A 34 10.09 -2.97 -3.50
N SER A 35 9.07 -3.69 -4.04
CA SER A 35 7.80 -3.09 -4.49
C SER A 35 6.87 -2.78 -3.31
N PHE A 36 5.92 -1.86 -3.55
CA PHE A 36 4.83 -1.53 -2.61
C PHE A 36 3.59 -1.17 -3.45
N LEU A 37 2.41 -1.28 -2.82
CA LEU A 37 1.17 -0.77 -3.41
C LEU A 37 0.16 -0.44 -2.31
N VAL A 38 -0.85 0.35 -2.69
CA VAL A 38 -2.04 0.64 -1.89
C VAL A 38 -3.22 0.08 -2.69
N ARG A 39 -4.23 -0.44 -2.00
CA ARG A 39 -5.38 -1.11 -2.64
C ARG A 39 -6.60 -1.00 -1.74
N ASP A 40 -7.78 -1.11 -2.35
CA ASP A 40 -9.05 -1.13 -1.61
C ASP A 40 -9.33 -2.58 -1.23
N SER A 41 -9.38 -2.87 0.07
CA SER A 41 -9.76 -4.18 0.58
C SER A 41 -11.26 -4.15 0.89
N GLU A 42 -12.07 -4.70 -0.03
CA GLU A 42 -13.51 -4.95 0.21
C GLU A 42 -13.72 -5.93 1.39
N SER A 43 -12.86 -6.94 1.46
CA SER A 43 -12.99 -8.07 2.38
C SER A 43 -12.33 -7.79 3.75
N VAL A 44 -12.81 -6.73 4.42
CA VAL A 44 -12.40 -6.40 5.80
C VAL A 44 -13.49 -5.56 6.49
N ALA A 45 -13.66 -4.29 6.07
CA ALA A 45 -14.57 -3.32 6.72
C ALA A 45 -14.71 -2.05 5.86
N GLY A 46 -14.29 -2.13 4.58
CA GLY A 46 -13.99 -0.93 3.80
C GLY A 46 -12.74 -0.26 4.33
N ALA A 47 -11.59 -0.58 3.71
CA ALA A 47 -10.26 -0.23 4.23
C ALA A 47 -9.28 -0.11 3.06
N PHE A 48 -8.15 0.58 3.27
CA PHE A 48 -7.03 0.57 2.31
C PHE A 48 -5.84 -0.20 2.90
N ALA A 49 -5.21 -1.04 2.08
CA ALA A 49 -4.12 -1.92 2.48
C ALA A 49 -2.85 -1.58 1.71
N LEU A 50 -1.72 -1.53 2.41
CA LEU A 50 -0.40 -1.20 1.88
C LEU A 50 0.40 -2.51 1.86
N CYS A 51 0.57 -3.11 0.68
CA CYS A 51 1.22 -4.42 0.51
C CYS A 51 2.61 -4.20 -0.11
N VAL A 52 3.66 -4.56 0.65
CA VAL A 52 5.08 -4.24 0.33
C VAL A 52 5.87 -5.56 0.24
N LEU A 53 6.44 -5.86 -0.93
CA LEU A 53 7.33 -7.02 -1.14
C LEU A 53 8.79 -6.60 -0.91
N TYR A 54 9.53 -7.38 -0.12
CA TYR A 54 10.98 -7.20 0.06
C TYR A 54 11.60 -8.46 0.70
N GLN A 55 12.65 -8.97 0.05
CA GLN A 55 13.48 -10.10 0.52
C GLN A 55 12.62 -11.29 0.99
N LYS A 56 11.69 -11.73 0.10
CA LYS A 56 10.74 -12.83 0.36
C LYS A 56 9.88 -12.56 1.62
N HIS A 57 9.47 -11.29 1.78
CA HIS A 57 8.55 -10.85 2.85
C HIS A 57 7.53 -9.87 2.23
N VAL A 58 6.30 -10.34 2.05
CA VAL A 58 5.16 -9.50 1.68
C VAL A 58 4.44 -9.09 2.96
N HIS A 59 4.58 -7.83 3.38
CA HIS A 59 3.89 -7.30 4.57
C HIS A 59 2.70 -6.45 4.08
N THR A 60 1.51 -6.71 4.63
CA THR A 60 0.30 -5.93 4.32
C THR A 60 -0.07 -5.10 5.57
N TYR A 61 -0.46 -3.84 5.34
CA TYR A 61 -0.84 -2.90 6.40
C TYR A 61 -2.29 -2.48 6.08
N ARG A 62 -3.30 -3.05 6.78
CA ARG A 62 -4.71 -2.67 6.53
C ARG A 62 -5.06 -1.44 7.39
N ILE A 63 -4.98 -0.26 6.77
CA ILE A 63 -5.45 1.00 7.37
C ILE A 63 -6.97 1.20 7.11
N LEU A 64 -7.69 1.75 8.10
CA LEU A 64 -9.11 2.16 7.97
C LEU A 64 -9.14 3.68 7.65
N PRO A 65 -9.69 4.10 6.47
CA PRO A 65 -9.43 5.45 5.90
C PRO A 65 -10.18 6.63 6.57
N ASP A 66 -11.51 6.52 6.70
CA ASP A 66 -12.39 7.72 6.87
C ASP A 66 -13.63 7.37 7.72
N GLY A 67 -14.35 8.43 8.16
CA GLY A 67 -15.58 8.28 8.95
C GLY A 67 -15.62 9.26 10.10
N GLU A 68 -15.22 8.80 11.28
CA GLU A 68 -15.17 9.60 12.52
C GLU A 68 -13.75 9.52 13.13
N ASP A 69 -12.76 9.36 12.24
CA ASP A 69 -11.41 8.90 12.60
C ASP A 69 -10.42 9.33 11.49
N PHE A 70 -9.12 9.10 11.71
CA PHE A 70 -8.05 9.44 10.77
C PHE A 70 -7.33 8.15 10.40
N LEU A 71 -6.64 8.13 9.26
CA LEU A 71 -6.08 6.88 8.72
C LEU A 71 -4.63 6.72 9.20
N ALA A 72 -4.43 5.73 10.08
CA ALA A 72 -3.12 5.44 10.69
C ALA A 72 -2.65 4.03 10.30
N VAL A 73 -1.33 3.90 10.08
CA VAL A 73 -0.70 2.63 9.72
C VAL A 73 -0.29 1.91 11.02
N GLN A 74 -0.42 0.59 11.06
CA GLN A 74 -0.12 -0.21 12.25
C GLN A 74 1.16 -1.01 11.99
N THR A 75 2.29 -0.39 12.36
CA THR A 75 3.61 -1.02 12.34
C THR A 75 3.81 -1.74 13.69
N SER A 76 4.00 -0.94 14.75
CA SER A 76 4.16 -1.41 16.14
C SER A 76 4.36 -0.19 17.05
N GLN A 77 3.76 -0.23 18.26
CA GLN A 77 3.96 0.79 19.30
C GLN A 77 5.38 0.64 19.86
N GLY A 78 6.15 1.75 19.90
CA GLY A 78 7.60 1.72 20.13
C GLY A 78 8.25 2.75 19.22
N VAL A 79 8.37 2.38 17.92
CA VAL A 79 8.62 3.33 16.81
C VAL A 79 7.42 4.31 16.66
N PRO A 80 7.65 5.63 16.39
CA PRO A 80 6.57 6.65 16.29
C PRO A 80 5.62 6.36 15.10
N VAL A 81 4.33 6.19 15.43
CA VAL A 81 3.24 5.96 14.45
C VAL A 81 2.52 7.30 14.22
N ARG A 82 2.11 7.56 12.97
CA ARG A 82 1.44 8.82 12.57
C ARG A 82 0.00 8.53 12.04
N ARG A 83 -0.95 9.44 12.35
CA ARG A 83 -2.27 9.48 11.71
C ARG A 83 -2.21 10.48 10.55
N PHE A 84 -2.99 10.22 9.49
CA PHE A 84 -2.97 11.02 8.25
C PHE A 84 -4.38 11.48 7.88
N GLN A 85 -4.43 12.49 7.02
CA GLN A 85 -5.68 13.01 6.42
C GLN A 85 -5.96 12.39 5.04
N THR A 86 -4.90 11.81 4.41
CA THR A 86 -5.01 11.24 3.06
C THR A 86 -3.91 10.18 2.80
N LEU A 87 -4.16 9.31 1.79
CA LEU A 87 -3.23 8.24 1.37
C LEU A 87 -1.88 8.80 0.86
N GLY A 88 -1.94 9.98 0.21
CA GLY A 88 -0.71 10.68 -0.22
C GLY A 88 0.23 11.01 0.93
N GLU A 89 -0.36 11.40 2.07
CA GLU A 89 0.39 11.76 3.30
C GLU A 89 0.98 10.48 3.94
N LEU A 90 0.20 9.39 3.87
CA LEU A 90 0.58 8.04 4.33
C LEU A 90 1.92 7.61 3.67
N ILE A 91 1.95 7.68 2.33
CA ILE A 91 3.12 7.31 1.52
C ILE A 91 4.29 8.27 1.79
N GLY A 92 3.95 9.56 2.02
CA GLY A 92 4.93 10.60 2.33
C GLY A 92 5.83 10.26 3.51
N LEU A 93 5.21 9.94 4.66
CA LEU A 93 5.94 9.61 5.90
C LEU A 93 6.53 8.18 5.86
N TYR A 94 5.82 7.23 5.24
CA TYR A 94 6.22 5.80 5.26
C TYR A 94 7.16 5.42 4.11
N ALA A 95 7.57 6.41 3.30
CA ALA A 95 8.73 6.28 2.40
C ALA A 95 10.06 6.33 3.20
N GLN A 96 9.96 6.61 4.52
CA GLN A 96 11.10 6.59 5.46
C GLN A 96 11.35 5.14 5.95
N PRO A 97 12.61 4.60 5.81
CA PRO A 97 13.01 3.33 6.46
C PRO A 97 13.31 3.54 7.97
N ASN A 98 13.68 2.44 8.65
CA ASN A 98 13.98 2.43 10.10
C ASN A 98 12.79 3.03 10.92
N GLN A 99 11.65 2.31 10.88
CA GLN A 99 10.39 2.70 11.59
C GLN A 99 9.34 1.56 11.48
N GLY A 100 9.80 0.33 11.21
CA GLY A 100 8.92 -0.84 11.15
C GLY A 100 8.71 -1.34 9.72
N LEU A 101 8.96 -0.45 8.74
CA LEU A 101 8.86 -0.77 7.30
C LEU A 101 10.02 -1.71 6.87
N VAL A 102 9.66 -2.85 6.27
CA VAL A 102 10.61 -3.89 5.82
C VAL A 102 11.74 -3.32 4.90
N CYS A 103 11.42 -2.27 4.12
CA CYS A 103 12.40 -1.59 3.24
C CYS A 103 11.99 -0.14 2.93
N ALA A 104 10.91 0.35 3.57
CA ALA A 104 10.21 1.60 3.18
C ALA A 104 9.51 1.43 1.82
N LEU A 105 8.85 2.50 1.35
CA LEU A 105 8.16 2.51 0.07
C LEU A 105 9.13 2.97 -1.04
N LEU A 106 9.81 1.99 -1.68
CA LEU A 106 10.87 2.23 -2.68
C LEU A 106 10.29 2.22 -4.12
N LEU A 107 9.88 1.02 -4.56
CA LEU A 107 9.44 0.77 -5.95
C LEU A 107 7.91 0.67 -5.96
N PRO A 108 7.16 1.43 -6.82
CA PRO A 108 5.69 1.21 -7.01
C PRO A 108 5.38 -0.21 -7.61
N VAL A 109 4.67 -0.30 -8.77
CA VAL A 109 4.39 -1.59 -9.45
C VAL A 109 4.45 -1.36 -10.97
N MET A 1 -19.28 -7.84 -34.35
CA MET A 1 -18.02 -7.20 -34.77
C MET A 1 -18.00 -5.73 -34.31
N GLY A 2 -17.20 -5.44 -33.27
CA GLY A 2 -17.07 -4.10 -32.72
C GLY A 2 -16.04 -4.04 -31.60
N HIS A 3 -14.83 -4.59 -31.88
CA HIS A 3 -13.70 -4.59 -30.93
C HIS A 3 -13.18 -3.15 -30.71
N HIS A 4 -13.56 -2.53 -29.58
CA HIS A 4 -13.10 -1.19 -29.17
C HIS A 4 -12.69 -1.23 -27.69
N HIS A 5 -11.37 -1.30 -27.43
CA HIS A 5 -10.85 -1.33 -26.05
C HIS A 5 -10.97 0.06 -25.40
N HIS A 6 -11.86 0.16 -24.40
CA HIS A 6 -12.09 1.39 -23.60
C HIS A 6 -12.40 1.01 -22.15
N HIS A 7 -12.33 2.02 -21.25
CA HIS A 7 -12.74 1.88 -19.84
C HIS A 7 -11.83 0.91 -19.03
N HIS A 8 -10.72 0.46 -19.66
CA HIS A 8 -9.80 -0.53 -19.07
C HIS A 8 -8.36 0.06 -19.09
N SER A 9 -7.96 0.66 -17.96
CA SER A 9 -6.63 1.27 -17.80
C SER A 9 -6.17 1.09 -16.34
N HIS A 10 -6.89 1.76 -15.41
CA HIS A 10 -6.60 1.75 -13.95
C HIS A 10 -5.13 2.19 -13.72
N MET A 11 -4.81 3.40 -14.21
CA MET A 11 -3.44 3.95 -14.26
C MET A 11 -2.99 4.39 -12.84
N SER A 12 -2.50 3.40 -12.07
CA SER A 12 -1.98 3.56 -10.70
C SER A 12 -1.57 2.18 -10.15
N TRP A 13 -1.01 2.19 -8.95
CA TRP A 13 -0.80 0.98 -8.12
C TRP A 13 -1.97 0.83 -7.13
N TYR A 14 -2.64 1.96 -6.88
CA TYR A 14 -3.86 1.98 -6.09
C TYR A 14 -5.00 1.35 -6.90
N HIS A 15 -5.44 0.16 -6.50
CA HIS A 15 -6.55 -0.56 -7.11
C HIS A 15 -7.52 -0.96 -5.98
N ARG A 16 -8.79 -0.49 -6.03
CA ARG A 16 -9.78 -0.77 -4.97
C ARG A 16 -10.00 -2.29 -4.80
N ASP A 17 -10.69 -2.93 -5.77
CA ASP A 17 -11.07 -4.34 -5.71
C ASP A 17 -9.93 -5.23 -6.22
N LEU A 18 -8.76 -5.12 -5.57
CA LEU A 18 -7.55 -5.84 -5.99
C LEU A 18 -7.52 -7.23 -5.33
N SER A 19 -7.48 -7.22 -3.97
CA SER A 19 -7.44 -8.40 -3.05
C SER A 19 -5.98 -8.68 -2.73
N ARG A 20 -5.70 -9.15 -1.49
CA ARG A 20 -4.32 -9.42 -1.02
C ARG A 20 -3.59 -10.42 -1.93
N ALA A 21 -4.27 -11.52 -2.27
CA ALA A 21 -3.74 -12.58 -3.15
C ALA A 21 -3.18 -12.01 -4.46
N ALA A 22 -3.98 -11.14 -5.11
CA ALA A 22 -3.58 -10.45 -6.36
C ALA A 22 -2.45 -9.43 -6.10
N ALA A 23 -2.54 -8.73 -4.96
CA ALA A 23 -1.59 -7.67 -4.55
C ALA A 23 -0.15 -8.20 -4.41
N GLU A 24 0.02 -9.17 -3.48
CA GLU A 24 1.30 -9.86 -3.24
C GLU A 24 1.81 -10.60 -4.50
N GLU A 25 0.88 -11.03 -5.37
CA GLU A 25 1.20 -11.71 -6.64
C GLU A 25 1.89 -10.71 -7.61
N LEU A 26 1.29 -9.50 -7.72
CA LEU A 26 1.82 -8.39 -8.56
C LEU A 26 3.22 -7.97 -8.11
N LEU A 27 3.48 -8.01 -6.81
CA LEU A 27 4.81 -7.70 -6.26
C LEU A 27 5.80 -8.82 -6.66
N ALA A 28 5.42 -10.07 -6.32
CA ALA A 28 6.31 -11.25 -6.40
C ALA A 28 6.84 -11.50 -7.83
N ARG A 29 5.97 -11.26 -8.85
CA ARG A 29 6.38 -11.35 -10.28
C ARG A 29 6.86 -10.00 -10.86
N ALA A 30 5.99 -8.96 -10.83
CA ALA A 30 6.20 -7.72 -11.63
C ALA A 30 7.32 -6.83 -11.07
N GLY A 31 7.16 -6.37 -9.81
CA GLY A 31 8.11 -5.44 -9.18
C GLY A 31 8.77 -6.07 -7.99
N ARG A 32 10.05 -6.40 -8.12
CA ARG A 32 10.89 -7.01 -7.05
C ARG A 32 10.96 -6.14 -5.73
N ASP A 33 12.16 -5.84 -5.17
CA ASP A 33 12.27 -5.23 -3.83
C ASP A 33 11.88 -3.75 -3.85
N GLY A 34 11.32 -3.26 -2.72
CA GLY A 34 10.83 -1.89 -2.61
C GLY A 34 9.57 -1.61 -3.42
N SER A 35 8.87 -2.67 -3.83
CA SER A 35 7.61 -2.55 -4.55
C SER A 35 6.48 -2.28 -3.55
N PHE A 36 5.56 -1.38 -3.91
CA PHE A 36 4.40 -1.08 -3.07
C PHE A 36 3.16 -0.81 -3.93
N LEU A 37 2.00 -1.18 -3.40
CA LEU A 37 0.70 -0.81 -3.94
C LEU A 37 -0.30 -0.74 -2.79
N VAL A 38 -1.37 0.06 -2.96
CA VAL A 38 -2.44 0.20 -1.97
C VAL A 38 -3.73 -0.35 -2.59
N ARG A 39 -4.40 -1.20 -1.83
CA ARG A 39 -5.70 -1.76 -2.17
C ARG A 39 -6.71 -1.28 -1.12
N ASP A 40 -7.98 -1.50 -1.41
CA ASP A 40 -9.06 -1.29 -0.44
C ASP A 40 -9.17 -2.58 0.40
N SER A 41 -9.23 -2.43 1.73
CA SER A 41 -9.31 -3.56 2.67
C SER A 41 -10.56 -4.44 2.40
N GLU A 42 -10.45 -5.72 2.77
CA GLU A 42 -11.46 -6.75 2.46
C GLU A 42 -12.77 -6.55 3.27
N SER A 43 -13.61 -5.59 2.80
CA SER A 43 -14.94 -5.27 3.38
C SER A 43 -14.87 -4.96 4.90
N VAL A 44 -13.71 -4.45 5.36
CA VAL A 44 -13.41 -4.25 6.79
C VAL A 44 -14.34 -3.19 7.42
N ALA A 45 -14.11 -1.90 7.09
CA ALA A 45 -14.88 -0.76 7.67
C ALA A 45 -14.52 0.55 6.95
N GLY A 46 -14.24 0.46 5.65
CA GLY A 46 -13.75 1.59 4.86
C GLY A 46 -12.27 1.86 5.09
N ALA A 47 -11.53 0.78 5.28
CA ALA A 47 -10.09 0.82 5.56
C ALA A 47 -9.28 0.61 4.26
N PHE A 48 -7.97 0.84 4.36
CA PHE A 48 -7.01 0.66 3.25
C PHE A 48 -5.89 -0.30 3.68
N ALA A 49 -5.23 -0.92 2.70
CA ALA A 49 -4.14 -1.87 2.93
C ALA A 49 -2.97 -1.55 2.01
N LEU A 50 -1.75 -1.75 2.50
CA LEU A 50 -0.50 -1.46 1.79
C LEU A 50 0.32 -2.75 1.75
N CYS A 51 0.70 -3.19 0.54
CA CYS A 51 1.47 -4.43 0.35
C CYS A 51 2.85 -4.05 -0.21
N VAL A 52 3.92 -4.44 0.52
CA VAL A 52 5.31 -4.08 0.17
C VAL A 52 6.16 -5.36 0.16
N LEU A 53 6.87 -5.62 -0.96
CA LEU A 53 7.76 -6.80 -1.11
C LEU A 53 9.21 -6.38 -0.81
N TYR A 54 9.91 -7.26 -0.08
CA TYR A 54 11.33 -7.11 0.23
C TYR A 54 11.89 -8.47 0.65
N GLN A 55 12.97 -8.91 -0.04
CA GLN A 55 13.71 -10.17 0.24
C GLN A 55 12.77 -11.40 0.36
N LYS A 56 11.91 -11.59 -0.68
CA LYS A 56 10.87 -12.65 -0.73
C LYS A 56 9.90 -12.59 0.49
N HIS A 57 9.55 -11.35 0.91
CA HIS A 57 8.62 -11.12 2.02
C HIS A 57 7.70 -9.93 1.69
N VAL A 58 6.43 -10.25 1.38
CA VAL A 58 5.36 -9.25 1.28
C VAL A 58 4.76 -9.06 2.68
N HIS A 59 4.95 -7.87 3.26
CA HIS A 59 4.27 -7.47 4.50
C HIS A 59 3.07 -6.61 4.11
N THR A 60 1.88 -6.93 4.65
CA THR A 60 0.65 -6.18 4.38
C THR A 60 0.30 -5.40 5.64
N TYR A 61 0.03 -4.11 5.49
CA TYR A 61 -0.33 -3.20 6.58
C TYR A 61 -1.78 -2.81 6.31
N ARG A 62 -2.73 -3.46 6.99
CA ARG A 62 -4.15 -3.12 6.84
C ARG A 62 -4.42 -1.94 7.77
N ILE A 63 -4.28 -0.74 7.21
CA ILE A 63 -4.52 0.52 7.90
C ILE A 63 -6.02 0.83 8.01
N LEU A 64 -6.47 1.01 9.26
CA LEU A 64 -7.88 1.29 9.57
C LEU A 64 -8.08 2.82 9.66
N PRO A 65 -9.30 3.34 9.32
CA PRO A 65 -9.55 4.79 9.19
C PRO A 65 -9.74 5.50 10.57
N ASP A 66 -10.66 6.50 10.63
CA ASP A 66 -10.84 7.36 11.81
C ASP A 66 -12.11 8.21 11.66
N GLY A 67 -12.71 8.57 12.80
CA GLY A 67 -13.94 9.38 12.84
C GLY A 67 -13.83 10.71 12.11
N GLU A 68 -12.64 11.34 12.15
CA GLU A 68 -12.37 12.64 11.49
C GLU A 68 -11.58 12.46 10.17
N ASP A 69 -11.69 11.27 9.55
CA ASP A 69 -11.07 10.89 8.26
C ASP A 69 -9.53 10.99 8.26
N PHE A 70 -8.88 10.27 9.18
CA PHE A 70 -7.42 10.06 9.16
C PHE A 70 -7.11 8.55 9.01
N LEU A 71 -5.96 8.22 8.42
CA LEU A 71 -5.56 6.82 8.24
C LEU A 71 -4.57 6.47 9.37
N ALA A 72 -5.04 5.64 10.32
CA ALA A 72 -4.27 5.26 11.52
C ALA A 72 -3.61 3.90 11.30
N VAL A 73 -2.27 3.87 11.33
CA VAL A 73 -1.45 2.68 11.06
C VAL A 73 -1.00 2.03 12.37
N GLN A 74 -1.01 0.70 12.40
CA GLN A 74 -0.55 -0.09 13.55
C GLN A 74 0.76 -0.71 13.10
N THR A 75 1.86 0.01 13.35
CA THR A 75 3.18 -0.35 12.83
C THR A 75 3.89 -1.25 13.85
N SER A 76 4.34 -2.44 13.39
CA SER A 76 5.08 -3.43 14.18
C SER A 76 4.29 -3.91 15.42
N GLN A 77 4.46 -3.20 16.58
CA GLN A 77 3.82 -3.54 17.89
C GLN A 77 4.29 -2.58 19.01
N GLY A 78 5.51 -2.02 18.85
CA GLY A 78 6.16 -1.25 19.92
C GLY A 78 6.71 0.08 19.43
N VAL A 79 5.94 0.77 18.57
CA VAL A 79 6.29 2.10 18.04
C VAL A 79 4.96 2.91 17.91
N PRO A 80 4.93 4.23 18.34
CA PRO A 80 3.72 5.12 18.24
C PRO A 80 2.92 4.99 16.91
N VAL A 81 1.59 4.92 17.06
CA VAL A 81 0.62 4.80 15.97
C VAL A 81 0.70 6.05 15.07
N ARG A 82 0.80 5.85 13.74
CA ARG A 82 1.00 6.97 12.80
C ARG A 82 -0.32 7.25 12.06
N ARG A 83 -0.89 8.45 12.25
CA ARG A 83 -2.06 8.92 11.49
C ARG A 83 -1.60 9.73 10.28
N PHE A 84 -2.35 9.64 9.18
CA PHE A 84 -2.10 10.42 7.96
C PHE A 84 -3.36 11.17 7.56
N GLN A 85 -3.19 12.37 6.99
CA GLN A 85 -4.30 13.21 6.54
C GLN A 85 -4.90 12.65 5.23
N THR A 86 -4.02 12.17 4.32
CA THR A 86 -4.42 11.59 3.01
C THR A 86 -3.52 10.38 2.69
N LEU A 87 -3.86 9.68 1.58
CA LEU A 87 -3.08 8.56 1.04
C LEU A 87 -1.73 9.08 0.49
N GLY A 88 -1.74 10.31 -0.09
CA GLY A 88 -0.51 10.97 -0.57
C GLY A 88 0.51 11.22 0.54
N GLU A 89 -0.01 11.59 1.72
CA GLU A 89 0.80 11.76 2.95
C GLU A 89 1.41 10.42 3.40
N LEU A 90 0.55 9.39 3.38
CA LEU A 90 0.92 8.00 3.76
C LEU A 90 2.16 7.52 2.98
N ILE A 91 2.09 7.69 1.66
CA ILE A 91 3.16 7.30 0.74
C ILE A 91 4.40 8.21 0.89
N GLY A 92 4.17 9.48 1.21
CA GLY A 92 5.26 10.46 1.42
C GLY A 92 6.23 10.08 2.55
N LEU A 93 5.69 9.89 3.77
CA LEU A 93 6.51 9.56 4.96
C LEU A 93 7.06 8.11 4.87
N TYR A 94 6.32 7.22 4.20
CA TYR A 94 6.73 5.81 4.01
C TYR A 94 7.76 5.64 2.88
N ALA A 95 7.86 6.63 1.96
CA ALA A 95 8.89 6.66 0.88
C ALA A 95 10.33 6.67 1.42
N GLN A 96 10.48 7.09 2.68
CA GLN A 96 11.77 7.16 3.37
C GLN A 96 11.83 6.08 4.49
N PRO A 97 13.05 5.78 5.07
CA PRO A 97 13.18 4.93 6.30
C PRO A 97 12.24 5.41 7.44
N ASN A 98 11.16 4.64 7.66
CA ASN A 98 10.09 4.97 8.61
C ASN A 98 10.37 4.39 10.00
N GLN A 99 10.66 3.06 10.04
CA GLN A 99 10.97 2.20 11.23
C GLN A 99 9.79 1.23 11.46
N GLY A 100 9.96 -0.03 11.02
CA GLY A 100 8.91 -1.06 11.10
C GLY A 100 8.48 -1.58 9.73
N LEU A 101 8.82 -0.80 8.68
CA LEU A 101 8.55 -1.19 7.29
C LEU A 101 9.58 -2.21 6.80
N VAL A 102 9.12 -3.16 5.96
CA VAL A 102 10.01 -4.02 5.16
C VAL A 102 10.58 -3.21 3.97
N CYS A 103 11.51 -2.30 4.34
CA CYS A 103 12.24 -1.36 3.46
C CYS A 103 11.35 -0.16 3.08
N ALA A 104 11.91 0.77 2.29
CA ALA A 104 11.23 2.00 1.87
C ALA A 104 10.34 1.75 0.63
N LEU A 105 9.70 2.82 0.15
CA LEU A 105 8.91 2.78 -1.08
C LEU A 105 9.83 3.21 -2.25
N LEU A 106 10.23 2.23 -3.08
CA LEU A 106 11.18 2.44 -4.19
C LEU A 106 10.42 2.64 -5.52
N LEU A 107 9.58 1.66 -5.90
CA LEU A 107 8.97 1.62 -7.25
C LEU A 107 7.45 1.32 -7.17
N PRO A 108 6.63 1.88 -8.13
CA PRO A 108 5.16 1.83 -8.06
C PRO A 108 4.53 0.47 -8.49
N VAL A 109 5.32 -0.45 -9.11
CA VAL A 109 4.86 -1.81 -9.55
C VAL A 109 4.17 -1.71 -10.93
N MET A 1 -2.32 12.03 -39.68
CA MET A 1 -1.80 12.61 -38.42
C MET A 1 -2.63 12.11 -37.23
N GLY A 2 -1.99 11.99 -36.07
CA GLY A 2 -2.61 11.44 -34.87
C GLY A 2 -1.58 11.11 -33.80
N HIS A 3 -0.34 10.84 -34.25
CA HIS A 3 0.80 10.53 -33.38
C HIS A 3 1.34 11.83 -32.75
N HIS A 4 1.39 11.86 -31.41
CA HIS A 4 2.01 12.95 -30.63
C HIS A 4 2.24 12.47 -29.18
N HIS A 5 3.27 13.01 -28.51
CA HIS A 5 3.55 12.72 -27.09
C HIS A 5 2.74 13.65 -26.16
N HIS A 6 2.88 13.39 -24.85
CA HIS A 6 2.26 14.17 -23.77
C HIS A 6 3.09 13.96 -22.49
N HIS A 7 3.17 14.99 -21.64
CA HIS A 7 3.93 14.92 -20.38
C HIS A 7 2.96 14.64 -19.21
N HIS A 8 2.58 13.36 -19.09
CA HIS A 8 1.75 12.85 -17.99
C HIS A 8 2.07 11.37 -17.78
N SER A 9 2.86 11.08 -16.74
CA SER A 9 3.28 9.71 -16.41
C SER A 9 2.11 8.88 -15.86
N HIS A 10 2.18 7.56 -16.06
CA HIS A 10 1.18 6.60 -15.56
C HIS A 10 1.87 5.52 -14.73
N MET A 11 1.26 5.17 -13.59
CA MET A 11 1.72 4.10 -12.70
C MET A 11 0.54 3.64 -11.84
N SER A 12 -0.21 4.63 -11.29
CA SER A 12 -1.42 4.44 -10.45
C SER A 12 -1.30 3.25 -9.49
N TRP A 13 -0.72 3.49 -8.31
CA TRP A 13 -0.37 2.43 -7.34
C TRP A 13 -1.59 1.98 -6.51
N TYR A 14 -2.78 2.54 -6.80
CA TYR A 14 -3.98 2.33 -5.98
C TYR A 14 -4.95 1.47 -6.78
N HIS A 15 -5.02 0.18 -6.46
CA HIS A 15 -5.89 -0.80 -7.14
C HIS A 15 -6.88 -1.33 -6.11
N ARG A 16 -8.18 -1.12 -6.36
CA ARG A 16 -9.25 -1.27 -5.33
C ARG A 16 -9.43 -2.74 -4.91
N ASP A 17 -10.17 -3.54 -5.71
CA ASP A 17 -10.41 -4.98 -5.40
C ASP A 17 -9.26 -5.86 -5.89
N LEU A 18 -8.01 -5.40 -5.67
CA LEU A 18 -6.82 -6.17 -6.02
C LEU A 18 -6.70 -7.40 -5.11
N SER A 19 -6.86 -7.18 -3.78
CA SER A 19 -6.98 -8.25 -2.76
C SER A 19 -5.59 -8.80 -2.38
N ARG A 20 -5.47 -9.32 -1.15
CA ARG A 20 -4.18 -9.69 -0.51
C ARG A 20 -3.38 -10.71 -1.35
N ALA A 21 -3.95 -11.91 -1.55
CA ALA A 21 -3.32 -13.02 -2.29
C ALA A 21 -2.88 -12.60 -3.70
N ALA A 22 -3.81 -11.99 -4.45
CA ALA A 22 -3.57 -11.54 -5.83
C ALA A 22 -2.52 -10.41 -5.90
N ALA A 23 -2.47 -9.56 -4.87
CA ALA A 23 -1.55 -8.40 -4.83
C ALA A 23 -0.09 -8.84 -4.74
N GLU A 24 0.22 -9.69 -3.73
CA GLU A 24 1.58 -10.18 -3.47
C GLU A 24 2.09 -11.07 -4.63
N GLU A 25 1.17 -11.82 -5.28
CA GLU A 25 1.51 -12.65 -6.45
C GLU A 25 1.85 -11.77 -7.66
N LEU A 26 1.04 -10.71 -7.88
CA LEU A 26 1.29 -9.68 -8.92
C LEU A 26 2.54 -8.84 -8.59
N LEU A 27 2.91 -8.69 -7.32
CA LEU A 27 4.18 -8.07 -6.92
C LEU A 27 5.31 -9.00 -7.38
N ALA A 28 5.31 -10.25 -6.86
CA ALA A 28 6.37 -11.26 -7.11
C ALA A 28 6.58 -11.55 -8.62
N ARG A 29 5.50 -11.44 -9.40
CA ARG A 29 5.52 -11.69 -10.85
C ARG A 29 6.11 -10.48 -11.58
N ALA A 30 5.49 -9.31 -11.38
CA ALA A 30 5.75 -8.10 -12.18
C ALA A 30 7.03 -7.37 -11.72
N GLY A 31 7.11 -7.02 -10.42
CA GLY A 31 8.23 -6.25 -9.87
C GLY A 31 9.25 -7.12 -9.16
N ARG A 32 8.75 -7.83 -8.14
CA ARG A 32 9.51 -8.61 -7.14
C ARG A 32 10.63 -7.80 -6.45
N ASP A 33 10.39 -7.39 -5.18
CA ASP A 33 11.42 -6.92 -4.23
C ASP A 33 11.60 -5.40 -4.40
N GLY A 34 11.37 -4.64 -3.30
CA GLY A 34 11.27 -3.18 -3.35
C GLY A 34 9.92 -2.68 -3.89
N SER A 35 9.03 -3.63 -4.24
CA SER A 35 7.74 -3.35 -4.87
C SER A 35 6.71 -2.99 -3.79
N PHE A 36 5.84 -2.01 -4.06
CA PHE A 36 4.74 -1.64 -3.14
C PHE A 36 3.50 -1.24 -3.93
N LEU A 37 2.33 -1.31 -3.29
CA LEU A 37 1.09 -0.74 -3.82
C LEU A 37 0.07 -0.55 -2.69
N VAL A 38 -0.93 0.30 -2.94
CA VAL A 38 -2.03 0.58 -2.02
C VAL A 38 -3.30 -0.02 -2.63
N ARG A 39 -4.19 -0.51 -1.77
CA ARG A 39 -5.43 -1.17 -2.17
C ARG A 39 -6.58 -0.60 -1.36
N ASP A 40 -7.79 -0.88 -1.82
CA ASP A 40 -8.99 -0.83 -0.99
C ASP A 40 -9.10 -2.24 -0.38
N SER A 41 -9.04 -2.33 0.96
CA SER A 41 -9.05 -3.61 1.68
C SER A 41 -10.32 -4.39 1.34
N GLU A 42 -10.19 -5.72 1.32
CA GLU A 42 -11.14 -6.64 0.68
C GLU A 42 -12.40 -6.81 1.55
N SER A 43 -13.27 -5.78 1.49
CA SER A 43 -14.52 -5.67 2.25
C SER A 43 -14.30 -5.95 3.76
N VAL A 44 -13.36 -5.20 4.39
CA VAL A 44 -13.02 -5.39 5.82
C VAL A 44 -13.80 -4.37 6.70
N ALA A 45 -13.66 -3.05 6.42
CA ALA A 45 -14.27 -1.97 7.22
C ALA A 45 -14.17 -0.60 6.50
N GLY A 46 -13.91 -0.63 5.19
CA GLY A 46 -13.64 0.58 4.41
C GLY A 46 -12.21 1.08 4.62
N ALA A 47 -11.28 0.12 4.80
CA ALA A 47 -9.87 0.40 5.05
C ALA A 47 -9.03 0.38 3.74
N PHE A 48 -7.79 0.88 3.86
CA PHE A 48 -6.76 0.81 2.80
C PHE A 48 -5.71 -0.26 3.19
N ALA A 49 -5.22 -1.02 2.21
CA ALA A 49 -4.20 -2.06 2.44
C ALA A 49 -2.91 -1.72 1.65
N LEU A 50 -1.77 -1.68 2.34
CA LEU A 50 -0.47 -1.31 1.74
C LEU A 50 0.38 -2.58 1.67
N CYS A 51 0.51 -3.16 0.48
CA CYS A 51 1.24 -4.43 0.29
C CYS A 51 2.62 -4.13 -0.29
N VAL A 52 3.67 -4.52 0.44
CA VAL A 52 5.07 -4.24 0.10
C VAL A 52 5.85 -5.56 0.12
N LEU A 53 6.47 -5.91 -1.01
CA LEU A 53 7.36 -7.08 -1.13
C LEU A 53 8.81 -6.60 -1.07
N TYR A 54 9.61 -7.28 -0.24
CA TYR A 54 11.02 -6.95 0.01
C TYR A 54 11.68 -8.11 0.75
N GLN A 55 12.98 -8.35 0.45
CA GLN A 55 13.85 -9.38 1.09
C GLN A 55 13.17 -10.77 1.19
N LYS A 56 12.45 -11.15 0.10
CA LYS A 56 11.67 -12.41 0.00
C LYS A 56 10.62 -12.52 1.13
N HIS A 57 10.03 -11.36 1.47
CA HIS A 57 9.10 -11.23 2.59
C HIS A 57 7.98 -10.23 2.20
N VAL A 58 6.73 -10.73 2.13
CA VAL A 58 5.56 -9.88 1.90
C VAL A 58 5.09 -9.29 3.24
N HIS A 59 4.71 -8.00 3.22
CA HIS A 59 4.20 -7.29 4.40
C HIS A 59 3.02 -6.42 3.98
N THR A 60 1.85 -6.60 4.61
CA THR A 60 0.66 -5.79 4.34
C THR A 60 0.32 -4.95 5.58
N TYR A 61 0.12 -3.65 5.37
CA TYR A 61 -0.14 -2.67 6.43
C TYR A 61 -1.55 -2.15 6.18
N ARG A 62 -2.53 -2.66 6.95
CA ARG A 62 -3.92 -2.24 6.80
C ARG A 62 -4.09 -0.89 7.50
N ILE A 63 -4.09 0.19 6.71
CA ILE A 63 -4.54 1.51 7.16
C ILE A 63 -6.06 1.47 7.35
N LEU A 64 -6.54 1.71 8.56
CA LEU A 64 -7.97 1.84 8.82
C LEU A 64 -8.25 3.22 9.43
N PRO A 65 -9.26 3.97 8.89
CA PRO A 65 -9.72 5.22 9.50
C PRO A 65 -10.52 4.93 10.79
N ASP A 66 -11.78 4.44 10.61
CA ASP A 66 -12.75 4.17 11.71
C ASP A 66 -13.24 5.52 12.26
N GLY A 67 -14.57 5.71 12.28
CA GLY A 67 -15.13 7.06 12.23
C GLY A 67 -14.53 7.91 11.10
N GLU A 68 -14.36 9.21 11.36
CA GLU A 68 -13.61 10.12 10.47
C GLU A 68 -12.36 10.69 11.21
N ASP A 69 -11.90 11.89 10.77
CA ASP A 69 -10.78 12.66 11.37
C ASP A 69 -9.44 12.23 10.75
N PHE A 70 -8.94 11.05 11.14
CA PHE A 70 -7.65 10.51 10.62
C PHE A 70 -7.79 9.06 10.13
N LEU A 71 -6.86 8.65 9.26
CA LEU A 71 -6.61 7.25 8.89
C LEU A 71 -5.26 6.81 9.48
N ALA A 72 -5.28 5.74 10.29
CA ALA A 72 -4.08 5.21 10.97
C ALA A 72 -3.61 3.90 10.33
N VAL A 73 -2.34 3.91 9.90
CA VAL A 73 -1.66 2.73 9.35
C VAL A 73 -1.08 1.91 10.51
N GLN A 74 -1.03 0.58 10.38
CA GLN A 74 -0.51 -0.31 11.41
C GLN A 74 0.82 -0.90 10.90
N THR A 75 1.93 -0.21 11.21
CA THR A 75 3.28 -0.59 10.74
C THR A 75 3.85 -1.78 11.54
N SER A 76 3.98 -1.61 12.87
CA SER A 76 4.56 -2.63 13.76
C SER A 76 3.73 -2.73 15.06
N GLN A 77 3.77 -3.91 15.70
CA GLN A 77 3.07 -4.16 16.97
C GLN A 77 3.87 -3.53 18.13
N GLY A 78 3.14 -2.89 19.06
CA GLY A 78 3.72 -2.31 20.25
C GLY A 78 4.57 -1.06 19.99
N VAL A 79 4.18 -0.27 18.96
CA VAL A 79 4.84 1.00 18.62
C VAL A 79 3.76 2.08 18.38
N PRO A 80 4.02 3.38 18.77
CA PRO A 80 3.18 4.50 18.37
C PRO A 80 3.42 4.82 16.87
N VAL A 81 2.50 4.40 16.00
CA VAL A 81 2.60 4.62 14.53
C VAL A 81 2.15 6.09 14.23
N ARG A 82 2.28 6.54 12.96
CA ARG A 82 1.98 7.92 12.59
C ARG A 82 0.54 7.98 12.05
N ARG A 83 -0.25 8.96 12.51
CA ARG A 83 -1.61 9.19 12.01
C ARG A 83 -1.56 10.20 10.86
N PHE A 84 -2.35 9.94 9.81
CA PHE A 84 -2.39 10.80 8.61
C PHE A 84 -3.82 11.24 8.36
N GLN A 85 -3.98 12.42 7.78
CA GLN A 85 -5.29 12.95 7.39
C GLN A 85 -5.55 12.64 5.90
N THR A 86 -4.47 12.28 5.18
CA THR A 86 -4.52 12.00 3.74
C THR A 86 -3.52 10.85 3.43
N LEU A 87 -3.94 9.93 2.55
CA LEU A 87 -3.12 8.77 2.09
C LEU A 87 -1.85 9.28 1.34
N GLY A 88 -1.99 10.43 0.65
CA GLY A 88 -0.84 11.12 0.02
C GLY A 88 0.32 11.43 1.00
N GLU A 89 -0.03 11.89 2.22
CA GLU A 89 0.93 12.16 3.32
C GLU A 89 1.67 10.87 3.73
N LEU A 90 0.90 9.76 3.73
CA LEU A 90 1.37 8.44 4.16
C LEU A 90 2.53 7.95 3.28
N ILE A 91 2.32 7.91 1.96
CA ILE A 91 3.34 7.47 0.99
C ILE A 91 4.52 8.46 0.96
N GLY A 92 4.19 9.76 1.08
CA GLY A 92 5.20 10.83 1.15
C GLY A 92 6.23 10.61 2.26
N LEU A 93 5.72 10.38 3.48
CA LEU A 93 6.57 10.16 4.67
C LEU A 93 7.26 8.78 4.62
N TYR A 94 6.51 7.72 4.24
CA TYR A 94 7.00 6.33 4.26
C TYR A 94 7.83 5.95 3.02
N ALA A 95 8.00 6.91 2.10
CA ALA A 95 9.11 6.87 1.12
C ALA A 95 10.47 6.86 1.86
N GLN A 96 10.44 7.40 3.09
CA GLN A 96 11.53 7.35 4.06
C GLN A 96 11.24 6.16 5.01
N PRO A 97 12.22 5.23 5.24
CA PRO A 97 12.02 4.04 6.09
C PRO A 97 12.16 4.35 7.61
N ASN A 98 12.50 3.31 8.41
CA ASN A 98 12.86 3.43 9.84
C ASN A 98 11.64 3.85 10.71
N GLN A 99 10.50 3.16 10.51
CA GLN A 99 9.24 3.45 11.24
C GLN A 99 8.23 2.29 11.14
N GLY A 100 8.68 1.12 10.62
CA GLY A 100 7.85 -0.09 10.56
C GLY A 100 7.79 -0.70 9.15
N LEU A 101 8.27 0.07 8.15
CA LEU A 101 8.31 -0.35 6.74
C LEU A 101 9.52 -1.27 6.46
N VAL A 102 9.23 -2.53 6.03
CA VAL A 102 10.22 -3.50 5.56
C VAL A 102 11.07 -2.92 4.40
N CYS A 103 10.43 -2.06 3.60
CA CYS A 103 11.07 -1.37 2.47
C CYS A 103 10.60 0.09 2.43
N ALA A 104 11.52 0.99 2.02
CA ALA A 104 11.18 2.38 1.70
C ALA A 104 10.34 2.40 0.41
N LEU A 105 9.33 3.27 0.35
CA LEU A 105 8.39 3.28 -0.78
C LEU A 105 9.09 3.95 -1.99
N LEU A 106 9.71 3.10 -2.83
CA LEU A 106 10.59 3.53 -3.94
C LEU A 106 9.86 3.47 -5.29
N LEU A 107 9.37 2.26 -5.63
CA LEU A 107 8.82 1.96 -6.98
C LEU A 107 7.62 1.01 -6.83
N PRO A 108 6.40 1.41 -7.36
CA PRO A 108 5.17 0.61 -7.22
C PRO A 108 5.29 -0.81 -7.85
N VAL A 109 5.24 -0.86 -9.19
CA VAL A 109 5.29 -2.12 -9.97
C VAL A 109 6.26 -1.92 -11.17
N MET A 1 18.95 8.55 -34.06
CA MET A 1 17.75 8.66 -34.92
C MET A 1 16.67 7.68 -34.45
N GLY A 2 15.44 8.20 -34.24
CA GLY A 2 14.26 7.37 -33.96
C GLY A 2 14.16 6.90 -32.51
N HIS A 3 15.00 7.46 -31.63
CA HIS A 3 14.96 7.15 -30.19
C HIS A 3 13.89 8.04 -29.53
N HIS A 4 12.73 7.44 -29.23
CA HIS A 4 11.64 8.09 -28.50
C HIS A 4 11.08 7.08 -27.49
N HIS A 5 11.68 7.11 -26.30
CA HIS A 5 11.16 6.40 -25.13
C HIS A 5 10.48 7.42 -24.22
N HIS A 6 9.19 7.66 -24.47
CA HIS A 6 8.35 8.50 -23.61
C HIS A 6 7.92 7.66 -22.40
N HIS A 7 8.15 8.16 -21.19
CA HIS A 7 7.79 7.46 -19.96
C HIS A 7 6.26 7.55 -19.72
N HIS A 8 5.62 6.40 -19.49
CA HIS A 8 4.18 6.32 -19.15
C HIS A 8 3.92 6.84 -17.74
N SER A 9 2.66 7.18 -17.47
CA SER A 9 2.21 7.88 -16.26
C SER A 9 2.48 7.08 -14.96
N HIS A 10 2.44 7.79 -13.81
CA HIS A 10 2.42 7.16 -12.47
C HIS A 10 1.14 6.31 -12.33
N MET A 11 0.08 6.77 -13.03
CA MET A 11 -1.19 6.06 -13.23
C MET A 11 -1.89 5.79 -11.88
N SER A 12 -1.57 4.64 -11.25
CA SER A 12 -2.11 4.21 -9.96
C SER A 12 -1.29 3.02 -9.46
N TRP A 13 -0.75 3.13 -8.25
CA TRP A 13 -0.26 1.99 -7.45
C TRP A 13 -1.36 1.63 -6.43
N TYR A 14 -2.26 2.61 -6.20
CA TYR A 14 -3.52 2.38 -5.50
C TYR A 14 -4.47 1.66 -6.46
N HIS A 15 -4.66 0.36 -6.23
CA HIS A 15 -5.58 -0.49 -7.01
C HIS A 15 -6.68 -0.90 -6.03
N ARG A 16 -7.80 -0.15 -6.05
CA ARG A 16 -8.83 -0.17 -4.98
C ARG A 16 -9.37 -1.58 -4.67
N ASP A 17 -9.57 -2.40 -5.71
CA ASP A 17 -10.08 -3.77 -5.53
C ASP A 17 -9.07 -4.69 -6.22
N LEU A 18 -8.04 -5.07 -5.47
CA LEU A 18 -6.94 -5.90 -5.98
C LEU A 18 -6.89 -7.25 -5.27
N SER A 19 -7.01 -7.23 -3.92
CA SER A 19 -7.04 -8.45 -3.05
C SER A 19 -5.61 -8.97 -2.81
N ARG A 20 -5.40 -9.69 -1.69
CA ARG A 20 -4.06 -10.13 -1.25
C ARG A 20 -3.32 -10.96 -2.31
N ALA A 21 -3.99 -12.00 -2.83
CA ALA A 21 -3.42 -12.95 -3.80
C ALA A 21 -2.87 -12.23 -5.05
N ALA A 22 -3.72 -11.42 -5.69
CA ALA A 22 -3.36 -10.67 -6.92
C ALA A 22 -2.36 -9.55 -6.63
N ALA A 23 -2.42 -8.97 -5.41
CA ALA A 23 -1.49 -7.92 -4.95
C ALA A 23 -0.05 -8.44 -4.83
N GLU A 24 0.11 -9.46 -3.99
CA GLU A 24 1.38 -10.14 -3.71
C GLU A 24 2.01 -10.72 -5.00
N GLU A 25 1.15 -11.31 -5.84
CA GLU A 25 1.56 -11.91 -7.11
C GLU A 25 2.02 -10.81 -8.09
N LEU A 26 1.30 -9.68 -8.10
CA LEU A 26 1.64 -8.48 -8.89
C LEU A 26 3.00 -7.87 -8.45
N LEU A 27 3.25 -7.88 -7.14
CA LEU A 27 4.52 -7.40 -6.55
C LEU A 27 5.68 -8.32 -6.93
N ALA A 28 5.38 -9.62 -7.14
CA ALA A 28 6.36 -10.64 -7.50
C ALA A 28 6.69 -10.59 -9.00
N ARG A 29 5.64 -10.66 -9.85
CA ARG A 29 5.79 -10.75 -11.32
C ARG A 29 6.38 -9.45 -11.91
N ALA A 30 5.84 -8.30 -11.46
CA ALA A 30 6.18 -6.99 -12.02
C ALA A 30 7.37 -6.37 -11.29
N GLY A 31 7.23 -6.15 -9.97
CA GLY A 31 8.24 -5.42 -9.19
C GLY A 31 9.43 -6.28 -8.77
N ARG A 32 9.13 -7.56 -8.42
CA ARG A 32 10.13 -8.60 -8.07
C ARG A 32 10.75 -8.42 -6.65
N ASP A 33 10.76 -7.18 -6.12
CA ASP A 33 11.58 -6.80 -4.94
C ASP A 33 11.46 -5.29 -4.69
N GLY A 34 11.41 -4.87 -3.40
CA GLY A 34 11.29 -3.44 -3.03
C GLY A 34 9.93 -2.85 -3.37
N SER A 35 9.01 -3.75 -3.73
CA SER A 35 7.74 -3.41 -4.33
C SER A 35 6.70 -3.08 -3.26
N PHE A 36 5.79 -2.15 -3.57
CA PHE A 36 4.66 -1.81 -2.70
C PHE A 36 3.48 -1.33 -3.56
N LEU A 37 2.27 -1.53 -3.06
CA LEU A 37 1.05 -0.95 -3.63
C LEU A 37 0.02 -0.79 -2.52
N VAL A 38 -0.96 0.10 -2.75
CA VAL A 38 -2.05 0.36 -1.81
C VAL A 38 -3.36 -0.14 -2.46
N ARG A 39 -4.33 -0.48 -1.62
CA ARG A 39 -5.64 -0.98 -2.05
C ARG A 39 -6.67 -0.71 -0.96
N ASP A 40 -7.94 -1.01 -1.24
CA ASP A 40 -9.03 -0.86 -0.26
C ASP A 40 -9.15 -2.20 0.48
N SER A 41 -9.50 -2.14 1.77
CA SER A 41 -9.61 -3.32 2.64
C SER A 41 -10.60 -4.38 2.09
N GLU A 42 -10.31 -5.66 2.40
CA GLU A 42 -11.11 -6.81 1.95
C GLU A 42 -12.25 -7.15 2.97
N SER A 43 -12.39 -6.34 4.05
CA SER A 43 -13.43 -6.53 5.07
C SER A 43 -14.14 -5.19 5.42
N VAL A 44 -13.39 -4.21 5.97
CA VAL A 44 -13.99 -2.91 6.35
C VAL A 44 -14.00 -1.94 5.13
N ALA A 45 -15.23 -1.54 4.75
CA ALA A 45 -15.49 -0.69 3.57
C ALA A 45 -14.96 0.75 3.75
N GLY A 46 -14.18 1.22 2.76
CA GLY A 46 -13.64 2.58 2.75
C GLY A 46 -12.32 2.76 3.50
N ALA A 47 -11.73 1.63 3.95
CA ALA A 47 -10.41 1.63 4.60
C ALA A 47 -9.34 1.17 3.60
N PHE A 48 -8.06 1.24 4.00
CA PHE A 48 -6.94 0.87 3.12
C PHE A 48 -6.15 -0.34 3.66
N ALA A 49 -5.40 -0.97 2.76
CA ALA A 49 -4.38 -1.98 3.04
C ALA A 49 -3.15 -1.70 2.15
N LEU A 50 -1.95 -1.95 2.69
CA LEU A 50 -0.66 -1.64 2.04
C LEU A 50 0.17 -2.93 1.98
N CYS A 51 0.37 -3.46 0.77
CA CYS A 51 1.05 -4.74 0.56
C CYS A 51 2.46 -4.43 0.03
N VAL A 52 3.50 -4.92 0.73
CA VAL A 52 4.92 -4.59 0.45
C VAL A 52 5.76 -5.89 0.37
N LEU A 53 6.43 -6.13 -0.78
CA LEU A 53 7.35 -7.26 -0.99
C LEU A 53 8.79 -6.75 -1.11
N TYR A 54 9.64 -7.14 -0.17
CA TYR A 54 11.10 -6.97 -0.29
C TYR A 54 11.81 -8.14 0.41
N GLN A 55 12.95 -8.56 -0.17
CA GLN A 55 13.80 -9.66 0.34
C GLN A 55 12.98 -10.98 0.57
N LYS A 56 12.01 -11.24 -0.33
CA LYS A 56 11.04 -12.37 -0.21
C LYS A 56 10.21 -12.31 1.09
N HIS A 57 9.87 -11.07 1.50
CA HIS A 57 9.00 -10.81 2.68
C HIS A 57 7.84 -9.91 2.22
N VAL A 58 6.65 -10.52 2.08
CA VAL A 58 5.40 -9.80 1.78
C VAL A 58 4.60 -9.62 3.07
N HIS A 59 4.53 -8.39 3.59
CA HIS A 59 3.66 -8.05 4.72
C HIS A 59 2.55 -7.12 4.22
N THR A 60 1.33 -7.31 4.71
CA THR A 60 0.21 -6.41 4.43
C THR A 60 -0.08 -5.60 5.70
N TYR A 61 -0.31 -4.29 5.52
CA TYR A 61 -0.64 -3.38 6.60
C TYR A 61 -2.03 -2.84 6.32
N ARG A 62 -3.05 -3.40 6.98
CA ARG A 62 -4.40 -2.83 7.00
C ARG A 62 -4.33 -1.46 7.68
N ILE A 63 -5.26 -0.57 7.38
CA ILE A 63 -5.04 0.88 7.60
C ILE A 63 -6.43 1.37 8.01
N LEU A 64 -6.63 1.58 9.31
CA LEU A 64 -7.97 1.67 9.91
C LEU A 64 -8.31 3.12 10.23
N PRO A 65 -9.30 3.72 9.50
CA PRO A 65 -9.96 4.95 9.93
C PRO A 65 -11.07 4.60 10.94
N ASP A 66 -10.85 4.92 12.22
CA ASP A 66 -11.88 4.74 13.25
C ASP A 66 -12.82 5.94 13.18
N GLY A 67 -14.14 5.68 13.27
CA GLY A 67 -15.20 6.68 13.05
C GLY A 67 -15.04 8.05 13.73
N GLU A 68 -14.17 8.90 13.16
CA GLU A 68 -13.99 10.32 13.50
C GLU A 68 -13.50 11.04 12.22
N ASP A 69 -12.17 10.99 11.92
CA ASP A 69 -11.61 11.62 10.68
C ASP A 69 -10.14 11.19 10.36
N PHE A 70 -9.55 10.27 11.15
CA PHE A 70 -8.10 9.93 11.05
C PHE A 70 -7.89 8.47 10.59
N LEU A 71 -6.89 8.25 9.73
CA LEU A 71 -6.54 6.91 9.19
C LEU A 71 -5.18 6.46 9.77
N ALA A 72 -5.18 5.42 10.61
CA ALA A 72 -3.97 4.95 11.33
C ALA A 72 -3.29 3.77 10.63
N VAL A 73 -1.95 3.77 10.66
CA VAL A 73 -1.11 2.63 10.26
C VAL A 73 -0.47 2.03 11.51
N GLN A 74 -0.44 0.69 11.60
CA GLN A 74 -0.04 -0.01 12.85
C GLN A 74 1.29 -0.73 12.63
N THR A 75 2.22 -0.50 13.57
CA THR A 75 3.59 -1.03 13.49
C THR A 75 4.24 -1.05 14.90
N SER A 76 4.01 0.04 15.68
CA SER A 76 4.63 0.26 17.00
C SER A 76 6.17 0.27 16.92
N GLN A 77 6.88 -0.79 17.45
CA GLN A 77 8.36 -0.95 17.40
C GLN A 77 9.11 0.03 18.36
N GLY A 78 8.66 1.29 18.40
CA GLY A 78 9.39 2.40 19.00
C GLY A 78 9.08 3.69 18.25
N VAL A 79 8.62 3.52 16.99
CA VAL A 79 8.13 4.62 16.16
C VAL A 79 6.63 4.88 16.51
N PRO A 80 6.21 6.17 16.70
CA PRO A 80 4.78 6.51 16.93
C PRO A 80 3.87 6.09 15.75
N VAL A 81 2.62 5.69 16.05
CA VAL A 81 1.61 5.37 15.02
C VAL A 81 1.21 6.67 14.30
N ARG A 82 1.21 6.63 12.96
CA ARG A 82 1.03 7.82 12.13
C ARG A 82 -0.36 7.79 11.52
N ARG A 83 -1.19 8.80 11.85
CA ARG A 83 -2.53 8.96 11.29
C ARG A 83 -2.51 10.03 10.20
N PHE A 84 -2.90 9.64 8.99
CA PHE A 84 -2.96 10.53 7.83
C PHE A 84 -4.41 10.83 7.44
N GLN A 85 -4.61 12.00 6.82
CA GLN A 85 -5.93 12.43 6.31
C GLN A 85 -6.00 12.28 4.78
N THR A 86 -4.84 11.98 4.15
CA THR A 86 -4.74 11.75 2.70
C THR A 86 -3.60 10.73 2.42
N LEU A 87 -3.83 9.87 1.41
CA LEU A 87 -2.93 8.74 1.05
C LEU A 87 -1.51 9.23 0.67
N GLY A 88 -1.43 10.44 0.09
CA GLY A 88 -0.15 11.10 -0.20
C GLY A 88 0.78 11.24 1.01
N GLU A 89 0.19 11.45 2.21
CA GLU A 89 0.93 11.52 3.49
C GLU A 89 1.49 10.14 3.87
N LEU A 90 0.69 9.07 3.65
CA LEU A 90 1.12 7.67 3.92
C LEU A 90 2.46 7.37 3.23
N ILE A 91 2.46 7.59 1.91
CA ILE A 91 3.63 7.33 1.05
C ILE A 91 4.77 8.31 1.39
N GLY A 92 4.41 9.56 1.73
CA GLY A 92 5.38 10.60 2.13
C GLY A 92 6.23 10.21 3.33
N LEU A 93 5.55 9.80 4.41
CA LEU A 93 6.17 9.39 5.67
C LEU A 93 6.99 8.11 5.49
N TYR A 94 6.31 7.06 5.00
CA TYR A 94 6.87 5.70 4.93
C TYR A 94 7.83 5.48 3.74
N ALA A 95 7.98 6.49 2.84
CA ALA A 95 9.11 6.53 1.87
C ALA A 95 10.47 6.53 2.61
N GLN A 96 10.42 7.09 3.84
CA GLN A 96 11.55 7.09 4.77
C GLN A 96 11.55 5.74 5.54
N PRO A 97 12.72 5.04 5.64
CA PRO A 97 12.79 3.69 6.28
C PRO A 97 12.84 3.74 7.82
N ASN A 98 13.04 2.54 8.41
CA ASN A 98 13.11 2.31 9.87
C ASN A 98 11.81 2.79 10.57
N GLN A 99 10.68 2.17 10.17
CA GLN A 99 9.33 2.46 10.72
C GLN A 99 8.47 1.18 10.81
N GLY A 100 9.10 -0.02 10.66
CA GLY A 100 8.38 -1.31 10.76
C GLY A 100 8.29 -2.02 9.41
N LEU A 101 8.72 -1.32 8.38
CA LEU A 101 8.68 -1.78 6.98
C LEU A 101 9.83 -2.77 6.69
N VAL A 102 9.56 -3.74 5.80
CA VAL A 102 10.59 -4.66 5.27
C VAL A 102 11.66 -3.87 4.45
N CYS A 103 11.24 -2.72 3.90
CA CYS A 103 12.14 -1.74 3.23
C CYS A 103 11.43 -0.39 3.10
N ALA A 104 12.19 0.64 2.67
CA ALA A 104 11.63 1.94 2.29
C ALA A 104 10.77 1.76 1.02
N LEU A 105 9.68 2.54 0.91
CA LEU A 105 8.74 2.43 -0.22
C LEU A 105 9.47 2.83 -1.52
N LEU A 106 9.86 1.83 -2.34
CA LEU A 106 10.80 2.01 -3.46
C LEU A 106 10.11 1.87 -4.82
N LEU A 107 9.52 0.70 -5.07
CA LEU A 107 9.01 0.31 -6.41
C LEU A 107 7.48 0.19 -6.33
N PRO A 108 6.70 1.23 -6.73
CA PRO A 108 5.23 1.14 -6.79
C PRO A 108 4.76 0.45 -8.09
N VAL A 109 3.87 -0.55 -7.97
CA VAL A 109 3.30 -1.24 -9.14
C VAL A 109 1.82 -0.82 -9.27
N MET A 1 -21.52 -9.04 -8.18
CA MET A 1 -20.47 -10.05 -8.40
C MET A 1 -19.84 -9.84 -9.79
N GLY A 2 -18.56 -10.22 -9.92
CA GLY A 2 -17.79 -9.96 -11.14
C GLY A 2 -17.56 -8.46 -11.37
N HIS A 3 -17.20 -7.76 -10.28
CA HIS A 3 -16.97 -6.30 -10.27
C HIS A 3 -15.80 -5.93 -11.20
N HIS A 4 -15.95 -4.80 -11.92
CA HIS A 4 -14.93 -4.30 -12.84
C HIS A 4 -13.74 -3.70 -12.06
N HIS A 5 -12.66 -4.49 -11.96
CA HIS A 5 -11.38 -4.06 -11.36
C HIS A 5 -10.23 -4.51 -12.29
N HIS A 6 -9.82 -3.60 -13.18
CA HIS A 6 -8.78 -3.85 -14.19
C HIS A 6 -7.42 -4.07 -13.47
N HIS A 7 -7.11 -5.35 -13.17
CA HIS A 7 -5.88 -5.74 -12.43
C HIS A 7 -4.71 -5.92 -13.43
N HIS A 8 -4.46 -4.87 -14.20
CA HIS A 8 -3.47 -4.86 -15.29
C HIS A 8 -2.74 -3.51 -15.27
N SER A 9 -1.58 -3.44 -15.97
CA SER A 9 -0.73 -2.23 -16.07
C SER A 9 -0.02 -1.95 -14.72
N HIS A 10 1.32 -2.03 -14.72
CA HIS A 10 2.15 -1.77 -13.53
C HIS A 10 2.15 -0.26 -13.22
N MET A 11 2.72 0.10 -12.05
CA MET A 11 2.87 1.50 -11.60
C MET A 11 1.49 2.13 -11.25
N SER A 12 0.43 1.29 -11.24
CA SER A 12 -0.96 1.73 -11.03
C SER A 12 -1.17 2.14 -9.56
N TRP A 13 -0.83 1.19 -8.65
CA TRP A 13 -0.60 1.45 -7.21
C TRP A 13 -1.89 1.23 -6.41
N TYR A 14 -3.03 1.74 -6.92
CA TYR A 14 -4.30 1.68 -6.17
C TYR A 14 -5.23 0.69 -6.87
N HIS A 15 -5.50 -0.46 -6.23
CA HIS A 15 -6.32 -1.53 -6.85
C HIS A 15 -7.47 -1.91 -5.90
N ARG A 16 -8.70 -1.49 -6.23
CA ARG A 16 -9.91 -1.83 -5.45
C ARG A 16 -10.31 -3.29 -5.69
N ASP A 17 -10.98 -3.96 -4.71
CA ASP A 17 -11.31 -5.40 -4.71
C ASP A 17 -10.22 -6.29 -5.32
N LEU A 18 -9.00 -6.09 -4.81
CA LEU A 18 -7.85 -6.96 -5.08
C LEU A 18 -7.49 -7.59 -3.73
N SER A 19 -7.44 -8.94 -3.67
CA SER A 19 -7.13 -9.69 -2.44
C SER A 19 -5.66 -9.47 -2.04
N ARG A 20 -5.33 -9.66 -0.74
CA ARG A 20 -3.93 -9.65 -0.26
C ARG A 20 -3.07 -10.66 -1.04
N ALA A 21 -3.56 -11.90 -1.10
CA ALA A 21 -2.93 -13.01 -1.85
C ALA A 21 -2.67 -12.65 -3.33
N ALA A 22 -3.68 -12.04 -3.96
CA ALA A 22 -3.63 -11.63 -5.40
C ALA A 22 -2.70 -10.42 -5.62
N ALA A 23 -2.59 -9.56 -4.60
CA ALA A 23 -1.74 -8.36 -4.63
C ALA A 23 -0.26 -8.70 -4.44
N GLU A 24 0.02 -9.54 -3.43
CA GLU A 24 1.33 -10.20 -3.19
C GLU A 24 1.83 -10.92 -4.45
N GLU A 25 0.87 -11.56 -5.13
CA GLU A 25 1.09 -12.28 -6.40
C GLU A 25 1.54 -11.27 -7.49
N LEU A 26 0.78 -10.15 -7.57
CA LEU A 26 1.03 -9.05 -8.52
C LEU A 26 2.45 -8.48 -8.34
N LEU A 27 2.86 -8.25 -7.07
CA LEU A 27 4.19 -7.72 -6.70
C LEU A 27 5.29 -8.71 -7.11
N ALA A 28 5.11 -9.99 -6.71
CA ALA A 28 6.10 -11.08 -6.93
C ALA A 28 6.39 -11.28 -8.43
N ARG A 29 5.36 -11.11 -9.25
CA ARG A 29 5.45 -11.26 -10.71
C ARG A 29 5.98 -9.97 -11.38
N ALA A 30 5.65 -8.79 -10.81
CA ALA A 30 6.00 -7.49 -11.43
C ALA A 30 7.37 -6.96 -11.00
N GLY A 31 7.54 -6.62 -9.69
CA GLY A 31 8.76 -5.94 -9.21
C GLY A 31 9.63 -6.83 -8.32
N ARG A 32 8.96 -7.49 -7.37
CA ARG A 32 9.54 -8.46 -6.40
C ARG A 32 10.73 -7.90 -5.55
N ASP A 33 10.79 -6.56 -5.35
CA ASP A 33 11.92 -5.89 -4.67
C ASP A 33 11.61 -4.39 -4.49
N GLY A 34 11.18 -4.01 -3.27
CA GLY A 34 10.77 -2.63 -2.96
C GLY A 34 9.40 -2.28 -3.54
N SER A 35 8.65 -3.31 -3.93
CA SER A 35 7.41 -3.17 -4.69
C SER A 35 6.24 -2.94 -3.72
N PHE A 36 5.61 -1.77 -3.81
CA PHE A 36 4.53 -1.39 -2.88
C PHE A 36 3.25 -0.98 -3.62
N LEU A 37 2.13 -1.03 -2.89
CA LEU A 37 0.80 -0.65 -3.41
C LEU A 37 -0.17 -0.43 -2.23
N VAL A 38 -1.29 0.23 -2.53
CA VAL A 38 -2.40 0.47 -1.61
C VAL A 38 -3.66 -0.04 -2.30
N ARG A 39 -4.38 -0.96 -1.67
CA ARG A 39 -5.57 -1.56 -2.25
C ARG A 39 -6.77 -1.21 -1.38
N ASP A 40 -7.95 -1.27 -1.96
CA ASP A 40 -9.20 -1.17 -1.21
C ASP A 40 -9.67 -2.59 -0.88
N SER A 41 -9.85 -2.87 0.43
CA SER A 41 -10.32 -4.19 0.92
C SER A 41 -11.68 -4.57 0.29
N GLU A 42 -11.93 -5.88 0.15
CA GLU A 42 -12.98 -6.40 -0.73
C GLU A 42 -14.38 -6.35 -0.08
N SER A 43 -14.42 -6.30 1.25
CA SER A 43 -15.65 -6.09 2.02
C SER A 43 -15.29 -5.78 3.48
N VAL A 44 -15.38 -4.50 3.85
CA VAL A 44 -15.03 -4.01 5.20
C VAL A 44 -15.73 -2.64 5.45
N ALA A 45 -15.68 -2.15 6.70
CA ALA A 45 -16.20 -0.83 7.13
C ALA A 45 -15.37 0.38 6.63
N GLY A 46 -14.61 0.22 5.55
CA GLY A 46 -13.72 1.26 5.06
C GLY A 46 -12.33 1.08 5.64
N ALA A 47 -11.51 0.33 4.90
CA ALA A 47 -10.12 0.00 5.26
C ALA A 47 -9.30 -0.24 3.99
N PHE A 48 -8.09 0.35 3.94
CA PHE A 48 -7.16 0.19 2.82
C PHE A 48 -5.95 -0.62 3.29
N ALA A 49 -5.41 -1.48 2.41
CA ALA A 49 -4.27 -2.35 2.77
C ALA A 49 -3.03 -1.99 1.93
N LEU A 50 -1.92 -1.71 2.60
CA LEU A 50 -0.63 -1.33 2.01
C LEU A 50 0.29 -2.55 2.14
N CYS A 51 0.96 -2.96 1.06
CA CYS A 51 2.02 -4.00 1.12
C CYS A 51 3.33 -3.45 0.56
N VAL A 52 4.44 -3.83 1.20
CA VAL A 52 5.81 -3.58 0.69
C VAL A 52 6.53 -4.93 0.65
N LEU A 53 6.87 -5.39 -0.57
CA LEU A 53 7.62 -6.64 -0.81
C LEU A 53 9.10 -6.28 -1.06
N TYR A 54 10.00 -7.06 -0.47
CA TYR A 54 11.45 -6.91 -0.60
C TYR A 54 12.09 -8.31 -0.48
N GLN A 55 12.50 -8.89 -1.62
CA GLN A 55 13.17 -10.20 -1.68
C GLN A 55 12.45 -11.30 -0.86
N LYS A 56 11.24 -11.71 -1.34
CA LYS A 56 10.36 -12.72 -0.65
C LYS A 56 9.87 -12.29 0.77
N HIS A 57 10.03 -10.99 1.11
CA HIS A 57 9.55 -10.43 2.40
C HIS A 57 8.38 -9.49 2.10
N VAL A 58 7.16 -9.96 2.34
CA VAL A 58 5.95 -9.16 2.13
C VAL A 58 5.39 -8.80 3.50
N HIS A 59 5.27 -7.51 3.79
CA HIS A 59 4.60 -7.03 5.02
C HIS A 59 3.33 -6.26 4.64
N THR A 60 2.26 -6.46 5.42
CA THR A 60 0.95 -5.85 5.21
C THR A 60 0.66 -4.87 6.35
N TYR A 61 0.13 -3.70 6.00
CA TYR A 61 -0.24 -2.64 6.94
C TYR A 61 -1.66 -2.25 6.57
N ARG A 62 -2.65 -2.82 7.29
CA ARG A 62 -4.06 -2.55 7.03
C ARG A 62 -4.43 -1.22 7.70
N ILE A 63 -4.47 -0.19 6.86
CA ILE A 63 -4.92 1.15 7.25
C ILE A 63 -6.45 1.15 7.45
N LEU A 64 -6.91 1.65 8.58
CA LEU A 64 -8.34 1.89 8.84
C LEU A 64 -8.50 3.26 9.54
N PRO A 65 -9.48 4.09 9.10
CA PRO A 65 -9.77 5.40 9.72
C PRO A 65 -10.19 5.31 11.20
N ASP A 66 -11.33 4.65 11.42
CA ASP A 66 -11.91 4.33 12.75
C ASP A 66 -12.80 5.51 13.20
N GLY A 67 -12.18 6.67 13.52
CA GLY A 67 -12.94 7.91 13.75
C GLY A 67 -13.24 8.69 12.44
N GLU A 68 -13.10 8.01 11.28
CA GLU A 68 -13.44 8.51 9.91
C GLU A 68 -12.59 9.70 9.38
N ASP A 69 -12.08 10.60 10.24
CA ASP A 69 -11.42 11.86 9.81
C ASP A 69 -10.01 11.60 9.27
N PHE A 70 -9.28 10.78 10.03
CA PHE A 70 -7.91 10.37 9.73
C PHE A 70 -7.93 8.90 9.29
N LEU A 71 -7.05 8.50 8.35
CA LEU A 71 -6.75 7.07 8.09
C LEU A 71 -5.43 6.69 8.81
N ALA A 72 -5.50 5.72 9.75
CA ALA A 72 -4.36 5.31 10.60
C ALA A 72 -3.69 4.05 10.04
N VAL A 73 -2.41 4.19 9.65
CA VAL A 73 -1.58 3.09 9.14
C VAL A 73 -0.86 2.38 10.28
N GLN A 74 -1.18 1.10 10.50
CA GLN A 74 -0.54 0.29 11.55
C GLN A 74 0.68 -0.40 10.92
N THR A 75 1.84 0.28 11.06
CA THR A 75 3.14 -0.20 10.58
C THR A 75 3.41 -1.61 11.17
N SER A 76 3.42 -1.67 12.50
CA SER A 76 3.30 -2.89 13.31
C SER A 76 2.73 -2.49 14.68
N GLN A 77 1.69 -3.20 15.15
CA GLN A 77 1.06 -2.93 16.45
C GLN A 77 2.07 -3.24 17.57
N GLY A 78 2.77 -2.18 18.03
CA GLY A 78 3.87 -2.31 18.97
C GLY A 78 4.66 -1.01 19.00
N VAL A 79 5.18 -0.62 17.81
CA VAL A 79 5.80 0.71 17.58
C VAL A 79 4.68 1.80 17.54
N PRO A 80 4.90 3.04 18.13
CA PRO A 80 3.95 4.18 18.03
C PRO A 80 3.48 4.51 16.59
N VAL A 81 2.39 3.81 16.17
CA VAL A 81 1.61 4.06 14.94
C VAL A 81 1.46 5.56 14.55
N ARG A 82 1.47 5.82 13.23
CA ARG A 82 1.30 7.16 12.66
C ARG A 82 -0.07 7.26 12.00
N ARG A 83 -0.77 8.37 12.30
CA ARG A 83 -2.09 8.68 11.75
C ARG A 83 -1.92 9.69 10.59
N PHE A 84 -2.79 9.58 9.58
CA PHE A 84 -2.69 10.36 8.33
C PHE A 84 -4.07 10.87 7.96
N GLN A 85 -4.14 11.83 7.05
CA GLN A 85 -5.41 12.37 6.55
C GLN A 85 -5.44 12.31 5.01
N THR A 86 -4.28 12.07 4.38
CA THR A 86 -4.13 11.98 2.92
C THR A 86 -3.15 10.83 2.57
N LEU A 87 -3.45 10.06 1.49
CA LEU A 87 -2.53 9.02 0.94
C LEU A 87 -1.18 9.63 0.52
N GLY A 88 -1.21 10.89 0.06
CA GLY A 88 0.01 11.64 -0.27
C GLY A 88 0.96 11.83 0.92
N GLU A 89 0.38 11.95 2.14
CA GLU A 89 1.16 12.06 3.38
C GLU A 89 1.79 10.71 3.73
N LEU A 90 1.01 9.61 3.53
CA LEU A 90 1.49 8.22 3.70
C LEU A 90 2.78 8.00 2.88
N ILE A 91 2.70 8.36 1.59
CA ILE A 91 3.82 8.27 0.64
C ILE A 91 4.99 9.18 1.07
N GLY A 92 4.66 10.38 1.57
CA GLY A 92 5.65 11.36 2.00
C GLY A 92 6.56 10.84 3.11
N LEU A 93 5.95 10.42 4.23
CA LEU A 93 6.67 9.94 5.41
C LEU A 93 7.32 8.56 5.17
N TYR A 94 6.55 7.58 4.69
CA TYR A 94 7.01 6.17 4.55
C TYR A 94 8.10 5.98 3.46
N ALA A 95 8.24 6.95 2.53
CA ALA A 95 9.36 6.97 1.57
C ALA A 95 10.75 7.00 2.27
N GLN A 96 10.77 7.43 3.55
CA GLN A 96 11.98 7.41 4.39
C GLN A 96 12.26 5.97 4.90
N PRO A 97 13.48 5.40 4.64
CA PRO A 97 13.89 4.10 5.21
C PRO A 97 14.16 4.20 6.73
N ASN A 98 14.29 3.03 7.39
CA ASN A 98 14.45 2.91 8.85
C ASN A 98 13.30 3.65 9.57
N GLN A 99 12.07 3.22 9.25
CA GLN A 99 10.81 3.81 9.78
C GLN A 99 9.77 2.72 10.05
N GLY A 100 10.00 1.53 9.49
CA GLY A 100 9.05 0.42 9.56
C GLY A 100 9.00 -0.36 8.27
N LEU A 101 9.50 0.27 7.17
CA LEU A 101 9.61 -0.36 5.85
C LEU A 101 11.06 -0.84 5.62
N VAL A 102 11.25 -2.17 5.71
CA VAL A 102 12.52 -2.87 5.41
C VAL A 102 13.23 -2.41 4.10
N CYS A 103 12.46 -1.88 3.13
CA CYS A 103 12.99 -1.43 1.82
C CYS A 103 12.65 0.04 1.51
N ALA A 104 11.74 0.64 2.33
CA ALA A 104 11.11 1.95 2.03
C ALA A 104 10.23 1.87 0.75
N LEU A 105 9.58 2.98 0.42
CA LEU A 105 8.76 3.08 -0.81
C LEU A 105 9.66 3.25 -2.05
N LEU A 106 10.02 2.12 -2.68
CA LEU A 106 10.92 2.12 -3.86
C LEU A 106 10.11 2.45 -5.15
N LEU A 107 9.17 1.54 -5.53
CA LEU A 107 8.41 1.67 -6.81
C LEU A 107 6.97 1.14 -6.66
N PRO A 108 5.92 1.93 -7.08
CA PRO A 108 4.50 1.49 -7.03
C PRO A 108 4.19 0.46 -8.13
N VAL A 109 3.31 -0.50 -7.82
CA VAL A 109 2.89 -1.57 -8.76
C VAL A 109 1.34 -1.64 -8.78
#